data_1MAA
#
_entry.id   1MAA
#
_cell.length_a   136.550
_cell.length_b   173.130
_cell.length_c   224.250
_cell.angle_alpha   90.00
_cell.angle_beta   90.00
_cell.angle_gamma   90.00
#
_symmetry.space_group_name_H-M   'P 21 21 21'
#
loop_
_entity.id
_entity.type
_entity.pdbx_description
1 polymer ACETYLCHOLINESTERASE
2 branched 2-acetamido-2-deoxy-beta-D-glucopyranose-(1-4)-[beta-L-fucopyranose-(1-6)]2-acetamido-2-deoxy-beta-D-glucopyranose
3 non-polymer 2-acetamido-2-deoxy-beta-D-glucopyranose
4 non-polymer 'DECAMETHONIUM ION'
5 non-polymer GLYCEROL
6 non-polymer 'PHOSPHATE ION'
7 water water
#
_entity_poly.entity_id   1
_entity_poly.type   'polypeptide(L)'
_entity_poly.pdbx_seq_one_letter_code
;EGREDPQLLVRVRGGQLRGIRLKAPGGPVSAFLGIPFAEPPVGSRRFMPPEPKRPWSGVLDATTFQNVCYQYVDTLYPGF
EGTEMWNPNRELSEDCLYLNVWTPYPRPASPTPVLIWIYGGGFYSGAASLDVYDGRFLAQVEGAVLVSMNYRVGTFGFLA
LPGSREAPGNVGLLDQRLALQWVQENIAAFGGDPMSVTLFGESAGAASVGMHILSLPSRSLFHRAVLQSGTPNGPWATVS
AGEARRRATLLARLVGCPPGGAGGNDTELIACLRTRPAQDLVDHEWHVLPQESIFRFSFVPVVDGDFLSDTPEALINTGD
FQDLQVLVGVVKDEGSYFLVYGVPGFSKDNESLISRAQFLAGVRIGVPQASDLAAEAVVLHYTDWLHPEDPTHLRDAMSA
VVGDHNVVCPVAQLAGRLAAQGARVYAYIFEHRASTLTWPLWMGVPHGYEIEFIFGLPLDPSLNYTTEERIFAQRLMKYW
TNFARTGDPNDPRDRKSPQWPPYTTAAQQYVSLNLKPLEVRRGLRAQTCAFWNRFLPKLLSATDTLD
;
_entity_poly.pdbx_strand_id   A,B,C,D
#
# COMPACT_ATOMS: atom_id res chain seq x y z
N GLU A 4 60.49 -24.87 28.73
CA GLU A 4 60.82 -23.43 28.51
C GLU A 4 60.27 -22.48 29.59
N ASP A 5 58.95 -22.27 29.64
CA ASP A 5 58.29 -21.40 30.62
C ASP A 5 56.85 -21.89 30.68
N PRO A 6 56.40 -22.42 31.84
CA PRO A 6 55.01 -22.92 31.96
C PRO A 6 53.96 -21.86 31.67
N GLN A 7 54.39 -20.59 31.69
CA GLN A 7 53.52 -19.45 31.44
C GLN A 7 53.16 -19.32 29.96
N LEU A 8 54.13 -19.61 29.09
CA LEU A 8 53.93 -19.53 27.64
C LEU A 8 53.69 -20.91 27.00
N LEU A 9 53.45 -21.93 27.82
CA LEU A 9 53.22 -23.28 27.30
C LEU A 9 51.88 -23.75 27.83
N VAL A 10 50.92 -24.01 26.95
CA VAL A 10 49.61 -24.43 27.42
C VAL A 10 49.00 -25.60 26.67
N ARG A 11 48.39 -26.52 27.41
CA ARG A 11 47.72 -27.66 26.80
C ARG A 11 46.28 -27.24 26.57
N VAL A 12 45.79 -27.57 25.39
CA VAL A 12 44.43 -27.27 24.99
C VAL A 12 43.75 -28.58 24.61
N ARG A 13 42.42 -28.60 24.61
CA ARG A 13 41.64 -29.79 24.28
C ARG A 13 42.10 -30.50 22.99
N GLY A 14 42.88 -29.78 22.17
CA GLY A 14 43.38 -30.33 20.93
C GLY A 14 44.90 -30.53 20.87
N GLY A 15 45.63 -29.93 21.80
CA GLY A 15 47.08 -30.07 21.80
C GLY A 15 47.81 -28.92 22.47
N GLN A 16 49.14 -28.95 22.37
CA GLN A 16 49.97 -27.93 23.00
C GLN A 16 50.14 -26.64 22.22
N LEU A 17 50.40 -25.56 22.97
CA LEU A 17 50.56 -24.24 22.39
C LEU A 17 51.73 -23.53 23.01
N ARG A 18 52.24 -22.55 22.29
CA ARG A 18 53.36 -21.75 22.74
C ARG A 18 53.06 -20.28 22.49
N GLY A 19 52.84 -19.54 23.57
CA GLY A 19 52.58 -18.12 23.43
C GLY A 19 53.86 -17.32 23.40
N ILE A 20 53.73 -15.99 23.36
CA ILE A 20 54.87 -15.10 23.37
C ILE A 20 54.61 -14.12 24.51
N ARG A 21 55.68 -13.52 25.03
CA ARG A 21 55.57 -12.59 26.14
C ARG A 21 55.69 -11.12 25.72
N LEU A 22 54.54 -10.46 25.65
CA LEU A 22 54.45 -9.06 25.26
C LEU A 22 54.66 -8.12 26.42
N LYS A 23 55.17 -6.92 26.11
CA LYS A 23 55.41 -5.94 27.14
C LYS A 23 54.56 -4.68 27.01
N ALA A 24 53.54 -4.62 27.86
CA ALA A 24 52.63 -3.49 27.94
C ALA A 24 53.28 -2.41 28.85
N PRO A 25 52.83 -1.14 28.75
CA PRO A 25 53.39 -0.07 29.59
C PRO A 25 53.49 -0.39 31.10
N GLY A 26 52.46 -1.01 31.64
CA GLY A 26 52.46 -1.37 33.06
C GLY A 26 52.98 -2.76 33.43
N GLY A 27 53.51 -3.50 32.45
CA GLY A 27 54.01 -4.83 32.75
C GLY A 27 53.93 -5.87 31.64
N PRO A 28 54.23 -7.13 31.97
CA PRO A 28 54.21 -8.25 31.05
C PRO A 28 52.82 -8.86 30.85
N VAL A 29 52.62 -9.42 29.65
CA VAL A 29 51.36 -10.07 29.26
C VAL A 29 51.67 -11.32 28.44
N SER A 30 50.91 -12.39 28.71
CA SER A 30 51.03 -13.65 27.97
C SER A 30 50.08 -13.53 26.77
N ALA A 31 50.55 -13.85 25.55
CA ALA A 31 49.71 -13.74 24.35
C ALA A 31 49.81 -14.99 23.51
N PHE A 32 48.64 -15.56 23.19
CA PHE A 32 48.55 -16.79 22.38
C PHE A 32 47.82 -16.58 21.05
N LEU A 33 48.55 -15.95 20.13
CA LEU A 33 48.09 -15.60 18.79
C LEU A 33 48.06 -16.68 17.69
N GLY A 34 46.94 -16.79 16.98
CA GLY A 34 46.85 -17.76 15.90
C GLY A 34 46.37 -19.15 16.27
N ILE A 35 45.56 -19.26 17.30
CA ILE A 35 45.06 -20.58 17.69
C ILE A 35 43.96 -21.13 16.75
N PRO A 36 44.29 -22.15 15.94
CA PRO A 36 43.25 -22.69 15.05
C PRO A 36 42.07 -23.21 15.82
N PHE A 37 40.91 -22.58 15.63
CA PHE A 37 39.73 -23.04 16.33
C PHE A 37 38.88 -23.92 15.45
N ALA A 38 39.20 -23.89 14.16
CA ALA A 38 38.50 -24.69 13.18
C ALA A 38 39.36 -25.10 12.01
N GLU A 39 38.90 -26.19 11.40
CA GLU A 39 39.53 -26.76 10.20
C GLU A 39 39.26 -25.77 9.08
N PRO A 40 40.36 -25.27 8.43
CA PRO A 40 40.35 -24.30 7.31
C PRO A 40 39.18 -24.66 6.37
N PRO A 41 38.24 -23.72 6.19
CA PRO A 41 37.03 -23.79 5.37
C PRO A 41 37.28 -23.59 3.86
N VAL A 42 38.43 -24.08 3.42
CA VAL A 42 38.84 -23.97 2.03
C VAL A 42 38.35 -25.14 1.19
N GLY A 43 38.52 -25.00 -0.12
CA GLY A 43 38.15 -26.06 -1.03
C GLY A 43 36.67 -26.30 -1.10
N SER A 44 36.26 -27.54 -0.83
CA SER A 44 34.86 -27.94 -0.87
C SER A 44 34.16 -27.60 0.44
N ARG A 45 34.94 -26.94 1.30
CA ARG A 45 34.52 -26.50 2.63
C ARG A 45 34.05 -25.04 2.60
N ARG A 46 34.25 -24.38 1.47
CA ARG A 46 33.86 -22.98 1.30
C ARG A 46 32.33 -22.88 1.29
N PHE A 47 31.80 -21.84 1.95
CA PHE A 47 30.35 -21.58 2.09
C PHE A 47 29.70 -22.56 3.07
N MET A 48 30.53 -23.38 3.69
CA MET A 48 30.08 -24.40 4.61
C MET A 48 30.26 -24.04 6.10
N PRO A 49 29.34 -24.56 6.96
CA PRO A 49 29.48 -24.26 8.40
C PRO A 49 30.87 -24.73 8.81
N PRO A 50 31.51 -24.03 9.77
CA PRO A 50 32.85 -24.46 10.18
C PRO A 50 32.90 -25.78 10.94
N GLU A 51 34.06 -26.42 10.90
CA GLU A 51 34.26 -27.66 11.63
C GLU A 51 35.37 -27.50 12.65
N PRO A 52 35.22 -28.19 13.79
CA PRO A 52 36.21 -28.10 14.87
C PRO A 52 37.58 -28.53 14.41
N LYS A 53 38.57 -27.69 14.67
CA LYS A 53 39.96 -27.98 14.33
C LYS A 53 40.32 -29.37 14.86
N ARG A 54 40.97 -30.20 14.04
CA ARG A 54 41.37 -31.55 14.49
C ARG A 54 42.59 -31.39 15.41
N PRO A 55 42.75 -32.29 16.41
CA PRO A 55 43.87 -32.23 17.37
C PRO A 55 45.24 -32.33 16.69
N TRP A 56 46.22 -31.60 17.22
CA TRP A 56 47.56 -31.64 16.63
C TRP A 56 48.65 -32.25 17.52
N SER A 57 49.67 -32.76 16.85
CA SER A 57 50.83 -33.36 17.49
C SER A 57 51.87 -32.25 17.75
N GLY A 58 52.64 -32.42 18.82
CA GLY A 58 53.68 -31.48 19.18
C GLY A 58 53.18 -30.15 19.72
N VAL A 59 54.10 -29.19 19.75
CA VAL A 59 53.80 -27.85 20.25
C VAL A 59 53.51 -26.88 19.12
N LEU A 60 52.24 -26.50 19.00
CA LEU A 60 51.80 -25.55 17.99
C LEU A 60 52.26 -24.13 18.32
N ASP A 61 53.00 -23.51 17.41
CA ASP A 61 53.45 -22.16 17.64
C ASP A 61 52.21 -21.27 17.65
N ALA A 62 52.21 -20.31 18.55
CA ALA A 62 51.09 -19.37 18.68
C ALA A 62 51.67 -18.03 19.08
N THR A 63 52.87 -17.73 18.59
CA THR A 63 53.57 -16.49 18.91
C THR A 63 53.29 -15.37 17.94
N THR A 64 52.42 -15.62 16.98
CA THR A 64 52.14 -14.60 16.00
C THR A 64 50.76 -14.63 15.37
N PHE A 65 50.37 -13.46 14.87
CA PHE A 65 49.08 -13.24 14.22
C PHE A 65 48.89 -13.99 12.90
N GLN A 66 47.74 -14.67 12.80
CA GLN A 66 47.40 -15.42 11.60
C GLN A 66 46.85 -14.56 10.44
N ASN A 67 46.46 -15.25 9.38
CA ASN A 67 45.92 -14.60 8.19
C ASN A 67 44.51 -14.06 8.33
N VAL A 68 44.33 -12.92 7.69
CA VAL A 68 43.07 -12.22 7.61
C VAL A 68 42.15 -12.98 6.62
N CYS A 69 40.87 -13.12 6.93
CA CYS A 69 39.96 -13.78 5.99
C CYS A 69 39.91 -13.05 4.65
N TYR A 70 39.49 -13.73 3.59
CA TYR A 70 39.46 -13.09 2.28
C TYR A 70 38.40 -11.99 2.25
N GLN A 71 38.84 -10.80 1.87
CA GLN A 71 37.97 -9.64 1.87
C GLN A 71 38.46 -8.48 0.97
N TYR A 72 37.53 -7.58 0.66
CA TYR A 72 37.83 -6.41 -0.14
C TYR A 72 38.84 -5.54 0.63
N VAL A 73 39.67 -4.81 -0.08
CA VAL A 73 40.64 -3.93 0.56
C VAL A 73 40.33 -2.52 0.10
N ASP A 74 40.30 -1.59 1.04
CA ASP A 74 39.97 -0.23 0.71
C ASP A 74 41.03 0.58 -0.01
N THR A 75 40.62 1.12 -1.15
CA THR A 75 41.49 1.90 -2.01
C THR A 75 41.03 3.33 -2.22
N LEU A 76 40.03 3.75 -1.45
CA LEU A 76 39.51 5.10 -1.57
C LEU A 76 40.61 6.13 -1.33
N TYR A 77 41.23 6.06 -0.16
CA TYR A 77 42.30 6.99 0.19
C TYR A 77 43.57 6.21 0.49
N PRO A 78 44.37 5.91 -0.55
CA PRO A 78 45.63 5.15 -0.45
C PRO A 78 46.67 5.86 0.43
N GLY A 79 47.16 5.14 1.45
CA GLY A 79 48.16 5.70 2.35
C GLY A 79 47.61 6.49 3.54
N PHE A 80 46.32 6.83 3.50
CA PHE A 80 45.65 7.59 4.57
C PHE A 80 45.37 6.72 5.78
N GLU A 81 45.94 7.10 6.92
CA GLU A 81 45.77 6.32 8.15
C GLU A 81 44.32 6.04 8.56
N GLY A 82 43.44 7.03 8.34
CA GLY A 82 42.04 6.90 8.69
C GLY A 82 41.32 5.72 8.06
N THR A 83 41.76 5.31 6.87
CA THR A 83 41.19 4.18 6.15
C THR A 83 42.08 2.93 6.27
N GLU A 84 43.40 3.15 6.12
CA GLU A 84 44.37 2.06 6.18
C GLU A 84 44.31 1.30 7.48
N MET A 85 44.13 2.04 8.57
CA MET A 85 44.07 1.44 9.89
C MET A 85 43.03 0.32 10.00
N TRP A 86 42.07 0.30 9.07
CA TRP A 86 40.98 -0.69 9.04
C TRP A 86 41.26 -1.86 8.12
N ASN A 87 42.21 -1.66 7.20
CA ASN A 87 42.64 -2.65 6.21
C ASN A 87 43.45 -3.79 6.79
N PRO A 88 43.49 -4.95 6.09
CA PRO A 88 44.24 -6.13 6.55
C PRO A 88 45.72 -5.81 6.80
N ASN A 89 46.27 -6.30 7.92
CA ASN A 89 47.70 -6.07 8.24
C ASN A 89 48.49 -7.39 8.17
N ARG A 90 47.81 -8.43 7.72
CA ARG A 90 48.36 -9.77 7.54
C ARG A 90 47.89 -10.23 6.16
N GLU A 91 48.47 -11.30 5.66
CA GLU A 91 48.06 -11.75 4.35
C GLU A 91 46.65 -12.30 4.31
N LEU A 92 46.02 -12.13 3.16
CA LEU A 92 44.66 -12.61 2.96
C LEU A 92 44.69 -14.12 2.74
N SER A 93 43.63 -14.80 3.11
CA SER A 93 43.54 -16.23 2.92
C SER A 93 42.19 -16.79 3.38
N GLU A 94 41.70 -17.83 2.72
CA GLU A 94 40.43 -18.43 3.13
C GLU A 94 40.69 -19.28 4.37
N ASP A 95 41.99 -19.50 4.64
CA ASP A 95 42.43 -20.23 5.83
C ASP A 95 42.81 -19.13 6.83
N CYS A 96 41.80 -18.70 7.58
CA CYS A 96 41.91 -17.60 8.53
C CYS A 96 41.19 -17.87 9.85
N LEU A 97 40.65 -19.08 10.03
CA LEU A 97 39.93 -19.41 11.28
C LEU A 97 40.83 -19.72 12.49
N TYR A 98 41.27 -18.63 13.10
CA TYR A 98 42.16 -18.61 14.27
C TYR A 98 41.61 -17.55 15.21
N LEU A 99 41.98 -17.65 16.48
CA LEU A 99 41.55 -16.68 17.48
C LEU A 99 42.77 -16.30 18.27
N ASN A 100 42.62 -15.27 19.08
CA ASN A 100 43.74 -14.82 19.89
C ASN A 100 43.34 -14.78 21.36
N VAL A 101 44.34 -14.84 22.23
CA VAL A 101 44.11 -14.78 23.67
C VAL A 101 45.22 -13.98 24.32
N TRP A 102 44.82 -13.07 25.20
CA TRP A 102 45.77 -12.29 25.95
C TRP A 102 45.41 -12.59 27.42
N THR A 103 46.44 -12.94 28.19
CA THR A 103 46.32 -13.25 29.61
C THR A 103 47.43 -12.44 30.26
N PRO A 104 47.22 -12.04 31.53
CA PRO A 104 48.26 -11.26 32.22
C PRO A 104 49.45 -12.15 32.63
N TYR A 105 50.67 -11.60 32.58
CA TYR A 105 51.82 -12.38 32.98
C TYR A 105 52.12 -11.99 34.41
N PRO A 106 52.04 -12.97 35.33
CA PRO A 106 51.70 -14.38 35.11
C PRO A 106 50.20 -14.67 35.15
N ARG A 107 49.83 -15.83 34.62
CA ARG A 107 48.43 -16.26 34.60
C ARG A 107 47.75 -15.93 35.92
N PRO A 108 46.51 -15.41 35.85
CA PRO A 108 45.74 -15.05 37.04
C PRO A 108 45.55 -16.21 38.01
N ALA A 109 45.55 -15.84 39.29
CA ALA A 109 45.40 -16.79 40.39
C ALA A 109 44.12 -17.62 40.26
N SER A 110 42.99 -16.95 40.08
CA SER A 110 41.69 -17.60 39.95
C SER A 110 40.91 -17.13 38.71
N PRO A 111 39.85 -17.90 38.34
CA PRO A 111 38.97 -17.66 37.18
C PRO A 111 38.59 -16.21 36.85
N THR A 112 39.44 -15.54 36.07
CA THR A 112 39.22 -14.15 35.66
C THR A 112 38.12 -14.09 34.59
N PRO A 113 37.31 -12.99 34.61
CA PRO A 113 36.24 -12.83 33.63
C PRO A 113 36.80 -12.65 32.21
N VAL A 114 36.14 -13.27 31.24
CA VAL A 114 36.58 -13.18 29.86
C VAL A 114 35.80 -12.23 28.97
N LEU A 115 36.58 -11.46 28.21
CA LEU A 115 36.09 -10.46 27.27
C LEU A 115 36.36 -10.88 25.81
N ILE A 116 35.36 -11.46 25.15
CA ILE A 116 35.48 -11.91 23.75
C ILE A 116 35.11 -10.79 22.77
N TRP A 117 36.10 -10.36 21.99
CA TRP A 117 35.88 -9.30 21.01
C TRP A 117 35.54 -9.77 19.59
N ILE A 118 34.48 -9.16 19.04
CA ILE A 118 34.03 -9.46 17.68
C ILE A 118 34.17 -8.21 16.83
N TYR A 119 35.15 -8.20 15.93
CA TYR A 119 35.38 -7.05 15.06
C TYR A 119 34.22 -6.69 14.12
N GLY A 120 34.20 -5.44 13.70
CA GLY A 120 33.16 -5.01 12.78
C GLY A 120 33.76 -4.56 11.46
N GLY A 121 32.95 -4.57 10.40
CA GLY A 121 33.43 -4.14 9.11
C GLY A 121 32.38 -4.43 8.06
N GLY A 122 31.15 -4.08 8.37
CA GLY A 122 30.06 -4.32 7.43
C GLY A 122 29.83 -5.76 7.03
N PHE A 123 30.36 -6.71 7.80
CA PHE A 123 30.21 -8.13 7.48
C PHE A 123 30.95 -8.47 6.19
N TYR A 124 31.73 -7.53 5.68
CA TYR A 124 32.45 -7.72 4.43
C TYR A 124 33.96 -7.52 4.60
N SER A 125 34.37 -7.03 5.76
CA SER A 125 35.79 -6.80 6.06
C SER A 125 36.07 -6.94 7.54
N GLY A 126 37.33 -6.73 7.94
CA GLY A 126 37.76 -6.82 9.34
C GLY A 126 38.70 -7.96 9.76
N ALA A 127 39.41 -7.75 10.86
CA ALA A 127 40.34 -8.74 11.38
C ALA A 127 40.82 -8.44 12.81
N ALA A 128 40.82 -9.48 13.65
CA ALA A 128 41.28 -9.40 15.04
C ALA A 128 42.75 -8.94 15.12
N SER A 129 43.45 -9.20 14.01
CA SER A 129 44.87 -8.88 13.80
C SER A 129 45.16 -7.37 13.91
N LEU A 130 44.10 -6.57 13.86
CA LEU A 130 44.24 -5.12 13.90
C LEU A 130 44.87 -4.50 15.12
N ASP A 131 45.52 -3.37 14.89
CA ASP A 131 46.19 -2.62 15.93
C ASP A 131 45.29 -2.09 17.04
N VAL A 132 44.15 -1.54 16.65
CA VAL A 132 43.19 -1.00 17.61
C VAL A 132 42.49 -2.10 18.41
N TYR A 133 42.64 -3.36 18.01
CA TYR A 133 42.00 -4.45 18.76
C TYR A 133 43.05 -5.22 19.57
N ASP A 134 44.09 -4.49 19.99
CA ASP A 134 45.18 -5.03 20.79
C ASP A 134 44.72 -5.16 22.24
N GLY A 135 44.29 -6.38 22.61
CA GLY A 135 43.80 -6.61 23.95
C GLY A 135 44.84 -6.78 25.05
N ARG A 136 46.05 -6.26 24.86
CA ARG A 136 47.11 -6.39 25.88
C ARG A 136 46.86 -5.49 27.10
N PHE A 137 46.39 -4.25 26.86
CA PHE A 137 46.12 -3.32 27.95
C PHE A 137 44.99 -3.82 28.86
N LEU A 138 43.87 -4.22 28.28
CA LEU A 138 42.75 -4.74 29.05
C LEU A 138 43.06 -6.03 29.83
N ALA A 139 44.25 -6.57 29.63
CA ALA A 139 44.66 -7.76 30.33
C ALA A 139 45.73 -7.34 31.34
N GLN A 140 46.71 -6.57 30.85
CA GLN A 140 47.80 -6.08 31.69
C GLN A 140 47.26 -5.20 32.82
N VAL A 141 46.52 -4.17 32.43
CA VAL A 141 45.92 -3.20 33.35
C VAL A 141 44.72 -3.70 34.15
N GLU A 142 43.64 -4.09 33.48
CA GLU A 142 42.48 -4.57 34.21
C GLU A 142 42.50 -6.05 34.55
N GLY A 143 43.60 -6.71 34.21
CA GLY A 143 43.76 -8.13 34.49
C GLY A 143 42.71 -9.07 33.96
N ALA A 144 42.17 -8.79 32.77
CA ALA A 144 41.15 -9.63 32.19
C ALA A 144 41.70 -10.51 31.08
N VAL A 145 41.08 -11.69 30.93
CA VAL A 145 41.45 -12.62 29.87
C VAL A 145 40.66 -12.19 28.63
N LEU A 146 41.37 -11.64 27.65
CA LEU A 146 40.77 -11.14 26.41
C LEU A 146 40.97 -12.04 25.17
N VAL A 147 39.87 -12.42 24.53
CA VAL A 147 39.89 -13.27 23.34
C VAL A 147 39.31 -12.57 22.11
N SER A 148 40.06 -12.54 21.01
CA SER A 148 39.57 -11.93 19.77
C SER A 148 39.78 -12.88 18.59
N MET A 149 38.67 -13.36 18.02
CA MET A 149 38.71 -14.28 16.89
C MET A 149 38.45 -13.64 15.52
N ASN A 150 38.79 -14.39 14.46
CA ASN A 150 38.57 -14.03 13.07
C ASN A 150 37.41 -14.90 12.59
N TYR A 151 36.47 -14.29 11.85
CA TYR A 151 35.32 -15.02 11.29
C TYR A 151 35.23 -14.65 9.81
N ARG A 152 34.66 -15.55 9.02
CA ARG A 152 34.49 -15.34 7.59
C ARG A 152 33.53 -14.21 7.19
N VAL A 153 34.08 -13.23 6.48
CA VAL A 153 33.34 -12.08 5.97
C VAL A 153 33.00 -12.29 4.48
N GLY A 154 32.38 -11.27 3.89
CA GLY A 154 31.98 -11.31 2.48
C GLY A 154 31.15 -12.51 2.08
N THR A 155 31.35 -12.90 0.83
CA THR A 155 30.67 -14.04 0.19
C THR A 155 30.98 -15.33 0.93
N PHE A 156 32.23 -15.44 1.35
CA PHE A 156 32.76 -16.60 2.06
C PHE A 156 31.99 -16.85 3.34
N GLY A 157 31.73 -15.76 4.08
CA GLY A 157 31.01 -15.87 5.33
C GLY A 157 29.49 -15.83 5.21
N PHE A 158 28.99 -15.05 4.25
CA PHE A 158 27.55 -14.90 4.13
C PHE A 158 26.83 -15.17 2.84
N LEU A 159 27.53 -15.50 1.76
CA LEU A 159 26.82 -15.82 0.52
C LEU A 159 25.88 -16.97 0.85
N ALA A 160 24.62 -16.85 0.46
CA ALA A 160 23.71 -17.93 0.80
C ALA A 160 22.63 -18.19 -0.23
N LEU A 161 22.29 -19.46 -0.35
CA LEU A 161 21.20 -19.91 -1.20
C LEU A 161 20.38 -20.59 -0.15
N PRO A 162 19.52 -19.83 0.55
CA PRO A 162 18.68 -20.39 1.60
C PRO A 162 18.01 -21.71 1.25
N GLY A 163 18.11 -22.66 2.19
CA GLY A 163 17.54 -23.99 2.04
C GLY A 163 18.53 -25.02 1.52
N SER A 164 19.62 -24.52 0.93
CA SER A 164 20.66 -25.37 0.37
C SER A 164 21.50 -25.97 1.46
N ARG A 165 22.07 -27.13 1.14
CA ARG A 165 22.90 -27.87 2.05
C ARG A 165 24.36 -27.36 2.07
N GLU A 166 24.83 -26.84 0.93
CA GLU A 166 26.23 -26.39 0.80
C GLU A 166 26.60 -24.91 0.83
N ALA A 167 25.61 -24.07 1.11
CA ALA A 167 25.76 -22.60 1.24
C ALA A 167 24.45 -22.16 1.88
N PRO A 168 24.23 -22.54 3.16
CA PRO A 168 23.00 -22.18 3.85
C PRO A 168 23.02 -20.82 4.54
N GLY A 169 24.19 -20.19 4.52
CA GLY A 169 24.36 -18.86 5.09
C GLY A 169 24.67 -18.73 6.56
N ASN A 170 25.09 -17.52 6.92
CA ASN A 170 25.39 -17.18 8.30
C ASN A 170 26.58 -17.92 8.86
N VAL A 171 27.32 -18.61 7.99
CA VAL A 171 28.49 -19.36 8.45
C VAL A 171 29.58 -18.49 9.10
N GLY A 172 29.59 -17.19 8.77
CA GLY A 172 30.57 -16.30 9.38
C GLY A 172 30.21 -16.12 10.87
N LEU A 173 28.94 -16.38 11.19
CA LEU A 173 28.41 -16.28 12.56
C LEU A 173 28.70 -17.59 13.29
N LEU A 174 28.45 -18.70 12.60
CA LEU A 174 28.71 -20.02 13.16
C LEU A 174 30.20 -20.09 13.46
N ASP A 175 30.99 -19.29 12.73
CA ASP A 175 32.42 -19.23 12.94
C ASP A 175 32.61 -18.66 14.33
N GLN A 176 32.00 -17.49 14.56
CA GLN A 176 32.09 -16.83 15.85
C GLN A 176 31.56 -17.77 16.94
N ARG A 177 30.41 -18.39 16.67
CA ARG A 177 29.82 -19.32 17.64
C ARG A 177 30.81 -20.45 17.97
N LEU A 178 31.48 -20.95 16.95
CA LEU A 178 32.45 -22.04 17.14
C LEU A 178 33.61 -21.55 18.03
N ALA A 179 34.04 -20.31 17.83
CA ALA A 179 35.12 -19.72 18.63
C ALA A 179 34.64 -19.60 20.07
N LEU A 180 33.33 -19.37 20.20
CA LEU A 180 32.72 -19.25 21.50
C LEU A 180 32.75 -20.61 22.21
N GLN A 181 32.27 -21.67 21.53
CA GLN A 181 32.27 -23.02 22.10
C GLN A 181 33.67 -23.44 22.51
N TRP A 182 34.66 -22.85 21.84
CA TRP A 182 36.05 -23.16 22.12
C TRP A 182 36.44 -22.50 23.41
N VAL A 183 36.25 -21.18 23.48
CA VAL A 183 36.58 -20.40 24.68
C VAL A 183 35.96 -21.10 25.91
N GLN A 184 34.77 -21.67 25.71
CA GLN A 184 34.08 -22.40 26.76
C GLN A 184 35.01 -23.50 27.29
N GLU A 185 35.04 -24.59 26.55
CA GLU A 185 35.83 -25.76 26.88
C GLU A 185 37.35 -25.61 26.82
N ASN A 186 37.89 -24.39 26.85
CA ASN A 186 39.35 -24.23 26.72
C ASN A 186 39.94 -22.98 27.33
N ILE A 187 39.10 -22.01 27.68
CA ILE A 187 39.65 -20.77 28.22
C ILE A 187 40.14 -21.00 29.62
N ALA A 188 39.55 -22.01 30.26
CA ALA A 188 39.87 -22.43 31.61
C ALA A 188 41.41 -22.45 31.78
N ALA A 189 42.09 -23.12 30.86
CA ALA A 189 43.55 -23.26 30.86
C ALA A 189 44.37 -21.95 30.75
N PHE A 190 43.70 -20.82 30.54
CA PHE A 190 44.42 -19.55 30.44
C PHE A 190 44.13 -18.73 31.66
N GLY A 191 43.41 -19.33 32.59
CA GLY A 191 43.05 -18.65 33.82
C GLY A 191 41.77 -17.87 33.59
N GLY A 192 41.02 -18.25 32.57
CA GLY A 192 39.78 -17.57 32.26
C GLY A 192 38.59 -18.28 32.85
N ASP A 193 37.56 -17.51 33.17
CA ASP A 193 36.35 -18.06 33.73
C ASP A 193 35.33 -18.33 32.64
N PRO A 194 35.09 -19.62 32.34
CA PRO A 194 34.11 -20.02 31.31
C PRO A 194 32.68 -19.70 31.78
N MET A 195 32.58 -19.12 32.97
CA MET A 195 31.30 -18.76 33.56
C MET A 195 31.00 -17.25 33.49
N SER A 196 31.97 -16.43 33.11
CA SER A 196 31.73 -14.99 32.96
C SER A 196 32.24 -14.52 31.59
N VAL A 197 31.53 -14.97 30.56
CA VAL A 197 31.83 -14.64 29.17
C VAL A 197 31.04 -13.40 28.78
N THR A 198 31.76 -12.32 28.54
CA THR A 198 31.15 -11.06 28.15
C THR A 198 31.56 -10.74 26.71
N LEU A 199 30.61 -10.87 25.79
CA LEU A 199 30.87 -10.58 24.37
C LEU A 199 30.89 -9.07 24.14
N PHE A 200 31.77 -8.61 23.27
CA PHE A 200 31.78 -7.19 22.97
C PHE A 200 32.33 -6.85 21.58
N GLY A 201 31.49 -6.20 20.77
CA GLY A 201 31.91 -5.84 19.43
C GLY A 201 31.33 -4.52 18.95
N GLU A 202 31.94 -3.97 17.91
CA GLU A 202 31.50 -2.72 17.32
C GLU A 202 30.90 -2.98 15.93
N SER A 203 30.34 -1.95 15.29
CA SER A 203 29.71 -2.07 13.97
C SER A 203 29.02 -3.44 13.77
N ALA A 204 29.46 -4.18 12.75
CA ALA A 204 28.86 -5.49 12.48
C ALA A 204 29.17 -6.50 13.58
N GLY A 205 30.23 -6.25 14.35
CA GLY A 205 30.55 -7.15 15.45
C GLY A 205 29.45 -7.00 16.49
N ALA A 206 29.07 -5.75 16.76
CA ALA A 206 27.99 -5.45 17.69
C ALA A 206 26.74 -6.17 17.19
N ALA A 207 26.44 -5.95 15.91
CA ALA A 207 25.29 -6.57 15.27
C ALA A 207 25.34 -8.07 15.49
N SER A 208 26.57 -8.60 15.47
CA SER A 208 26.80 -10.03 15.66
C SER A 208 26.40 -10.43 17.07
N VAL A 209 27.00 -9.72 18.03
CA VAL A 209 26.73 -9.94 19.44
C VAL A 209 25.22 -10.06 19.59
N GLY A 210 24.51 -9.12 18.97
CA GLY A 210 23.07 -9.12 19.04
C GLY A 210 22.49 -10.44 18.52
N MET A 211 23.08 -10.92 17.43
CA MET A 211 22.64 -12.16 16.78
C MET A 211 22.77 -13.32 17.75
N HIS A 212 23.85 -13.31 18.50
CA HIS A 212 24.07 -14.37 19.46
C HIS A 212 23.00 -14.35 20.54
N ILE A 213 22.63 -13.15 20.97
CA ILE A 213 21.56 -12.97 21.96
C ILE A 213 20.23 -13.48 21.37
N LEU A 214 19.99 -13.19 20.10
CA LEU A 214 18.76 -13.62 19.46
C LEU A 214 18.76 -15.11 19.04
N SER A 215 19.93 -15.74 19.03
CA SER A 215 20.02 -17.14 18.63
C SER A 215 20.19 -18.03 19.87
N LEU A 216 19.25 -18.95 20.08
CA LEU A 216 19.31 -19.81 21.26
C LEU A 216 20.62 -20.54 21.50
N PRO A 217 21.06 -21.36 20.53
CA PRO A 217 22.32 -22.08 20.72
C PRO A 217 23.48 -21.19 21.18
N SER A 218 23.50 -19.93 20.75
CA SER A 218 24.59 -19.06 21.17
C SER A 218 24.48 -18.60 22.63
N ARG A 219 23.26 -18.67 23.17
CA ARG A 219 22.98 -18.22 24.54
C ARG A 219 23.88 -18.81 25.63
N SER A 220 23.92 -20.15 25.66
CA SER A 220 24.73 -20.87 26.64
C SER A 220 26.24 -20.61 26.58
N LEU A 221 26.69 -19.73 25.69
CA LEU A 221 28.12 -19.53 25.55
C LEU A 221 28.62 -18.20 26.05
N PHE A 222 27.70 -17.38 26.53
CA PHE A 222 28.07 -16.08 27.06
C PHE A 222 27.04 -15.67 28.11
N HIS A 223 27.39 -14.67 28.91
CA HIS A 223 26.53 -14.23 29.99
C HIS A 223 26.21 -12.73 29.90
N ARG A 224 27.21 -11.94 29.51
CA ARG A 224 27.03 -10.50 29.35
C ARG A 224 27.34 -10.06 27.89
N ALA A 225 26.82 -8.90 27.49
CA ALA A 225 27.02 -8.38 26.12
C ALA A 225 27.13 -6.86 26.02
N VAL A 226 28.02 -6.41 25.15
CA VAL A 226 28.23 -4.99 24.88
C VAL A 226 28.02 -4.82 23.38
N LEU A 227 27.26 -3.81 22.97
CA LEU A 227 27.01 -3.55 21.54
C LEU A 227 27.35 -2.12 21.23
N GLN A 228 28.53 -1.91 20.65
CA GLN A 228 29.00 -0.57 20.30
C GLN A 228 28.69 -0.18 18.85
N SER A 229 28.11 1.02 18.70
CA SER A 229 27.74 1.57 17.40
C SER A 229 27.15 0.56 16.40
N GLY A 230 26.31 -0.38 16.87
CA GLY A 230 25.72 -1.36 15.95
C GLY A 230 24.68 -2.27 16.56
N THR A 231 23.68 -2.70 15.79
CA THR A 231 22.61 -3.61 16.29
C THR A 231 22.17 -4.68 15.28
N PRO A 232 21.52 -5.74 15.76
CA PRO A 232 21.07 -6.80 14.86
C PRO A 232 19.77 -6.46 14.14
N ASN A 233 19.11 -5.41 14.62
CA ASN A 233 17.83 -5.06 14.08
C ASN A 233 17.77 -3.96 13.02
N GLY A 234 18.90 -3.30 12.74
CA GLY A 234 18.87 -2.21 11.75
C GLY A 234 18.34 -2.44 10.33
N PRO A 235 18.66 -1.50 9.42
CA PRO A 235 18.18 -1.71 8.06
C PRO A 235 19.26 -2.40 7.19
N TRP A 236 20.47 -2.51 7.74
CA TRP A 236 21.61 -3.08 7.03
C TRP A 236 22.19 -4.40 7.51
N ALA A 237 21.91 -4.78 8.76
CA ALA A 237 22.46 -6.00 9.32
C ALA A 237 21.92 -7.35 8.86
N THR A 238 20.77 -7.38 8.20
CA THR A 238 20.22 -8.65 7.71
C THR A 238 19.50 -8.47 6.39
N VAL A 239 19.30 -9.58 5.68
CA VAL A 239 18.58 -9.58 4.40
C VAL A 239 17.62 -10.74 4.45
N SER A 240 16.58 -10.71 3.63
CA SER A 240 15.63 -11.82 3.63
C SER A 240 16.21 -12.99 2.86
N ALA A 241 15.48 -14.09 2.83
CA ALA A 241 15.90 -15.27 2.09
C ALA A 241 15.97 -14.91 0.62
N GLY A 242 14.85 -14.42 0.10
CA GLY A 242 14.74 -14.02 -1.30
C GLY A 242 15.87 -13.13 -1.79
N GLU A 243 16.20 -12.09 -1.03
CA GLU A 243 17.27 -11.18 -1.39
C GLU A 243 18.63 -11.85 -1.39
N ALA A 244 18.86 -12.68 -0.38
CA ALA A 244 20.12 -13.38 -0.24
C ALA A 244 20.38 -14.21 -1.48
N ARG A 245 19.33 -14.93 -1.89
CA ARG A 245 19.37 -15.78 -3.07
C ARG A 245 19.62 -14.93 -4.32
N ARG A 246 18.77 -13.94 -4.54
CA ARG A 246 18.88 -13.04 -5.66
C ARG A 246 20.31 -12.46 -5.78
N ARG A 247 21.01 -12.29 -4.66
CA ARG A 247 22.36 -11.74 -4.72
C ARG A 247 23.42 -12.80 -4.91
N ALA A 248 23.12 -14.02 -4.46
CA ALA A 248 24.06 -15.13 -4.59
C ALA A 248 24.08 -15.48 -6.08
N THR A 249 22.92 -15.91 -6.58
CA THR A 249 22.76 -16.24 -7.98
C THR A 249 23.33 -15.14 -8.88
N LEU A 250 22.97 -13.89 -8.65
CA LEU A 250 23.52 -12.82 -9.47
C LEU A 250 25.07 -12.79 -9.38
N LEU A 251 25.60 -12.81 -8.17
CA LEU A 251 27.06 -12.79 -8.07
C LEU A 251 27.62 -13.99 -8.80
N ALA A 252 27.04 -15.15 -8.52
CA ALA A 252 27.48 -16.37 -9.17
C ALA A 252 27.49 -16.14 -10.68
N ARG A 253 26.34 -15.76 -11.22
CA ARG A 253 26.14 -15.50 -12.65
C ARG A 253 27.25 -14.62 -13.24
N LEU A 254 27.59 -13.54 -12.55
CA LEU A 254 28.65 -12.62 -13.00
C LEU A 254 30.03 -13.26 -13.08
N VAL A 255 30.23 -14.25 -12.23
CA VAL A 255 31.49 -14.94 -12.12
C VAL A 255 31.51 -16.17 -13.02
N GLY A 256 30.46 -16.30 -13.82
CA GLY A 256 30.37 -17.40 -14.76
C GLY A 256 29.81 -18.64 -14.19
N CYS A 257 29.07 -18.51 -13.09
CA CYS A 257 28.46 -19.67 -12.43
C CYS A 257 26.93 -19.64 -12.35
N PRO A 258 26.26 -20.59 -13.04
CA PRO A 258 26.93 -21.61 -13.86
C PRO A 258 27.19 -21.01 -15.25
N PRO A 259 28.06 -21.65 -16.05
CA PRO A 259 28.35 -21.13 -17.40
C PRO A 259 27.24 -21.49 -18.38
N GLY A 260 26.98 -20.59 -19.33
CA GLY A 260 25.93 -20.87 -20.29
C GLY A 260 24.53 -20.73 -19.72
N GLY A 261 23.56 -21.27 -20.45
CA GLY A 261 22.18 -21.19 -20.02
C GLY A 261 21.70 -22.38 -19.22
N ALA A 262 22.67 -22.98 -18.52
CA ALA A 262 22.41 -24.12 -17.67
C ALA A 262 22.01 -23.53 -16.32
N GLY A 263 21.30 -24.32 -15.53
CA GLY A 263 20.90 -23.84 -14.23
C GLY A 263 19.80 -24.71 -13.66
N GLY A 264 19.36 -24.38 -12.46
CA GLY A 264 18.30 -25.13 -11.83
C GLY A 264 18.80 -26.02 -10.71
N ASN A 265 20.11 -26.18 -10.59
CA ASN A 265 20.68 -27.02 -9.54
C ASN A 265 21.60 -26.13 -8.72
N ASP A 266 21.20 -25.93 -7.48
CA ASP A 266 21.95 -25.07 -6.58
C ASP A 266 23.29 -25.69 -6.23
N THR A 267 23.28 -27.01 -6.09
CA THR A 267 24.51 -27.73 -5.77
C THR A 267 25.63 -27.47 -6.79
N GLU A 268 25.27 -27.61 -8.07
CA GLU A 268 26.19 -27.39 -9.17
C GLU A 268 26.62 -25.93 -9.19
N LEU A 269 25.66 -25.06 -8.85
CA LEU A 269 25.87 -23.63 -8.82
C LEU A 269 26.92 -23.29 -7.77
N ILE A 270 26.82 -23.95 -6.62
CA ILE A 270 27.81 -23.70 -5.56
C ILE A 270 29.11 -24.41 -5.95
N ALA A 271 28.99 -25.62 -6.47
CA ALA A 271 30.14 -26.42 -6.88
C ALA A 271 30.98 -25.55 -7.80
N CYS A 272 30.27 -24.91 -8.74
CA CYS A 272 30.85 -24.03 -9.73
C CYS A 272 31.55 -22.86 -9.05
N LEU A 273 30.88 -22.28 -8.05
CA LEU A 273 31.39 -21.14 -7.30
C LEU A 273 32.62 -21.49 -6.49
N ARG A 274 32.62 -22.72 -5.98
CA ARG A 274 33.69 -23.21 -5.16
C ARG A 274 35.02 -23.34 -5.89
N THR A 275 34.99 -23.25 -7.22
CA THR A 275 36.18 -23.37 -8.06
C THR A 275 36.76 -22.02 -8.45
N ARG A 276 35.99 -20.98 -8.21
CA ARG A 276 36.43 -19.65 -8.56
C ARG A 276 37.47 -19.11 -7.59
N PRO A 277 38.56 -18.51 -8.11
CA PRO A 277 39.62 -17.94 -7.26
C PRO A 277 38.93 -17.03 -6.27
N ALA A 278 39.47 -16.90 -5.07
CA ALA A 278 38.84 -16.04 -4.08
C ALA A 278 38.62 -14.61 -4.59
N GLN A 279 39.66 -14.01 -5.16
CA GLN A 279 39.55 -12.63 -5.64
C GLN A 279 38.48 -12.40 -6.71
N ASP A 280 38.05 -13.49 -7.35
CA ASP A 280 37.02 -13.40 -8.37
C ASP A 280 35.72 -12.94 -7.72
N LEU A 281 35.37 -13.57 -6.60
CA LEU A 281 34.16 -13.23 -5.87
C LEU A 281 34.22 -11.82 -5.35
N VAL A 282 35.32 -11.50 -4.69
CA VAL A 282 35.49 -10.16 -4.14
C VAL A 282 35.35 -9.08 -5.21
N ASP A 283 35.67 -9.45 -6.45
CA ASP A 283 35.59 -8.51 -7.57
C ASP A 283 34.15 -8.10 -7.87
N HIS A 284 33.20 -9.02 -7.65
CA HIS A 284 31.80 -8.70 -7.94
C HIS A 284 30.93 -8.55 -6.73
N GLU A 285 31.57 -8.45 -5.56
CA GLU A 285 30.87 -8.33 -4.28
C GLU A 285 29.89 -7.16 -4.30
N TRP A 286 30.35 -6.02 -4.79
CA TRP A 286 29.54 -4.80 -4.82
C TRP A 286 28.55 -4.58 -5.96
N HIS A 287 28.55 -5.49 -6.92
CA HIS A 287 27.65 -5.35 -8.05
C HIS A 287 26.29 -5.99 -7.82
N VAL A 288 26.10 -6.62 -6.67
CA VAL A 288 24.82 -7.27 -6.40
C VAL A 288 23.83 -6.43 -5.59
N LEU A 289 24.23 -5.22 -5.21
CA LEU A 289 23.32 -4.34 -4.45
C LEU A 289 22.22 -3.87 -5.39
N PRO A 290 20.96 -3.85 -4.91
CA PRO A 290 19.80 -3.43 -5.71
C PRO A 290 19.63 -1.93 -6.01
N GLN A 291 20.31 -1.06 -5.27
CA GLN A 291 20.24 0.38 -5.52
C GLN A 291 21.55 1.00 -5.12
N GLU A 292 21.80 2.21 -5.62
CA GLU A 292 23.01 2.92 -5.25
C GLU A 292 22.78 3.30 -3.79
N SER A 293 23.79 3.10 -2.94
CA SER A 293 23.63 3.39 -1.54
C SER A 293 24.93 3.47 -0.76
N ILE A 294 24.75 3.72 0.53
CA ILE A 294 25.81 3.77 1.54
C ILE A 294 25.24 3.10 2.79
N PHE A 295 26.12 2.52 3.58
CA PHE A 295 25.70 1.82 4.79
C PHE A 295 24.72 0.68 4.46
N ARG A 296 25.06 -0.03 3.39
CA ARG A 296 24.29 -1.18 2.95
C ARG A 296 25.38 -2.13 2.44
N PHE A 297 25.31 -3.40 2.84
CA PHE A 297 26.33 -4.38 2.45
C PHE A 297 25.74 -5.57 1.75
N SER A 298 26.48 -6.11 0.77
CA SER A 298 26.03 -7.23 -0.08
C SER A 298 25.82 -8.58 0.58
N PHE A 299 26.85 -9.03 1.29
CA PHE A 299 26.77 -10.30 1.97
C PHE A 299 26.89 -10.10 3.48
N VAL A 300 25.74 -10.39 4.11
CA VAL A 300 25.48 -10.25 5.55
C VAL A 300 24.52 -11.35 6.02
N PRO A 301 24.31 -11.46 7.35
CA PRO A 301 23.42 -12.48 7.90
C PRO A 301 22.08 -12.47 7.24
N VAL A 302 21.54 -13.67 7.09
CA VAL A 302 20.26 -13.86 6.46
C VAL A 302 19.26 -14.46 7.43
N VAL A 303 18.00 -14.03 7.30
CA VAL A 303 16.92 -14.54 8.14
C VAL A 303 16.50 -15.85 7.49
N ASP A 304 17.18 -16.90 7.91
CA ASP A 304 16.97 -18.26 7.41
C ASP A 304 15.87 -19.04 8.09
N GLY A 305 15.62 -18.74 9.36
CA GLY A 305 14.62 -19.47 10.11
C GLY A 305 15.35 -20.61 10.82
N ASP A 306 16.65 -20.40 11.01
CA ASP A 306 17.50 -21.36 11.68
C ASP A 306 18.31 -20.58 12.69
N PHE A 307 19.44 -20.03 12.26
CA PHE A 307 20.26 -19.27 13.19
C PHE A 307 19.42 -18.14 13.77
N LEU A 308 18.58 -17.54 12.93
CA LEU A 308 17.64 -16.49 13.35
C LEU A 308 16.27 -17.08 12.99
N SER A 309 15.45 -17.39 14.01
CA SER A 309 14.12 -18.01 13.83
C SER A 309 13.09 -17.11 13.14
N ASP A 310 13.37 -15.82 13.16
CA ASP A 310 12.49 -14.79 12.59
C ASP A 310 13.37 -13.53 12.53
N THR A 311 12.81 -12.44 12.02
CA THR A 311 13.51 -11.17 11.90
C THR A 311 14.01 -10.72 13.25
N PRO A 312 15.21 -10.16 13.30
CA PRO A 312 15.70 -9.69 14.59
C PRO A 312 14.70 -8.66 15.14
N GLU A 313 13.95 -8.01 14.26
CA GLU A 313 12.93 -7.04 14.68
C GLU A 313 11.91 -7.80 15.52
N ALA A 314 11.31 -8.81 14.91
CA ALA A 314 10.32 -9.65 15.59
C ALA A 314 10.90 -10.33 16.82
N LEU A 315 12.20 -10.56 16.85
CA LEU A 315 12.82 -11.24 17.98
C LEU A 315 13.01 -10.35 19.20
N ILE A 316 13.56 -9.15 19.01
CA ILE A 316 13.77 -8.24 20.14
C ILE A 316 12.40 -7.76 20.63
N ASN A 317 11.43 -7.84 19.73
CA ASN A 317 10.09 -7.43 20.05
C ASN A 317 9.41 -8.42 20.99
N THR A 318 9.60 -9.72 20.77
CA THR A 318 8.96 -10.74 21.62
C THR A 318 9.86 -11.70 22.41
N GLY A 319 11.17 -11.46 22.42
CA GLY A 319 12.06 -12.34 23.15
C GLY A 319 11.96 -12.13 24.64
N ASP A 320 12.61 -13.00 25.42
CA ASP A 320 12.62 -12.87 26.88
C ASP A 320 14.06 -12.58 27.26
N PHE A 321 14.31 -11.35 27.71
CA PHE A 321 15.66 -10.94 28.08
C PHE A 321 15.79 -10.59 29.55
N GLN A 322 15.00 -11.28 30.37
CA GLN A 322 14.95 -11.08 31.82
C GLN A 322 16.29 -11.12 32.55
N ASP A 323 17.04 -12.15 32.25
CA ASP A 323 18.33 -12.39 32.86
C ASP A 323 19.46 -11.54 32.26
N LEU A 324 19.26 -11.10 31.03
CA LEU A 324 20.26 -10.34 30.30
C LEU A 324 20.76 -8.99 30.85
N GLN A 325 22.07 -8.78 30.73
CA GLN A 325 22.69 -7.55 31.16
C GLN A 325 23.45 -7.02 29.96
N VAL A 326 22.97 -5.93 29.39
CA VAL A 326 23.59 -5.35 28.20
C VAL A 326 24.10 -3.93 28.36
N LEU A 327 25.20 -3.66 27.69
CA LEU A 327 25.77 -2.32 27.67
C LEU A 327 25.63 -1.96 26.19
N VAL A 328 25.12 -0.77 25.91
CA VAL A 328 24.90 -0.32 24.54
C VAL A 328 25.37 1.11 24.43
N GLY A 329 25.61 1.56 23.21
CA GLY A 329 26.05 2.93 23.02
C GLY A 329 26.10 3.38 21.58
N VAL A 330 26.73 4.54 21.38
CA VAL A 330 26.81 5.19 20.08
C VAL A 330 27.87 6.29 20.15
N VAL A 331 28.35 6.77 19.00
CA VAL A 331 29.33 7.87 18.98
C VAL A 331 28.63 9.12 18.48
N LYS A 332 29.27 10.27 18.63
CA LYS A 332 28.65 11.53 18.22
C LYS A 332 28.14 11.58 16.79
N ASP A 333 29.00 11.30 15.81
CA ASP A 333 28.57 11.35 14.41
C ASP A 333 28.75 10.03 13.66
N GLU A 334 27.90 9.05 13.93
CA GLU A 334 27.99 7.75 13.26
C GLU A 334 28.14 7.88 11.74
N GLY A 335 27.11 8.50 11.14
CA GLY A 335 27.06 8.66 9.69
C GLY A 335 28.12 9.44 8.93
N SER A 336 29.00 10.18 9.59
CA SER A 336 30.04 10.98 8.90
C SER A 336 30.96 10.19 7.95
N TYR A 337 31.65 9.18 8.51
CA TYR A 337 32.57 8.31 7.79
C TYR A 337 32.00 7.85 6.42
N PHE A 338 30.78 7.30 6.43
CA PHE A 338 30.08 6.80 5.24
C PHE A 338 29.75 7.78 4.14
N LEU A 339 29.86 9.07 4.42
CA LEU A 339 29.49 10.03 3.40
C LEU A 339 30.45 10.17 2.24
N VAL A 340 31.75 10.12 2.53
CA VAL A 340 32.76 10.23 1.51
C VAL A 340 32.74 9.03 0.57
N TYR A 341 32.13 7.94 1.03
CA TYR A 341 32.03 6.70 0.26
C TYR A 341 30.86 6.62 -0.72
N GLY A 342 30.53 7.72 -1.37
CA GLY A 342 29.43 7.64 -2.31
C GLY A 342 28.39 8.73 -2.34
N VAL A 343 28.52 9.76 -1.51
CA VAL A 343 27.54 10.84 -1.55
C VAL A 343 28.23 12.06 -2.17
N PRO A 344 27.73 12.51 -3.33
CA PRO A 344 28.28 13.66 -4.05
C PRO A 344 28.37 14.91 -3.17
N GLY A 345 29.53 15.56 -3.22
CA GLY A 345 29.76 16.76 -2.44
C GLY A 345 30.62 16.50 -1.21
N PHE A 346 30.77 15.23 -0.87
CA PHE A 346 31.57 14.86 0.31
C PHE A 346 32.95 14.28 0.03
N SER A 347 33.93 14.87 0.70
CA SER A 347 35.34 14.49 0.62
C SER A 347 35.98 14.80 1.97
N LYS A 348 36.97 14.02 2.36
CA LYS A 348 37.66 14.27 3.62
C LYS A 348 38.62 15.45 3.43
N ASP A 349 38.82 15.84 2.17
CA ASP A 349 39.76 16.90 1.84
C ASP A 349 39.25 18.33 1.94
N ASN A 350 37.99 18.57 1.58
CA ASN A 350 37.39 19.91 1.72
C ASN A 350 36.40 19.85 2.91
N GLU A 351 35.73 20.95 3.20
CA GLU A 351 34.78 20.95 4.30
C GLU A 351 33.42 20.37 3.93
N SER A 352 33.30 19.87 2.70
CA SER A 352 32.07 19.27 2.23
C SER A 352 30.83 20.12 2.47
N LEU A 353 30.95 21.42 2.24
CA LEU A 353 29.81 22.31 2.42
C LEU A 353 28.93 22.13 1.17
N ILE A 354 27.99 21.22 1.28
CA ILE A 354 27.11 20.88 0.17
C ILE A 354 25.91 21.80 -0.17
N SER A 355 25.43 21.65 -1.40
CA SER A 355 24.28 22.41 -1.91
C SER A 355 23.02 21.72 -1.41
N ARG A 356 21.86 22.33 -1.64
CA ARG A 356 20.66 21.68 -1.20
C ARG A 356 20.32 20.49 -2.09
N ALA A 357 20.43 20.64 -3.40
CA ALA A 357 20.16 19.55 -4.33
C ALA A 357 21.03 18.34 -4.01
N GLN A 358 22.27 18.61 -3.59
CA GLN A 358 23.20 17.55 -3.23
C GLN A 358 22.60 16.80 -2.07
N PHE A 359 22.13 17.56 -1.09
CA PHE A 359 21.49 17.01 0.11
C PHE A 359 20.26 16.16 -0.25
N LEU A 360 19.39 16.67 -1.11
CA LEU A 360 18.19 15.94 -1.52
C LEU A 360 18.54 14.59 -2.11
N ALA A 361 19.59 14.57 -2.95
CA ALA A 361 20.07 13.35 -3.61
C ALA A 361 20.64 12.41 -2.57
N GLY A 362 21.48 12.99 -1.71
CA GLY A 362 22.11 12.24 -0.63
C GLY A 362 21.09 11.46 0.18
N VAL A 363 19.96 12.08 0.43
CA VAL A 363 18.91 11.42 1.17
C VAL A 363 18.45 10.13 0.49
N ARG A 364 18.41 10.13 -0.84
CA ARG A 364 17.95 8.95 -1.57
C ARG A 364 18.97 7.82 -1.50
N ILE A 365 20.24 8.20 -1.44
CA ILE A 365 21.34 7.24 -1.35
C ILE A 365 21.38 6.63 0.05
N GLY A 366 21.44 7.51 1.06
CA GLY A 366 21.46 7.10 2.47
C GLY A 366 20.23 6.33 2.94
N VAL A 367 19.13 6.49 2.21
CA VAL A 367 17.85 5.84 2.49
C VAL A 367 17.33 5.27 1.18
N PRO A 368 18.07 4.32 0.61
CA PRO A 368 17.74 3.66 -0.66
C PRO A 368 16.40 2.96 -0.73
N GLN A 369 15.96 2.39 0.38
CA GLN A 369 14.67 1.68 0.41
C GLN A 369 13.48 2.64 0.47
N ALA A 370 13.77 3.93 0.59
CA ALA A 370 12.73 4.93 0.71
C ALA A 370 12.03 5.33 -0.56
N SER A 371 10.69 5.25 -0.54
CA SER A 371 9.85 5.69 -1.64
C SER A 371 9.96 7.23 -1.68
N ASP A 372 9.31 7.86 -2.64
CA ASP A 372 9.39 9.32 -2.72
C ASP A 372 8.83 10.01 -1.50
N LEU A 373 7.60 9.66 -1.14
CA LEU A 373 6.94 10.25 0.01
C LEU A 373 7.78 10.11 1.28
N ALA A 374 8.30 8.91 1.52
CA ALA A 374 9.13 8.68 2.69
C ALA A 374 10.39 9.55 2.65
N ALA A 375 10.94 9.74 1.45
CA ALA A 375 12.12 10.57 1.27
C ALA A 375 11.76 11.98 1.72
N GLU A 376 10.60 12.44 1.26
CA GLU A 376 10.07 13.75 1.58
C GLU A 376 10.06 13.93 3.09
N ALA A 377 9.45 12.96 3.77
CA ALA A 377 9.33 12.94 5.22
C ALA A 377 10.69 13.17 5.86
N VAL A 378 11.69 12.44 5.38
CA VAL A 378 13.04 12.56 5.91
C VAL A 378 13.59 13.95 5.66
N VAL A 379 13.29 14.51 4.49
CA VAL A 379 13.79 15.83 4.14
C VAL A 379 13.12 16.84 5.02
N LEU A 380 11.81 16.67 5.20
CA LEU A 380 11.03 17.54 6.06
C LEU A 380 11.69 17.54 7.41
N HIS A 381 11.86 16.35 7.96
CA HIS A 381 12.44 16.24 9.28
C HIS A 381 13.83 16.82 9.44
N TYR A 382 14.71 16.60 8.47
CA TYR A 382 16.07 17.09 8.62
C TYR A 382 16.42 18.48 8.14
N THR A 383 15.53 19.09 7.36
CA THR A 383 15.76 20.44 6.83
C THR A 383 15.51 21.52 7.90
N ASP A 384 16.36 22.54 7.96
CA ASP A 384 16.09 23.65 8.88
C ASP A 384 15.42 24.71 8.02
N TRP A 385 14.11 24.78 8.10
CA TRP A 385 13.31 25.69 7.29
C TRP A 385 13.54 27.19 7.43
N LEU A 386 14.36 27.59 8.41
CA LEU A 386 14.65 28.99 8.56
C LEU A 386 15.87 29.27 7.67
N HIS A 387 16.65 28.21 7.44
CA HIS A 387 17.85 28.25 6.59
C HIS A 387 17.96 26.96 5.75
N PRO A 388 16.96 26.68 4.89
CA PRO A 388 16.98 25.46 4.08
C PRO A 388 18.09 25.37 3.04
N GLU A 389 18.93 26.39 2.97
CA GLU A 389 20.02 26.44 2.00
C GLU A 389 21.39 26.40 2.64
N ASP A 390 21.47 26.71 3.93
CA ASP A 390 22.76 26.73 4.62
C ASP A 390 23.50 25.42 4.44
N PRO A 391 24.63 25.46 3.72
CA PRO A 391 25.50 24.31 3.43
C PRO A 391 25.95 23.55 4.68
N THR A 392 26.35 24.28 5.71
CA THR A 392 26.79 23.68 6.97
C THR A 392 25.73 22.75 7.59
N HIS A 393 24.46 23.17 7.57
CA HIS A 393 23.37 22.37 8.09
C HIS A 393 23.23 21.13 7.25
N LEU A 394 22.99 21.38 5.96
CA LEU A 394 22.81 20.35 4.98
C LEU A 394 23.88 19.28 5.17
N ARG A 395 25.11 19.74 5.35
CA ARG A 395 26.24 18.84 5.55
C ARG A 395 26.00 17.98 6.80
N ASP A 396 25.91 18.64 7.94
CA ASP A 396 25.69 17.94 9.21
C ASP A 396 24.39 17.15 9.28
N ALA A 397 23.40 17.57 8.50
CA ALA A 397 22.09 16.93 8.48
C ALA A 397 22.17 15.61 7.76
N MET A 398 22.98 15.58 6.69
CA MET A 398 23.19 14.37 5.90
C MET A 398 23.80 13.32 6.82
N SER A 399 24.88 13.70 7.53
CA SER A 399 25.54 12.82 8.49
C SER A 399 24.53 12.28 9.53
N ALA A 400 23.58 13.13 9.89
CA ALA A 400 22.56 12.80 10.85
C ALA A 400 21.61 11.76 10.31
N VAL A 401 21.12 11.97 9.09
CA VAL A 401 20.18 11.04 8.46
C VAL A 401 20.79 9.64 8.45
N VAL A 402 22.03 9.55 7.97
CA VAL A 402 22.75 8.29 7.87
C VAL A 402 22.99 7.70 9.25
N GLY A 403 23.63 8.48 10.12
CA GLY A 403 23.92 8.03 11.47
C GLY A 403 22.71 7.64 12.29
N ASP A 404 21.61 8.36 12.15
CA ASP A 404 20.43 8.05 12.94
C ASP A 404 19.76 6.84 12.40
N HIS A 405 19.57 6.83 11.09
CA HIS A 405 18.86 5.75 10.42
C HIS A 405 19.46 4.39 10.63
N ASN A 406 20.78 4.32 10.45
CA ASN A 406 21.55 3.09 10.54
C ASN A 406 22.01 2.65 11.92
N VAL A 407 22.41 3.62 12.74
CA VAL A 407 22.93 3.28 14.06
C VAL A 407 22.10 3.71 15.28
N VAL A 408 22.08 5.01 15.55
CA VAL A 408 21.39 5.55 16.72
C VAL A 408 19.98 5.07 17.00
N CYS A 409 19.07 5.31 16.08
CA CYS A 409 17.70 4.90 16.32
C CYS A 409 17.55 3.41 16.53
N PRO A 410 18.23 2.60 15.71
CA PRO A 410 18.14 1.15 15.87
C PRO A 410 18.67 0.76 17.26
N VAL A 411 19.71 1.47 17.71
CA VAL A 411 20.31 1.26 19.04
C VAL A 411 19.22 1.51 20.07
N ALA A 412 18.63 2.70 19.96
CA ALA A 412 17.56 3.13 20.86
C ALA A 412 16.39 2.15 20.79
N GLN A 413 16.04 1.72 19.59
CA GLN A 413 14.94 0.78 19.41
C GLN A 413 15.25 -0.53 20.13
N LEU A 414 16.53 -0.88 20.16
CA LEU A 414 16.93 -2.11 20.81
C LEU A 414 16.88 -1.91 22.30
N ALA A 415 17.61 -0.89 22.75
CA ALA A 415 17.71 -0.54 24.17
C ALA A 415 16.34 -0.57 24.86
N GLY A 416 15.40 0.16 24.28
CA GLY A 416 14.06 0.22 24.81
C GLY A 416 13.37 -1.13 24.76
N ARG A 417 13.36 -1.76 23.60
CA ARG A 417 12.72 -3.06 23.48
C ARG A 417 13.34 -4.11 24.37
N LEU A 418 14.61 -3.91 24.69
CA LEU A 418 15.33 -4.83 25.54
C LEU A 418 14.92 -4.61 26.99
N ALA A 419 15.12 -3.38 27.48
CA ALA A 419 14.78 -2.99 28.84
C ALA A 419 13.35 -3.42 29.19
N ALA A 420 12.42 -3.10 28.28
CA ALA A 420 11.01 -3.43 28.41
C ALA A 420 10.77 -4.94 28.49
N GLN A 421 11.69 -5.70 27.94
CA GLN A 421 11.57 -7.14 27.92
C GLN A 421 12.14 -7.83 29.16
N GLY A 422 12.82 -7.07 30.02
CA GLY A 422 13.40 -7.64 31.23
C GLY A 422 14.88 -7.36 31.39
N ALA A 423 15.53 -6.98 30.30
CA ALA A 423 16.95 -6.70 30.33
C ALA A 423 17.31 -5.54 31.22
N ARG A 424 18.57 -5.56 31.62
CA ARG A 424 19.13 -4.51 32.44
C ARG A 424 20.04 -3.84 31.43
N VAL A 425 19.57 -2.76 30.84
CA VAL A 425 20.34 -2.05 29.83
C VAL A 425 21.07 -0.82 30.39
N TYR A 426 22.20 -0.47 29.79
CA TYR A 426 22.98 0.73 30.16
C TYR A 426 23.31 1.37 28.83
N ALA A 427 23.22 2.68 28.73
CA ALA A 427 23.52 3.33 27.45
C ALA A 427 24.54 4.43 27.57
N TYR A 428 25.10 4.84 26.43
CA TYR A 428 26.13 5.87 26.43
C TYR A 428 26.24 6.57 25.07
N ILE A 429 26.94 7.71 25.06
CA ILE A 429 27.16 8.47 23.84
C ILE A 429 28.62 8.90 23.86
N PHE A 430 29.48 8.19 23.14
CA PHE A 430 30.88 8.57 23.10
C PHE A 430 30.99 9.90 22.35
N GLU A 431 31.57 10.91 22.98
CA GLU A 431 31.66 12.22 22.34
C GLU A 431 33.06 12.81 22.18
N HIS A 432 34.07 12.11 22.68
CA HIS A 432 35.45 12.60 22.57
C HIS A 432 36.13 12.27 21.24
N ARG A 433 36.63 13.33 20.61
CA ARG A 433 37.33 13.21 19.34
C ARG A 433 38.82 13.10 19.62
N ALA A 434 39.39 11.93 19.33
CA ALA A 434 40.83 11.72 19.54
C ALA A 434 41.63 12.86 18.90
N SER A 435 42.67 13.32 19.58
CA SER A 435 43.51 14.42 19.09
C SER A 435 44.25 13.94 17.86
N THR A 436 44.67 12.69 17.94
CA THR A 436 45.40 11.95 16.90
C THR A 436 44.61 11.83 15.58
N LEU A 437 43.27 11.77 15.70
CA LEU A 437 42.34 11.65 14.57
C LEU A 437 42.81 12.38 13.31
N THR A 438 42.94 11.62 12.22
CA THR A 438 43.38 12.11 10.92
C THR A 438 42.28 12.54 9.94
N TRP A 439 41.04 12.21 10.28
CA TRP A 439 39.90 12.58 9.44
C TRP A 439 39.66 14.06 9.73
N PRO A 440 39.01 14.78 8.80
CA PRO A 440 38.74 16.21 8.98
C PRO A 440 37.85 16.53 10.19
N LEU A 441 37.90 17.78 10.63
CA LEU A 441 37.12 18.22 11.78
C LEU A 441 35.62 18.01 11.55
N TRP A 442 35.19 18.23 10.31
CA TRP A 442 33.77 18.09 10.00
C TRP A 442 33.11 16.73 10.30
N MET A 443 33.89 15.68 10.46
CA MET A 443 33.33 14.36 10.73
C MET A 443 33.17 14.16 12.22
N GLY A 444 33.74 15.08 13.01
CA GLY A 444 33.65 14.99 14.45
C GLY A 444 34.16 13.66 14.97
N VAL A 445 33.25 12.92 15.61
CA VAL A 445 33.55 11.60 16.17
C VAL A 445 32.87 10.55 15.28
N PRO A 446 33.59 10.08 14.24
CA PRO A 446 33.12 9.10 13.26
C PRO A 446 32.89 7.73 13.81
N HIS A 447 32.20 6.93 13.00
CA HIS A 447 31.87 5.55 13.34
C HIS A 447 33.15 4.76 13.65
N GLY A 448 33.22 4.20 14.86
CA GLY A 448 34.38 3.40 15.24
C GLY A 448 35.58 4.05 15.92
N TYR A 449 35.51 5.34 16.21
CA TYR A 449 36.64 5.98 16.87
C TYR A 449 36.57 6.03 18.40
N GLU A 450 35.95 4.99 18.95
CA GLU A 450 35.80 4.81 20.38
C GLU A 450 36.73 3.67 20.79
N ILE A 451 36.94 2.74 19.84
CA ILE A 451 37.73 1.54 20.05
C ILE A 451 39.09 1.77 20.70
N GLU A 452 39.85 2.68 20.12
CA GLU A 452 41.15 3.02 20.66
C GLU A 452 41.10 3.20 22.17
N PHE A 453 40.09 3.94 22.61
CA PHE A 453 39.94 4.21 24.02
C PHE A 453 39.48 3.00 24.81
N ILE A 454 38.45 2.30 24.34
CA ILE A 454 38.00 1.11 25.05
C ILE A 454 39.14 0.10 25.17
N PHE A 455 39.93 -0.05 24.10
CA PHE A 455 41.06 -0.99 24.12
C PHE A 455 42.25 -0.54 24.96
N GLY A 456 42.32 0.77 25.15
CA GLY A 456 43.35 1.35 25.97
C GLY A 456 44.62 1.76 25.26
N LEU A 457 44.53 2.06 23.98
CA LEU A 457 45.71 2.47 23.23
C LEU A 457 46.38 3.75 23.74
N PRO A 458 45.62 4.63 24.41
CA PRO A 458 46.29 5.85 24.89
C PRO A 458 47.32 5.59 26.01
N LEU A 459 47.23 4.43 26.65
CA LEU A 459 48.17 4.03 27.71
C LEU A 459 49.59 3.88 27.16
N ASP A 460 49.72 3.56 25.87
CA ASP A 460 51.02 3.43 25.22
C ASP A 460 51.59 4.85 25.05
N PRO A 461 52.74 5.12 25.67
CA PRO A 461 53.47 6.40 25.65
C PRO A 461 54.00 6.83 24.29
N SER A 462 54.45 5.85 23.49
CA SER A 462 54.99 6.13 22.15
C SER A 462 53.93 6.84 21.30
N LEU A 463 52.69 6.34 21.41
CA LEU A 463 51.54 6.91 20.71
C LEU A 463 51.34 8.31 21.28
N ASN A 464 51.04 9.25 20.41
CA ASN A 464 50.89 10.63 20.83
C ASN A 464 49.49 11.03 21.34
N TYR A 465 49.10 10.46 22.48
CA TYR A 465 47.82 10.77 23.12
C TYR A 465 48.04 11.73 24.31
N THR A 466 47.06 12.60 24.57
CA THR A 466 47.18 13.53 25.70
C THR A 466 46.95 12.74 26.98
N THR A 467 47.48 13.26 28.08
CA THR A 467 47.37 12.62 29.38
C THR A 467 45.91 12.32 29.80
N GLU A 468 45.02 13.28 29.52
CA GLU A 468 43.61 13.15 29.86
C GLU A 468 43.04 11.98 29.09
N GLU A 469 43.43 11.87 27.83
CA GLU A 469 42.97 10.77 26.97
C GLU A 469 43.36 9.46 27.63
N ARG A 470 44.55 9.44 28.25
CA ARG A 470 45.04 8.24 28.92
C ARG A 470 44.14 7.91 30.10
N ILE A 471 43.95 8.92 30.95
CA ILE A 471 43.11 8.82 32.15
C ILE A 471 41.71 8.37 31.72
N PHE A 472 41.25 9.02 30.65
CA PHE A 472 39.96 8.79 30.03
C PHE A 472 39.88 7.30 29.68
N ALA A 473 40.85 6.84 28.90
CA ALA A 473 40.91 5.44 28.46
C ALA A 473 40.79 4.47 29.63
N GLN A 474 41.53 4.75 30.70
CA GLN A 474 41.52 3.91 31.90
C GLN A 474 40.11 3.88 32.49
N ARG A 475 39.49 5.05 32.53
CA ARG A 475 38.14 5.19 33.05
C ARG A 475 37.23 4.27 32.23
N LEU A 476 37.37 4.35 30.90
CA LEU A 476 36.59 3.55 29.96
C LEU A 476 36.83 2.05 30.14
N MET A 477 38.11 1.69 30.25
CA MET A 477 38.48 0.29 30.44
C MET A 477 37.82 -0.20 31.72
N LYS A 478 37.78 0.70 32.71
CA LYS A 478 37.16 0.41 34.00
C LYS A 478 35.69 0.06 33.86
N TYR A 479 34.95 0.91 33.14
CA TYR A 479 33.52 0.71 32.94
C TYR A 479 33.24 -0.65 32.30
N TRP A 480 33.98 -0.92 31.22
CA TRP A 480 33.85 -2.17 30.47
C TRP A 480 34.13 -3.40 31.33
N THR A 481 35.33 -3.43 31.92
CA THR A 481 35.73 -4.53 32.78
C THR A 481 34.80 -4.66 33.99
N ASN A 482 34.31 -3.52 34.50
CA ASN A 482 33.38 -3.54 35.62
C ASN A 482 32.09 -4.19 35.16
N PHE A 483 31.59 -3.74 33.99
CA PHE A 483 30.38 -4.32 33.43
C PHE A 483 30.67 -5.82 33.18
N ALA A 484 31.91 -6.07 32.78
CA ALA A 484 32.34 -7.43 32.50
C ALA A 484 32.22 -8.32 33.72
N ARG A 485 32.79 -7.91 34.86
CA ARG A 485 32.71 -8.78 36.05
C ARG A 485 31.39 -8.77 36.82
N THR A 486 30.91 -7.56 37.09
CA THR A 486 29.68 -7.33 37.83
C THR A 486 28.40 -7.37 36.99
N GLY A 487 28.39 -6.54 35.94
CA GLY A 487 27.24 -6.40 35.06
C GLY A 487 26.66 -5.05 35.44
N ASP A 488 27.58 -4.14 35.78
CA ASP A 488 27.28 -2.79 36.24
C ASP A 488 28.62 -2.07 36.07
N PRO A 489 28.71 -1.19 35.07
CA PRO A 489 29.93 -0.42 34.75
C PRO A 489 30.39 0.53 35.85
N ASN A 490 29.67 0.56 36.96
CA ASN A 490 29.98 1.49 38.06
C ASN A 490 31.07 1.09 39.04
N ASP A 491 31.82 2.11 39.49
CA ASP A 491 32.90 1.96 40.47
C ASP A 491 32.30 1.05 41.55
N PRO A 492 32.73 -0.23 41.53
CA PRO A 492 32.40 -1.43 42.34
C PRO A 492 31.71 -1.09 43.65
N ARG A 493 32.56 -0.96 44.67
CA ARG A 493 32.18 -0.59 46.02
C ARG A 493 32.50 0.92 45.99
N ASP A 494 33.80 1.21 45.85
CA ASP A 494 34.36 2.57 45.80
C ASP A 494 33.56 3.57 44.93
N ARG A 495 32.45 4.03 45.52
CA ARG A 495 31.49 4.98 44.92
C ARG A 495 32.12 6.33 44.64
N LYS A 496 33.13 6.34 43.76
CA LYS A 496 33.85 7.57 43.41
C LYS A 496 32.92 8.80 43.36
N SER A 497 32.11 8.92 42.30
CA SER A 497 31.20 10.04 42.19
C SER A 497 30.03 9.84 41.19
N PRO A 498 30.10 10.40 39.93
CA PRO A 498 28.94 10.17 39.04
C PRO A 498 28.54 8.70 38.83
N GLN A 499 27.23 8.45 38.89
CA GLN A 499 26.70 7.10 38.73
C GLN A 499 26.05 6.91 37.35
N TRP A 500 26.21 5.71 36.79
CA TRP A 500 25.63 5.39 35.48
C TRP A 500 24.37 4.56 35.73
N PRO A 501 23.21 5.18 35.49
CA PRO A 501 21.88 4.57 35.66
C PRO A 501 21.43 3.72 34.50
N PRO A 502 20.69 2.66 34.80
CA PRO A 502 20.19 1.77 33.76
C PRO A 502 19.23 2.52 32.80
N TYR A 503 19.40 2.30 31.51
CA TYR A 503 18.49 2.91 30.57
C TYR A 503 17.15 2.19 30.83
N THR A 504 16.09 2.98 30.97
CA THR A 504 14.74 2.50 31.25
C THR A 504 13.73 3.08 30.29
N THR A 505 12.63 2.35 30.05
CA THR A 505 11.58 2.84 29.14
C THR A 505 11.04 4.21 29.59
N ALA A 506 10.69 4.28 30.87
CA ALA A 506 10.17 5.49 31.50
C ALA A 506 11.17 6.65 31.54
N ALA A 507 12.29 6.40 32.21
CA ALA A 507 13.34 7.40 32.36
C ALA A 507 14.16 7.67 31.10
N GLN A 508 14.58 6.60 30.41
CA GLN A 508 15.39 6.69 29.19
C GLN A 508 16.75 7.34 29.43
N GLN A 509 17.50 6.74 30.35
CA GLN A 509 18.79 7.31 30.71
C GLN A 509 20.05 6.72 30.08
N TYR A 510 20.88 7.64 29.61
CA TYR A 510 22.15 7.32 28.98
C TYR A 510 23.16 8.31 29.51
N VAL A 511 24.44 8.04 29.30
CA VAL A 511 25.50 8.92 29.81
C VAL A 511 26.45 9.52 28.77
N SER A 512 26.99 10.68 29.12
CA SER A 512 27.94 11.37 28.28
C SER A 512 29.34 10.82 28.55
N LEU A 513 29.78 9.92 27.66
CA LEU A 513 31.10 9.31 27.74
C LEU A 513 32.13 10.23 27.11
N ASN A 514 32.77 11.07 27.92
CA ASN A 514 33.79 11.98 27.41
C ASN A 514 34.66 12.52 28.53
N LEU A 515 35.62 13.37 28.16
CA LEU A 515 36.58 13.99 29.10
C LEU A 515 36.01 14.46 30.44
N LYS A 516 34.88 15.17 30.37
CA LYS A 516 34.17 15.66 31.55
C LYS A 516 33.48 14.43 32.15
N PRO A 517 33.57 14.27 33.49
CA PRO A 517 32.97 13.14 34.20
C PRO A 517 31.58 12.80 33.67
N LEU A 518 31.10 11.61 34.02
CA LEU A 518 29.77 11.21 33.59
C LEU A 518 28.75 12.33 33.76
N GLU A 519 27.77 12.36 32.86
CA GLU A 519 26.74 13.39 32.88
C GLU A 519 25.45 12.80 32.30
N VAL A 520 24.67 12.13 33.15
CA VAL A 520 23.41 11.51 32.73
C VAL A 520 22.46 12.40 31.95
N ARG A 521 21.88 11.80 30.89
CA ARG A 521 20.92 12.47 30.00
C ARG A 521 19.72 11.57 29.76
N ARG A 522 18.65 12.18 29.26
CA ARG A 522 17.42 11.46 28.98
C ARG A 522 17.00 11.63 27.53
N GLY A 523 16.52 10.52 26.98
CA GLY A 523 16.08 10.48 25.60
C GLY A 523 17.17 10.48 24.54
N LEU A 524 17.33 9.31 23.92
CA LEU A 524 18.32 9.16 22.86
C LEU A 524 17.61 9.61 21.60
N ARG A 525 17.90 10.84 21.18
CA ARG A 525 17.28 11.46 20.00
C ARG A 525 15.79 11.12 19.96
N ALA A 526 15.22 10.94 21.14
CA ALA A 526 13.82 10.54 21.36
C ALA A 526 12.85 10.98 20.30
N GLN A 527 12.93 12.27 19.96
CA GLN A 527 12.07 12.88 18.97
C GLN A 527 12.33 12.25 17.61
N THR A 528 13.56 12.43 17.13
CA THR A 528 14.01 11.91 15.85
C THR A 528 13.77 10.42 15.70
N CYS A 529 14.19 9.64 16.70
CA CYS A 529 14.05 8.20 16.62
C CYS A 529 12.64 7.72 16.69
N ALA A 530 11.73 8.59 17.09
CA ALA A 530 10.34 8.20 17.14
C ALA A 530 9.89 8.20 15.69
N PHE A 531 10.48 9.13 14.93
CA PHE A 531 10.21 9.27 13.51
C PHE A 531 10.60 8.00 12.76
N TRP A 532 11.87 7.65 12.91
CA TRP A 532 12.45 6.48 12.30
C TRP A 532 11.83 5.18 12.76
N ASN A 533 11.79 4.97 14.08
CA ASN A 533 11.27 3.70 14.64
C ASN A 533 9.77 3.51 14.66
N ARG A 534 9.00 4.60 14.70
CA ARG A 534 7.53 4.47 14.76
C ARG A 534 6.77 4.77 13.50
N PHE A 535 6.97 5.98 13.00
CA PHE A 535 6.27 6.48 11.84
C PHE A 535 6.81 5.99 10.51
N LEU A 536 8.03 6.40 10.19
CA LEU A 536 8.66 6.06 8.92
C LEU A 536 8.37 4.67 8.39
N PRO A 537 8.41 3.65 9.27
CA PRO A 537 8.14 2.27 8.86
C PRO A 537 6.77 2.11 8.26
N LYS A 538 5.76 2.69 8.89
CA LYS A 538 4.42 2.57 8.34
C LYS A 538 4.24 3.43 7.11
N LEU A 539 5.10 4.43 6.95
CA LEU A 539 5.03 5.30 5.77
C LEU A 539 5.51 4.46 4.60
N LEU A 540 6.56 3.68 4.87
CA LEU A 540 7.15 2.81 3.90
C LEU A 540 6.26 1.64 3.51
N SER A 541 5.64 1.00 4.50
CA SER A 541 4.75 -0.14 4.26
C SER A 541 3.35 0.26 3.76
N ALA A 542 3.25 1.49 3.26
CA ALA A 542 2.01 2.02 2.71
C ALA A 542 2.28 2.34 1.24
N THR A 543 3.49 2.85 0.98
CA THR A 543 3.98 3.23 -0.37
C THR A 543 4.73 2.13 -1.18
N ARG B 3 -33.55 73.04 15.13
CA ARG B 3 -32.62 73.18 13.92
C ARG B 3 -31.39 72.25 14.06
N GLU B 4 -31.17 71.41 13.05
CA GLU B 4 -30.10 70.41 12.97
C GLU B 4 -28.64 70.79 13.35
N ASP B 5 -27.85 69.79 13.72
CA ASP B 5 -26.44 69.99 14.00
C ASP B 5 -25.84 69.78 12.62
N PRO B 6 -25.18 70.81 12.06
CA PRO B 6 -24.58 70.68 10.72
C PRO B 6 -23.61 69.52 10.62
N GLN B 7 -23.06 69.11 11.76
CA GLN B 7 -22.09 68.03 11.77
C GLN B 7 -22.68 66.64 11.77
N LEU B 8 -23.96 66.49 12.09
CA LEU B 8 -24.58 65.15 12.13
C LEU B 8 -25.56 64.96 10.98
N LEU B 9 -25.67 65.97 10.14
CA LEU B 9 -26.57 65.84 9.00
C LEU B 9 -25.64 65.59 7.84
N VAL B 10 -25.85 64.47 7.19
CA VAL B 10 -25.01 64.09 6.06
C VAL B 10 -25.88 63.70 4.89
N ARG B 11 -25.48 64.19 3.72
CA ARG B 11 -26.21 63.81 2.52
C ARG B 11 -25.45 62.75 1.77
N VAL B 12 -26.16 61.69 1.46
CA VAL B 12 -25.56 60.55 0.81
C VAL B 12 -26.34 60.24 -0.47
N ARG B 13 -25.70 59.57 -1.41
CA ARG B 13 -26.36 59.23 -2.67
C ARG B 13 -27.80 58.79 -2.60
N GLY B 14 -28.18 58.06 -1.56
CA GLY B 14 -29.55 57.61 -1.48
C GLY B 14 -30.51 58.61 -0.83
N GLY B 15 -29.94 59.55 -0.07
CA GLY B 15 -30.75 60.55 0.60
C GLY B 15 -29.99 61.15 1.75
N GLN B 16 -30.74 61.78 2.65
CA GLN B 16 -30.09 62.41 3.79
C GLN B 16 -30.21 61.51 5.02
N LEU B 17 -29.35 61.78 5.99
CA LEU B 17 -29.35 61.01 7.22
C LEU B 17 -28.72 61.81 8.35
N ARG B 18 -29.25 61.64 9.56
CA ARG B 18 -28.69 62.33 10.72
C ARG B 18 -28.08 61.29 11.66
N GLY B 19 -26.88 61.58 12.13
CA GLY B 19 -26.20 60.69 13.04
C GLY B 19 -26.36 61.12 14.47
N ILE B 20 -25.36 60.82 15.29
CA ILE B 20 -25.43 61.16 16.71
C ILE B 20 -24.06 61.47 17.25
N ARG B 21 -24.02 62.43 18.17
CA ARG B 21 -22.79 62.84 18.80
C ARG B 21 -22.56 61.93 20.00
N LEU B 22 -21.43 61.25 20.00
CA LEU B 22 -21.10 60.32 21.05
C LEU B 22 -19.93 60.83 21.86
N LYS B 23 -19.83 60.33 23.09
CA LYS B 23 -18.74 60.73 23.93
C LYS B 23 -17.72 59.61 24.11
N ALA B 24 -16.51 59.91 23.72
CA ALA B 24 -15.41 58.99 23.88
C ALA B 24 -14.61 59.54 25.07
N PRO B 25 -13.82 58.68 25.73
CA PRO B 25 -13.04 59.13 26.87
C PRO B 25 -12.42 60.51 26.71
N GLY B 26 -11.73 60.75 25.60
CA GLY B 26 -11.08 62.03 25.42
C GLY B 26 -11.77 63.11 24.63
N GLY B 27 -13.05 62.92 24.30
CA GLY B 27 -13.75 63.92 23.53
C GLY B 27 -14.98 63.39 22.80
N PRO B 28 -15.64 64.24 22.00
CA PRO B 28 -16.83 63.82 21.26
C PRO B 28 -16.45 63.14 19.96
N VAL B 29 -17.43 62.45 19.40
CA VAL B 29 -17.24 61.67 18.18
C VAL B 29 -18.57 61.60 17.44
N SER B 30 -18.51 61.65 16.12
CA SER B 30 -19.73 61.57 15.30
C SER B 30 -19.95 60.10 14.93
N ALA B 31 -21.21 59.67 14.93
CA ALA B 31 -21.52 58.30 14.60
C ALA B 31 -22.83 58.14 13.83
N PHE B 32 -22.74 57.54 12.63
CA PHE B 32 -23.90 57.33 11.77
C PHE B 32 -24.09 55.84 11.71
N LEU B 33 -25.06 55.36 12.48
CA LEU B 33 -25.38 53.93 12.62
C LEU B 33 -26.67 53.45 11.94
N GLY B 34 -26.59 52.25 11.38
CA GLY B 34 -27.76 51.67 10.75
C GLY B 34 -28.11 52.27 9.40
N ILE B 35 -27.09 52.69 8.66
CA ILE B 35 -27.30 53.26 7.33
C ILE B 35 -27.50 52.07 6.37
N PRO B 36 -28.64 52.02 5.66
CA PRO B 36 -28.85 50.88 4.74
C PRO B 36 -28.06 51.01 3.44
N PHE B 37 -27.36 49.95 3.07
CA PHE B 37 -26.57 49.93 1.84
C PHE B 37 -27.14 48.96 0.82
N ALA B 38 -28.22 48.31 1.21
CA ALA B 38 -28.84 47.34 0.34
C ALA B 38 -30.30 47.20 0.66
N GLU B 39 -31.04 46.76 -0.33
CA GLU B 39 -32.45 46.53 -0.18
C GLU B 39 -32.52 45.22 0.58
N PRO B 40 -33.34 45.19 1.65
CA PRO B 40 -33.57 44.05 2.54
C PRO B 40 -33.73 42.73 1.77
N PRO B 41 -32.74 41.84 1.92
CA PRO B 41 -32.63 40.51 1.29
C PRO B 41 -33.62 39.53 1.88
N VAL B 42 -34.89 39.90 1.82
CA VAL B 42 -35.95 39.08 2.41
C VAL B 42 -36.91 38.43 1.43
N GLY B 43 -37.72 37.50 1.92
CA GLY B 43 -38.67 36.81 1.08
C GLY B 43 -38.00 36.14 -0.11
N SER B 44 -38.33 36.62 -1.31
CA SER B 44 -37.79 36.06 -2.56
C SER B 44 -36.38 36.55 -2.86
N ARG B 45 -35.91 37.48 -2.05
CA ARG B 45 -34.56 38.00 -2.21
C ARG B 45 -33.59 37.12 -1.39
N ARG B 46 -34.13 36.10 -0.72
CA ARG B 46 -33.34 35.20 0.11
C ARG B 46 -32.39 34.37 -0.75
N PHE B 47 -31.13 34.29 -0.30
CA PHE B 47 -30.06 33.53 -0.98
C PHE B 47 -29.49 34.26 -2.19
N MET B 48 -30.25 35.25 -2.65
CA MET B 48 -29.92 36.08 -3.80
C MET B 48 -28.91 37.13 -3.47
N PRO B 49 -28.18 37.63 -4.48
CA PRO B 49 -27.17 38.67 -4.24
C PRO B 49 -27.86 39.95 -3.80
N PRO B 50 -27.10 40.83 -3.18
CA PRO B 50 -27.70 42.08 -2.72
C PRO B 50 -27.92 43.09 -3.84
N GLU B 51 -29.09 43.73 -3.85
CA GLU B 51 -29.36 44.77 -4.82
C GLU B 51 -29.25 46.07 -4.01
N PRO B 52 -28.60 47.10 -4.57
CA PRO B 52 -28.39 48.40 -3.91
C PRO B 52 -29.61 49.02 -3.27
N LYS B 53 -29.35 49.73 -2.17
CA LYS B 53 -30.40 50.39 -1.42
C LYS B 53 -31.01 51.47 -2.28
N ARG B 54 -32.32 51.34 -2.50
CA ARG B 54 -33.08 52.29 -3.29
C ARG B 54 -33.17 53.61 -2.52
N PRO B 55 -33.01 54.75 -3.21
CA PRO B 55 -33.05 56.07 -2.58
C PRO B 55 -34.30 56.30 -1.76
N TRP B 56 -34.14 57.09 -0.71
CA TRP B 56 -35.22 57.42 0.20
C TRP B 56 -35.34 58.92 0.29
N SER B 57 -36.50 59.35 0.77
CA SER B 57 -36.78 60.74 0.96
C SER B 57 -36.78 61.05 2.44
N GLY B 58 -36.57 62.31 2.76
CA GLY B 58 -36.56 62.69 4.15
C GLY B 58 -35.22 62.38 4.74
N VAL B 59 -35.13 62.56 6.04
CA VAL B 59 -33.90 62.29 6.74
C VAL B 59 -33.98 61.01 7.54
N LEU B 60 -33.12 60.08 7.15
CA LEU B 60 -32.99 58.76 7.73
C LEU B 60 -32.31 58.90 9.10
N ASP B 61 -32.82 58.15 10.08
CA ASP B 61 -32.26 58.16 11.44
C ASP B 61 -31.07 57.20 11.59
N ALA B 62 -29.86 57.76 11.52
CA ALA B 62 -28.66 56.96 11.64
C ALA B 62 -28.01 57.13 13.01
N THR B 63 -28.85 57.10 14.05
CA THR B 63 -28.37 57.29 15.42
C THR B 63 -28.25 56.01 16.21
N THR B 64 -28.99 54.98 15.77
CA THR B 64 -28.98 53.72 16.46
C THR B 64 -28.58 52.52 15.58
N PHE B 65 -27.93 51.52 16.19
CA PHE B 65 -27.52 50.27 15.50
C PHE B 65 -28.76 49.56 15.02
N GLN B 66 -28.61 48.87 13.89
CA GLN B 66 -29.71 48.12 13.32
C GLN B 66 -29.65 46.63 13.63
N ASN B 67 -30.65 45.89 13.13
CA ASN B 67 -30.74 44.45 13.34
C ASN B 67 -29.46 43.68 13.05
N VAL B 68 -29.31 42.56 13.74
CA VAL B 68 -28.18 41.68 13.54
C VAL B 68 -28.70 40.66 12.56
N CYS B 69 -27.81 40.17 11.69
CA CYS B 69 -28.23 39.20 10.69
C CYS B 69 -28.66 37.90 11.32
N TYR B 70 -29.77 37.38 10.84
CA TYR B 70 -30.30 36.14 11.36
C TYR B 70 -29.20 35.11 11.47
N GLN B 71 -29.05 34.56 12.66
CA GLN B 71 -27.98 33.60 12.92
C GLN B 71 -28.19 32.70 14.13
N TYR B 72 -27.28 31.76 14.30
CA TYR B 72 -27.30 30.82 15.43
C TYR B 72 -26.77 31.54 16.67
N VAL B 73 -27.35 31.23 17.83
CA VAL B 73 -26.93 31.87 19.08
C VAL B 73 -26.24 30.86 19.99
N ASP B 74 -25.01 31.20 20.42
CA ASP B 74 -24.17 30.34 21.26
C ASP B 74 -24.60 30.18 22.71
N THR B 75 -25.27 29.07 22.98
CA THR B 75 -25.79 28.76 24.30
C THR B 75 -24.91 27.78 25.09
N LEU B 76 -23.66 27.60 24.67
CA LEU B 76 -22.82 26.64 25.37
C LEU B 76 -22.70 26.96 26.85
N TYR B 77 -22.26 28.17 27.16
CA TYR B 77 -22.07 28.58 28.54
C TYR B 77 -22.92 29.78 28.91
N PRO B 78 -24.26 29.58 29.08
CA PRO B 78 -25.26 30.60 29.42
C PRO B 78 -24.81 31.55 30.51
N GLY B 79 -24.78 32.84 30.20
CA GLY B 79 -24.37 33.85 31.17
C GLY B 79 -22.89 34.17 31.24
N PHE B 80 -22.08 33.40 30.55
CA PHE B 80 -20.64 33.60 30.57
C PHE B 80 -20.20 34.73 29.62
N GLU B 81 -19.60 35.77 30.16
CA GLU B 81 -19.14 36.90 29.36
C GLU B 81 -18.32 36.47 28.15
N GLY B 82 -17.25 35.73 28.39
CA GLY B 82 -16.39 35.27 27.30
C GLY B 82 -17.10 34.57 26.16
N THR B 83 -18.33 34.10 26.40
CA THR B 83 -19.09 33.44 25.35
C THR B 83 -20.15 34.35 24.78
N GLU B 84 -20.85 35.06 25.67
CA GLU B 84 -21.94 35.97 25.27
C GLU B 84 -21.48 37.25 24.59
N MET B 85 -20.25 37.66 24.89
CA MET B 85 -19.69 38.87 24.31
C MET B 85 -19.72 38.86 22.78
N TRP B 86 -19.90 37.67 22.20
CA TRP B 86 -19.94 37.49 20.76
C TRP B 86 -21.34 37.30 20.22
N ASN B 87 -22.30 37.01 21.10
CA ASN B 87 -23.70 36.80 20.70
C ASN B 87 -24.39 38.10 20.27
N PRO B 88 -25.47 37.97 19.46
CA PRO B 88 -26.27 39.09 18.95
C PRO B 88 -26.73 40.05 20.05
N ASN B 89 -26.49 41.36 19.85
CA ASN B 89 -26.92 42.38 20.80
C ASN B 89 -28.07 43.26 20.28
N ARG B 90 -28.76 42.80 19.24
CA ARG B 90 -29.91 43.49 18.65
C ARG B 90 -30.80 42.44 18.01
N GLU B 91 -32.08 42.77 17.85
CA GLU B 91 -33.07 41.86 17.30
C GLU B 91 -32.60 41.17 16.00
N LEU B 92 -32.80 39.87 15.93
CA LEU B 92 -32.41 39.14 14.73
C LEU B 92 -33.45 39.34 13.68
N SER B 93 -32.99 39.54 12.46
CA SER B 93 -33.88 39.71 11.32
C SER B 93 -33.10 39.48 10.06
N GLU B 94 -33.80 39.02 9.03
CA GLU B 94 -33.19 38.82 7.72
C GLU B 94 -32.84 40.20 7.19
N ASP B 95 -33.71 41.17 7.45
CA ASP B 95 -33.46 42.55 7.07
C ASP B 95 -32.37 43.06 8.01
N CYS B 96 -31.13 42.87 7.63
CA CYS B 96 -30.03 43.25 8.49
C CYS B 96 -28.89 43.93 7.77
N LEU B 97 -29.13 44.33 6.51
CA LEU B 97 -28.10 44.93 5.69
C LEU B 97 -27.89 46.42 5.86
N TYR B 98 -27.17 46.76 6.94
CA TYR B 98 -26.88 48.13 7.31
C TYR B 98 -25.41 48.25 7.67
N LEU B 99 -24.92 49.48 7.69
CA LEU B 99 -23.54 49.73 8.02
C LEU B 99 -23.46 50.90 8.99
N ASN B 100 -22.27 51.10 9.54
CA ASN B 100 -22.06 52.12 10.55
C ASN B 100 -20.77 52.87 10.27
N VAL B 101 -20.81 54.20 10.46
CA VAL B 101 -19.62 55.00 10.23
C VAL B 101 -19.36 55.79 11.51
N TRP B 102 -18.08 55.94 11.85
CA TRP B 102 -17.67 56.71 13.02
C TRP B 102 -16.60 57.65 12.53
N THR B 103 -16.75 58.94 12.81
CA THR B 103 -15.75 59.92 12.42
C THR B 103 -15.53 60.82 13.61
N PRO B 104 -14.47 61.62 13.57
CA PRO B 104 -14.24 62.51 14.72
C PRO B 104 -15.35 63.56 14.76
N TYR B 105 -15.45 64.27 15.87
CA TYR B 105 -16.42 65.35 15.97
C TYR B 105 -15.63 66.58 16.41
N PRO B 106 -15.69 67.64 15.60
CA PRO B 106 -16.44 67.73 14.34
C PRO B 106 -15.83 66.88 13.21
N ARG B 107 -16.60 66.64 12.14
CA ARG B 107 -16.11 65.87 11.01
C ARG B 107 -14.82 66.48 10.49
N PRO B 108 -13.83 65.64 10.16
CA PRO B 108 -12.51 66.05 9.66
C PRO B 108 -12.52 66.97 8.45
N ALA B 109 -11.65 67.98 8.52
CA ALA B 109 -11.54 68.96 7.43
C ALA B 109 -10.94 68.35 6.18
N SER B 110 -9.86 67.61 6.38
CA SER B 110 -9.09 66.93 5.33
C SER B 110 -9.50 65.48 5.15
N PRO B 111 -9.55 64.99 3.91
CA PRO B 111 -9.94 63.59 3.67
C PRO B 111 -9.02 62.65 4.43
N THR B 112 -9.61 61.91 5.35
CA THR B 112 -8.84 60.99 6.17
C THR B 112 -8.99 59.55 5.73
N PRO B 113 -7.95 58.75 5.96
CA PRO B 113 -7.93 57.34 5.60
C PRO B 113 -9.04 56.56 6.26
N VAL B 114 -9.75 55.78 5.46
CA VAL B 114 -10.84 54.95 5.94
C VAL B 114 -10.34 53.57 6.35
N LEU B 115 -11.02 52.99 7.36
CA LEU B 115 -10.73 51.66 7.88
C LEU B 115 -12.06 50.91 7.84
N ILE B 116 -12.09 49.78 7.14
CA ILE B 116 -13.33 49.03 7.05
C ILE B 116 -13.19 47.74 7.79
N TRP B 117 -14.11 47.50 8.71
CA TRP B 117 -14.05 46.32 9.53
C TRP B 117 -15.03 45.23 9.13
N ILE B 118 -14.47 44.03 8.95
CA ILE B 118 -15.27 42.87 8.62
C ILE B 118 -15.14 41.92 9.80
N TYR B 119 -16.26 41.72 10.48
CA TYR B 119 -16.33 40.89 11.67
C TYR B 119 -16.15 39.39 11.48
N GLY B 120 -15.72 38.73 12.57
CA GLY B 120 -15.49 37.29 12.58
C GLY B 120 -16.74 36.43 12.78
N GLY B 121 -16.56 35.21 13.29
CA GLY B 121 -17.70 34.36 13.54
C GLY B 121 -17.95 33.15 12.65
N GLY B 122 -16.89 32.62 12.04
CA GLY B 122 -17.06 31.44 11.19
C GLY B 122 -18.16 31.45 10.12
N PHE B 123 -18.47 32.63 9.57
CA PHE B 123 -19.49 32.74 8.53
C PHE B 123 -20.89 32.29 8.95
N TYR B 124 -21.04 31.87 10.21
CA TYR B 124 -22.35 31.45 10.70
C TYR B 124 -22.91 32.45 11.70
N SER B 125 -22.07 33.42 12.08
CA SER B 125 -22.44 34.44 13.05
C SER B 125 -21.61 35.73 13.03
N GLY B 126 -22.05 36.71 13.84
CA GLY B 126 -21.37 37.98 13.97
C GLY B 126 -22.30 39.20 13.77
N ALA B 127 -21.74 40.40 14.00
CA ALA B 127 -22.45 41.67 13.82
C ALA B 127 -21.52 42.82 14.15
N ALA B 128 -21.72 43.98 13.51
CA ALA B 128 -20.90 45.17 13.76
C ALA B 128 -21.40 45.89 15.02
N SER B 129 -22.57 45.47 15.49
CA SER B 129 -23.25 46.01 16.68
C SER B 129 -22.45 45.77 17.96
N LEU B 130 -21.63 44.71 17.96
CA LEU B 130 -20.83 44.30 19.12
C LEU B 130 -19.91 45.33 19.76
N ASP B 131 -19.89 45.31 21.09
CA ASP B 131 -19.13 46.25 21.90
C ASP B 131 -17.64 46.22 21.63
N VAL B 132 -17.13 45.08 21.18
CA VAL B 132 -15.69 45.00 20.89
C VAL B 132 -15.30 45.67 19.57
N TYR B 133 -16.29 45.85 18.69
CA TYR B 133 -16.07 46.47 17.39
C TYR B 133 -16.50 47.96 17.39
N ASP B 134 -16.26 48.64 18.51
CA ASP B 134 -16.63 50.04 18.66
C ASP B 134 -15.61 51.01 18.06
N GLY B 135 -16.07 51.72 17.03
CA GLY B 135 -15.22 52.67 16.35
C GLY B 135 -14.86 53.91 17.12
N ARG B 136 -15.69 54.28 18.09
CA ARG B 136 -15.47 55.52 18.86
C ARG B 136 -14.07 55.82 19.38
N PHE B 137 -13.32 54.80 19.78
CA PHE B 137 -12.00 55.08 20.32
C PHE B 137 -11.02 55.35 19.21
N LEU B 138 -11.10 54.53 18.17
CA LEU B 138 -10.22 54.66 17.02
C LEU B 138 -10.44 56.01 16.35
N ALA B 139 -11.73 56.33 16.23
CA ALA B 139 -12.21 57.59 15.63
C ALA B 139 -11.72 58.81 16.39
N GLN B 140 -11.98 58.83 17.70
CA GLN B 140 -11.61 59.95 18.56
C GLN B 140 -10.09 60.08 18.80
N VAL B 141 -9.41 59.00 19.18
CA VAL B 141 -7.98 59.04 19.45
C VAL B 141 -7.08 59.18 18.22
N GLU B 142 -7.38 58.40 17.19
CA GLU B 142 -6.57 58.42 15.97
C GLU B 142 -7.16 59.22 14.80
N GLY B 143 -8.38 59.68 14.98
CA GLY B 143 -9.04 60.49 13.98
C GLY B 143 -9.52 59.72 12.78
N ALA B 144 -9.54 58.40 12.89
CA ALA B 144 -9.94 57.56 11.78
C ALA B 144 -11.41 57.65 11.42
N VAL B 145 -11.71 57.23 10.20
CA VAL B 145 -13.09 57.17 9.74
C VAL B 145 -13.27 55.68 9.66
N LEU B 146 -14.07 55.16 10.57
CA LEU B 146 -14.26 53.73 10.63
C LEU B 146 -15.63 53.31 10.20
N VAL B 147 -15.64 52.43 9.22
CA VAL B 147 -16.87 51.89 8.69
C VAL B 147 -16.90 50.42 9.05
N SER B 148 -18.11 49.91 9.25
CA SER B 148 -18.27 48.50 9.57
C SER B 148 -19.65 48.10 9.09
N MET B 149 -19.73 46.97 8.41
CA MET B 149 -21.00 46.53 7.90
C MET B 149 -21.36 45.18 8.44
N ASN B 150 -22.64 44.91 8.25
CA ASN B 150 -23.26 43.66 8.60
C ASN B 150 -23.27 42.95 7.24
N TYR B 151 -23.11 41.64 7.24
CA TYR B 151 -23.16 40.87 6.00
C TYR B 151 -23.85 39.60 6.37
N ARG B 152 -24.63 39.05 5.46
CA ARG B 152 -25.35 37.82 5.75
C ARG B 152 -24.42 36.67 6.13
N VAL B 153 -24.91 35.82 7.03
CA VAL B 153 -24.13 34.69 7.51
C VAL B 153 -24.97 33.42 7.46
N GLY B 154 -24.31 32.28 7.67
CA GLY B 154 -24.99 30.99 7.64
C GLY B 154 -25.72 30.72 6.34
N THR B 155 -26.79 29.94 6.40
CA THR B 155 -27.57 29.63 5.21
C THR B 155 -27.99 30.85 4.38
N PHE B 156 -28.32 31.93 5.06
CA PHE B 156 -28.77 33.15 4.41
C PHE B 156 -27.74 33.80 3.53
N GLY B 157 -26.50 33.82 4.01
CA GLY B 157 -25.44 34.42 3.23
C GLY B 157 -24.52 33.46 2.48
N PHE B 158 -24.62 32.16 2.75
CA PHE B 158 -23.71 31.22 2.11
C PHE B 158 -24.18 29.91 1.55
N LEU B 159 -25.47 29.59 1.73
CA LEU B 159 -26.02 28.34 1.20
C LEU B 159 -25.94 28.47 -0.31
N ALA B 160 -25.30 27.48 -0.93
CA ALA B 160 -25.11 27.48 -2.36
C ALA B 160 -25.54 26.22 -3.08
N LEU B 161 -26.07 26.43 -4.28
CA LEU B 161 -26.47 25.38 -5.21
C LEU B 161 -25.73 25.93 -6.43
N PRO B 162 -24.37 25.85 -6.42
CA PRO B 162 -23.49 26.35 -7.48
C PRO B 162 -24.05 26.23 -8.89
N GLY B 163 -23.99 27.36 -9.60
CA GLY B 163 -24.50 27.39 -10.96
C GLY B 163 -25.96 27.78 -11.12
N SER B 164 -26.73 27.80 -10.04
CA SER B 164 -28.13 28.20 -10.16
C SER B 164 -28.21 29.72 -10.10
N ARG B 165 -29.40 30.24 -10.38
CA ARG B 165 -29.60 31.67 -10.39
C ARG B 165 -30.12 32.11 -9.03
N GLU B 166 -31.09 31.36 -8.51
CA GLU B 166 -31.71 31.69 -7.23
C GLU B 166 -30.89 31.46 -5.94
N ALA B 167 -29.75 30.77 -6.04
CA ALA B 167 -28.87 30.51 -4.90
C ALA B 167 -27.43 30.27 -5.39
N PRO B 168 -26.83 31.28 -5.99
CA PRO B 168 -25.47 31.18 -6.51
C PRO B 168 -24.36 31.00 -5.48
N GLY B 169 -24.66 31.34 -4.23
CA GLY B 169 -23.66 31.22 -3.18
C GLY B 169 -22.80 32.47 -3.07
N ASN B 170 -21.98 32.54 -2.02
CA ASN B 170 -21.09 33.68 -1.78
C ASN B 170 -21.75 35.05 -1.63
N VAL B 171 -23.09 35.09 -1.56
CA VAL B 171 -23.80 36.36 -1.43
C VAL B 171 -23.34 37.24 -0.24
N GLY B 172 -23.04 36.62 0.90
CA GLY B 172 -22.58 37.35 2.06
C GLY B 172 -21.31 38.11 1.71
N LEU B 173 -20.52 37.53 0.81
CA LEU B 173 -19.29 38.18 0.37
C LEU B 173 -19.63 39.36 -0.54
N LEU B 174 -20.74 39.22 -1.28
CA LEU B 174 -21.19 40.28 -2.16
C LEU B 174 -21.68 41.45 -1.31
N ASP B 175 -22.37 41.12 -0.21
CA ASP B 175 -22.88 42.11 0.74
C ASP B 175 -21.70 42.99 1.17
N GLN B 176 -20.62 42.35 1.57
CA GLN B 176 -19.46 43.09 1.99
C GLN B 176 -18.94 43.96 0.85
N ARG B 177 -18.94 43.41 -0.36
CA ARG B 177 -18.45 44.16 -1.51
C ARG B 177 -19.32 45.39 -1.74
N LEU B 178 -20.65 45.18 -1.71
CA LEU B 178 -21.63 46.26 -1.88
C LEU B 178 -21.33 47.34 -0.87
N ALA B 179 -21.05 46.94 0.38
CA ALA B 179 -20.72 47.90 1.42
C ALA B 179 -19.44 48.63 1.01
N LEU B 180 -18.49 47.86 0.48
CA LEU B 180 -17.23 48.42 0.03
C LEU B 180 -17.38 49.47 -1.07
N GLN B 181 -18.37 49.26 -1.94
CA GLN B 181 -18.66 50.16 -3.05
C GLN B 181 -19.28 51.41 -2.47
N TRP B 182 -20.27 51.20 -1.61
CA TRP B 182 -20.98 52.27 -0.95
C TRP B 182 -19.96 53.23 -0.34
N VAL B 183 -18.97 52.68 0.35
CA VAL B 183 -17.93 53.51 0.93
C VAL B 183 -17.26 54.30 -0.18
N GLN B 184 -16.83 53.59 -1.23
CA GLN B 184 -16.14 54.23 -2.36
C GLN B 184 -16.84 55.48 -2.82
N GLU B 185 -18.13 55.33 -3.04
CA GLU B 185 -18.95 56.42 -3.46
C GLU B 185 -19.07 57.42 -2.29
N ASN B 186 -20.03 57.12 -1.44
CA ASN B 186 -20.37 57.93 -0.28
C ASN B 186 -19.39 58.34 0.84
N ILE B 187 -18.28 57.66 1.05
CA ILE B 187 -17.42 58.02 2.18
C ILE B 187 -16.84 59.43 2.24
N ALA B 188 -16.76 60.09 1.09
CA ALA B 188 -16.21 61.43 1.05
C ALA B 188 -17.09 62.40 1.85
N ALA B 189 -18.39 62.15 1.79
CA ALA B 189 -19.39 62.96 2.50
C ALA B 189 -19.14 63.06 3.99
N PHE B 190 -18.48 62.06 4.56
CA PHE B 190 -18.20 62.02 5.98
C PHE B 190 -16.79 62.49 6.30
N GLY B 191 -15.98 62.76 5.29
CA GLY B 191 -14.63 63.22 5.55
C GLY B 191 -13.62 62.11 5.31
N GLY B 192 -14.12 60.97 4.82
CA GLY B 192 -13.28 59.83 4.50
C GLY B 192 -12.65 59.98 3.13
N ASP B 193 -11.51 59.34 2.92
CA ASP B 193 -10.79 59.39 1.63
C ASP B 193 -10.95 58.06 0.89
N PRO B 194 -11.70 58.05 -0.23
CA PRO B 194 -11.95 56.84 -1.03
C PRO B 194 -10.69 56.24 -1.62
N MET B 195 -9.63 57.04 -1.62
CA MET B 195 -8.32 56.65 -2.12
C MET B 195 -7.42 56.04 -1.04
N SER B 196 -7.96 55.77 0.15
CA SER B 196 -7.13 55.23 1.23
C SER B 196 -7.91 54.29 2.13
N VAL B 197 -8.66 53.40 1.49
CA VAL B 197 -9.45 52.41 2.20
C VAL B 197 -8.59 51.21 2.60
N THR B 198 -8.67 50.87 3.89
CA THR B 198 -7.93 49.76 4.45
C THR B 198 -8.92 48.81 5.11
N LEU B 199 -8.92 47.56 4.64
CA LEU B 199 -9.81 46.57 5.19
C LEU B 199 -9.13 45.83 6.34
N PHE B 200 -9.90 45.42 7.34
CA PHE B 200 -9.36 44.65 8.45
C PHE B 200 -10.43 43.76 9.08
N GLY B 201 -10.04 42.53 9.39
CA GLY B 201 -10.98 41.57 9.93
C GLY B 201 -10.27 40.57 10.82
N GLU B 202 -11.06 39.66 11.40
CA GLU B 202 -10.53 38.64 12.30
C GLU B 202 -11.31 37.34 12.05
N SER B 203 -10.63 36.19 12.13
CA SER B 203 -11.27 34.88 11.90
C SER B 203 -11.90 34.96 10.51
N ALA B 204 -13.17 34.57 10.39
CA ALA B 204 -13.89 34.62 9.11
C ALA B 204 -13.82 36.02 8.50
N GLY B 205 -13.61 37.03 9.34
CA GLY B 205 -13.51 38.40 8.87
C GLY B 205 -12.27 38.54 8.03
N ALA B 206 -11.16 38.03 8.54
CA ALA B 206 -9.88 38.10 7.84
C ALA B 206 -9.91 37.23 6.58
N ALA B 207 -10.64 36.11 6.64
CA ALA B 207 -10.79 35.23 5.50
C ALA B 207 -11.45 36.06 4.42
N SER B 208 -12.54 36.72 4.80
CA SER B 208 -13.30 37.56 3.89
C SER B 208 -12.42 38.63 3.25
N VAL B 209 -11.56 39.24 4.07
CA VAL B 209 -10.64 40.25 3.57
C VAL B 209 -9.82 39.58 2.46
N GLY B 210 -9.19 38.45 2.77
CA GLY B 210 -8.39 37.74 1.78
C GLY B 210 -9.16 37.49 0.48
N MET B 211 -10.41 37.05 0.61
CA MET B 211 -11.25 36.83 -0.55
C MET B 211 -11.36 38.09 -1.42
N HIS B 212 -11.42 39.26 -0.79
CA HIS B 212 -11.52 40.50 -1.56
C HIS B 212 -10.24 40.83 -2.26
N ILE B 213 -9.14 40.31 -1.73
CA ILE B 213 -7.85 40.52 -2.33
C ILE B 213 -7.76 39.61 -3.56
N LEU B 214 -8.34 38.42 -3.43
CA LEU B 214 -8.33 37.40 -4.49
C LEU B 214 -9.48 37.50 -5.50
N SER B 215 -10.34 38.51 -5.33
CA SER B 215 -11.43 38.67 -6.28
C SER B 215 -11.27 40.01 -6.92
N LEU B 216 -11.02 39.97 -8.23
CA LEU B 216 -10.76 41.16 -9.03
C LEU B 216 -11.65 42.39 -8.79
N PRO B 217 -12.98 42.23 -8.91
CA PRO B 217 -13.89 43.37 -8.68
C PRO B 217 -13.63 44.06 -7.33
N SER B 218 -13.61 43.27 -6.27
CA SER B 218 -13.37 43.78 -4.93
C SER B 218 -12.01 44.42 -4.78
N ARG B 219 -11.04 43.98 -5.56
CA ARG B 219 -9.71 44.52 -5.43
C ARG B 219 -9.54 46.03 -5.74
N SER B 220 -10.48 46.59 -6.49
CA SER B 220 -10.42 48.00 -6.87
C SER B 220 -11.25 48.89 -5.98
N LEU B 221 -11.53 48.41 -4.77
CA LEU B 221 -12.35 49.14 -3.80
C LEU B 221 -11.61 49.38 -2.48
N PHE B 222 -10.33 49.01 -2.44
CA PHE B 222 -9.47 49.19 -1.28
C PHE B 222 -8.01 49.13 -1.71
N HIS B 223 -7.11 49.47 -0.80
CA HIS B 223 -5.70 49.56 -1.13
C HIS B 223 -4.79 48.79 -0.21
N ARG B 224 -5.22 48.64 1.03
CA ARG B 224 -4.44 47.91 2.03
C ARG B 224 -5.33 46.92 2.74
N ALA B 225 -4.72 45.99 3.45
CA ALA B 225 -5.50 44.98 4.18
C ALA B 225 -4.77 44.43 5.39
N VAL B 226 -5.58 44.03 6.36
CA VAL B 226 -5.07 43.45 7.59
C VAL B 226 -5.85 42.18 7.85
N LEU B 227 -5.14 41.06 7.95
CA LEU B 227 -5.79 39.79 8.22
C LEU B 227 -5.33 39.33 9.58
N GLN B 228 -6.25 39.41 10.54
CA GLN B 228 -5.97 39.02 11.92
C GLN B 228 -6.57 37.64 12.20
N SER B 229 -5.69 36.70 12.55
CA SER B 229 -6.09 35.33 12.87
C SER B 229 -7.12 34.75 11.89
N GLY B 230 -6.81 34.80 10.59
CA GLY B 230 -7.70 34.26 9.57
C GLY B 230 -7.11 34.38 8.17
N THR B 231 -7.53 33.50 7.25
CA THR B 231 -7.03 33.50 5.86
C THR B 231 -8.07 32.96 4.86
N PRO B 232 -7.91 33.30 3.56
CA PRO B 232 -8.84 32.83 2.52
C PRO B 232 -8.55 31.37 2.27
N ASN B 233 -7.26 31.05 2.33
CA ASN B 233 -6.79 29.69 2.16
C ASN B 233 -6.96 29.03 3.51
N GLY B 234 -6.65 27.74 3.59
CA GLY B 234 -6.81 27.09 4.87
C GLY B 234 -7.92 26.08 4.77
N PRO B 235 -8.01 25.16 5.74
CA PRO B 235 -9.01 24.09 5.81
C PRO B 235 -10.48 24.42 6.04
N TRP B 236 -10.78 25.58 6.64
CA TRP B 236 -12.17 25.91 6.98
C TRP B 236 -12.83 27.04 6.22
N ALA B 237 -12.02 27.98 5.73
CA ALA B 237 -12.53 29.16 5.01
C ALA B 237 -13.38 28.97 3.75
N THR B 238 -13.22 27.84 3.05
CA THR B 238 -13.96 27.60 1.80
C THR B 238 -14.39 26.15 1.59
N VAL B 239 -15.34 25.97 0.67
CA VAL B 239 -15.78 24.61 0.33
C VAL B 239 -15.87 24.40 -1.17
N SER B 240 -15.74 23.15 -1.58
CA SER B 240 -15.86 22.81 -3.00
C SER B 240 -17.29 23.14 -3.40
N ALA B 241 -17.51 23.24 -4.71
CA ALA B 241 -18.81 23.54 -5.23
C ALA B 241 -19.70 22.32 -5.05
N GLY B 242 -19.09 21.14 -5.12
CA GLY B 242 -19.82 19.89 -4.98
C GLY B 242 -20.27 19.67 -3.54
N GLU B 243 -19.40 20.04 -2.61
CA GLU B 243 -19.68 19.92 -1.18
C GLU B 243 -20.78 20.93 -0.83
N ALA B 244 -20.57 22.18 -1.24
CA ALA B 244 -21.53 23.25 -1.01
C ALA B 244 -22.92 22.77 -1.41
N ARG B 245 -22.97 22.05 -2.52
CA ARG B 245 -24.22 21.51 -3.03
C ARG B 245 -24.72 20.30 -2.23
N ARG B 246 -23.79 19.47 -1.76
CA ARG B 246 -24.12 18.26 -0.98
C ARG B 246 -24.93 18.72 0.21
N ARG B 247 -24.34 19.68 0.92
CA ARG B 247 -24.87 20.27 2.14
C ARG B 247 -26.20 20.99 1.94
N ALA B 248 -26.22 21.89 0.96
CA ALA B 248 -27.40 22.67 0.66
C ALA B 248 -28.57 21.77 0.37
N THR B 249 -28.30 20.74 -0.41
CA THR B 249 -29.34 19.80 -0.78
C THR B 249 -29.81 19.01 0.43
N LEU B 250 -28.86 18.68 1.29
CA LEU B 250 -29.12 17.92 2.52
C LEU B 250 -30.00 18.75 3.44
N LEU B 251 -29.51 19.94 3.79
CA LEU B 251 -30.25 20.85 4.64
C LEU B 251 -31.66 21.07 4.11
N ALA B 252 -31.77 21.25 2.80
CA ALA B 252 -33.07 21.44 2.19
C ALA B 252 -33.97 20.27 2.52
N ARG B 253 -33.43 19.07 2.40
CA ARG B 253 -34.16 17.85 2.67
C ARG B 253 -34.52 17.77 4.14
N LEU B 254 -33.59 18.23 4.99
CA LEU B 254 -33.80 18.21 6.44
C LEU B 254 -34.96 19.09 6.88
N VAL B 255 -35.33 20.07 6.05
CA VAL B 255 -36.45 20.94 6.41
C VAL B 255 -37.67 20.65 5.53
N GLY B 256 -37.71 19.47 4.91
CA GLY B 256 -38.85 19.09 4.09
C GLY B 256 -38.86 19.55 2.65
N CYS B 257 -37.70 19.79 2.03
CA CYS B 257 -37.67 20.22 0.64
C CYS B 257 -37.09 19.20 -0.35
N ASN B 265 -34.51 19.50 -9.23
CA ASN B 265 -34.78 20.83 -9.85
C ASN B 265 -34.41 21.98 -8.88
N ASP B 266 -33.23 22.55 -9.07
CA ASP B 266 -32.72 23.64 -8.22
C ASP B 266 -33.67 24.78 -7.96
N THR B 267 -34.39 25.20 -8.97
CA THR B 267 -35.30 26.31 -8.81
C THR B 267 -36.36 25.99 -7.78
N GLU B 268 -37.06 24.88 -8.01
CA GLU B 268 -38.13 24.40 -7.15
C GLU B 268 -37.67 24.09 -5.72
N LEU B 269 -36.37 23.77 -5.57
CA LEU B 269 -35.80 23.47 -4.27
C LEU B 269 -35.63 24.77 -3.49
N ILE B 270 -34.97 25.74 -4.12
CA ILE B 270 -34.73 27.05 -3.49
C ILE B 270 -36.06 27.71 -3.15
N ALA B 271 -37.06 27.51 -4.01
CA ALA B 271 -38.37 28.08 -3.79
C ALA B 271 -38.91 27.56 -2.47
N CYS B 272 -38.74 26.26 -2.26
CA CYS B 272 -39.21 25.64 -1.02
C CYS B 272 -38.44 26.19 0.18
N LEU B 273 -37.11 26.26 0.05
CA LEU B 273 -36.29 26.79 1.13
C LEU B 273 -36.65 28.22 1.49
N ARG B 274 -37.20 28.95 0.53
CA ARG B 274 -37.55 30.33 0.78
C ARG B 274 -38.84 30.53 1.57
N THR B 275 -39.62 29.45 1.68
CA THR B 275 -40.87 29.45 2.45
C THR B 275 -40.57 29.04 3.92
N ARG B 276 -39.38 28.51 4.17
CA ARG B 276 -39.02 28.10 5.53
C ARG B 276 -38.68 29.29 6.46
N PRO B 277 -39.23 29.29 7.68
CA PRO B 277 -39.00 30.33 8.68
C PRO B 277 -37.49 30.42 8.90
N ALA B 278 -36.97 31.62 9.04
CA ALA B 278 -35.53 31.76 9.22
C ALA B 278 -34.93 30.87 10.33
N GLN B 279 -35.65 30.64 11.41
CA GLN B 279 -35.11 29.82 12.51
C GLN B 279 -35.06 28.37 12.15
N ASP B 280 -36.04 27.91 11.35
CA ASP B 280 -36.09 26.53 10.91
C ASP B 280 -34.72 26.16 10.26
N LEU B 281 -34.19 27.11 9.52
CA LEU B 281 -32.90 26.96 8.86
C LEU B 281 -31.74 26.98 9.87
N VAL B 282 -31.68 28.03 10.68
CA VAL B 282 -30.62 28.13 11.68
C VAL B 282 -30.55 26.86 12.57
N ASP B 283 -31.72 26.34 12.92
CA ASP B 283 -31.84 25.16 13.74
C ASP B 283 -31.15 23.94 13.13
N HIS B 284 -31.22 23.84 11.81
CA HIS B 284 -30.64 22.71 11.09
C HIS B 284 -29.32 22.94 10.39
N GLU B 285 -28.82 24.16 10.42
CA GLU B 285 -27.59 24.44 9.72
C GLU B 285 -26.39 23.60 10.12
N TRP B 286 -26.38 23.08 11.35
CA TRP B 286 -25.25 22.28 11.80
C TRP B 286 -25.34 20.78 11.48
N HIS B 287 -26.54 20.31 11.14
CA HIS B 287 -26.76 18.90 10.86
C HIS B 287 -26.11 18.40 9.58
N VAL B 288 -25.73 19.35 8.72
CA VAL B 288 -25.12 19.01 7.44
C VAL B 288 -23.63 18.71 7.44
N LEU B 289 -22.90 19.08 8.49
CA LEU B 289 -21.47 18.73 8.52
C LEU B 289 -21.33 17.22 8.28
N PRO B 290 -20.31 16.83 7.51
CA PRO B 290 -20.03 15.45 7.14
C PRO B 290 -19.32 14.61 8.18
N GLN B 291 -18.55 15.27 9.05
CA GLN B 291 -17.79 14.56 10.06
C GLN B 291 -17.73 15.29 11.40
N GLU B 292 -17.42 14.51 12.44
CA GLU B 292 -17.26 14.96 13.83
C GLU B 292 -16.02 15.86 13.82
N SER B 293 -16.23 17.17 13.91
CA SER B 293 -15.11 18.10 13.83
C SER B 293 -15.24 19.31 14.71
N ILE B 294 -14.22 20.17 14.64
CA ILE B 294 -14.23 21.44 15.32
C ILE B 294 -13.50 22.38 14.39
N PHE B 295 -13.87 23.67 14.42
CA PHE B 295 -13.26 24.66 13.55
C PHE B 295 -13.53 24.31 12.08
N ARG B 296 -14.73 23.84 11.84
CA ARG B 296 -15.19 23.45 10.52
C ARG B 296 -16.68 23.87 10.55
N PHE B 297 -17.04 24.81 9.66
CA PHE B 297 -18.40 25.38 9.59
C PHE B 297 -19.24 24.96 8.40
N SER B 298 -20.55 24.79 8.63
CA SER B 298 -21.47 24.34 7.58
C SER B 298 -21.57 25.13 6.28
N PHE B 299 -21.92 26.41 6.37
CA PHE B 299 -22.06 27.21 5.17
C PHE B 299 -21.07 28.37 5.08
N VAL B 300 -20.04 28.16 4.28
CA VAL B 300 -19.00 29.15 4.09
C VAL B 300 -18.87 29.42 2.60
N PRO B 301 -17.91 30.28 2.20
CA PRO B 301 -17.70 30.61 0.79
C PRO B 301 -17.32 29.42 -0.08
N VAL B 302 -18.09 29.26 -1.15
CA VAL B 302 -17.91 28.18 -2.10
C VAL B 302 -16.99 28.67 -3.21
N VAL B 303 -16.18 27.76 -3.76
CA VAL B 303 -15.30 28.09 -4.88
C VAL B 303 -16.15 27.87 -6.13
N ASP B 304 -16.79 28.94 -6.59
CA ASP B 304 -17.70 28.93 -7.73
C ASP B 304 -17.08 29.23 -9.07
N GLY B 305 -15.82 29.64 -9.07
CA GLY B 305 -15.17 29.99 -10.32
C GLY B 305 -15.74 31.30 -10.83
N ASP B 306 -16.26 32.08 -9.90
CA ASP B 306 -16.85 33.37 -10.20
C ASP B 306 -16.26 34.36 -9.21
N PHE B 307 -16.76 34.38 -7.96
CA PHE B 307 -16.23 35.30 -6.97
C PHE B 307 -14.78 34.85 -6.80
N LEU B 308 -14.63 33.54 -6.71
CA LEU B 308 -13.33 32.92 -6.57
C LEU B 308 -13.15 32.15 -7.86
N SER B 309 -12.27 32.66 -8.73
CA SER B 309 -12.00 32.04 -10.02
C SER B 309 -11.44 30.65 -9.83
N ASP B 310 -10.54 30.50 -8.87
CA ASP B 310 -9.93 29.21 -8.56
C ASP B 310 -9.90 29.13 -7.03
N THR B 311 -9.18 28.15 -6.48
CA THR B 311 -9.11 28.01 -5.05
C THR B 311 -8.16 29.08 -4.54
N PRO B 312 -8.32 29.48 -3.27
CA PRO B 312 -7.45 30.49 -2.67
C PRO B 312 -5.99 30.02 -2.71
N GLU B 313 -5.81 28.69 -2.61
CA GLU B 313 -4.49 28.07 -2.66
C GLU B 313 -3.91 28.36 -4.03
N ALA B 314 -4.71 28.06 -5.06
CA ALA B 314 -4.31 28.31 -6.43
C ALA B 314 -3.95 29.79 -6.57
N LEU B 315 -4.94 30.63 -6.28
CA LEU B 315 -4.80 32.08 -6.39
C LEU B 315 -3.64 32.74 -5.68
N ILE B 316 -3.30 32.32 -4.48
CA ILE B 316 -2.19 32.97 -3.78
C ILE B 316 -0.85 32.49 -4.28
N ASN B 317 -0.87 31.43 -5.08
CA ASN B 317 0.35 30.86 -5.63
C ASN B 317 0.67 31.45 -7.00
N THR B 318 -0.37 31.98 -7.64
CA THR B 318 -0.23 32.53 -8.98
C THR B 318 -0.99 33.84 -9.11
N GLY B 319 -0.51 34.87 -8.45
CA GLY B 319 -1.19 36.15 -8.54
C GLY B 319 -0.19 37.27 -8.44
N ASP B 320 -0.57 38.45 -8.90
CA ASP B 320 0.34 39.58 -8.79
C ASP B 320 -0.09 40.44 -7.63
N PHE B 321 0.81 40.63 -6.68
CA PHE B 321 0.49 41.40 -5.49
C PHE B 321 1.51 42.51 -5.20
N GLN B 322 2.08 43.15 -6.22
CA GLN B 322 3.08 44.19 -5.96
C GLN B 322 2.54 45.47 -5.37
N ASP B 323 1.33 45.81 -5.78
CA ASP B 323 0.62 47.02 -5.35
C ASP B 323 -0.10 46.86 -4.01
N LEU B 324 0.22 45.80 -3.28
CA LEU B 324 -0.41 45.50 -2.01
C LEU B 324 0.47 45.57 -0.80
N GLN B 325 -0.09 46.11 0.28
CA GLN B 325 0.59 46.15 1.57
C GLN B 325 -0.36 45.36 2.47
N VAL B 326 0.18 44.38 3.18
CA VAL B 326 -0.64 43.55 4.04
C VAL B 326 -0.08 43.38 5.45
N LEU B 327 -0.99 43.41 6.43
CA LEU B 327 -0.61 43.19 7.83
C LEU B 327 -1.33 41.92 8.25
N VAL B 328 -0.57 40.91 8.59
CA VAL B 328 -1.12 39.64 9.02
C VAL B 328 -0.52 39.24 10.34
N GLY B 329 -1.34 38.57 11.13
CA GLY B 329 -0.88 38.15 12.43
C GLY B 329 -1.75 37.09 13.06
N VAL B 330 -1.38 36.78 14.30
CA VAL B 330 -2.04 35.70 14.98
C VAL B 330 -1.84 35.83 16.49
N VAL B 331 -2.80 35.34 17.29
CA VAL B 331 -2.67 35.36 18.75
C VAL B 331 -2.00 34.09 19.22
N LYS B 332 -1.37 34.20 20.37
CA LYS B 332 -0.61 33.10 20.98
C LYS B 332 -1.29 31.75 21.20
N ASP B 333 -2.59 31.70 21.45
CA ASP B 333 -3.24 30.40 21.69
C ASP B 333 -4.52 30.22 20.86
N GLU B 334 -4.32 30.16 19.56
CA GLU B 334 -5.44 30.07 18.62
C GLU B 334 -6.38 28.87 18.76
N GLY B 335 -5.85 27.76 19.26
CA GLY B 335 -6.67 26.56 19.36
C GLY B 335 -7.65 26.39 20.49
N SER B 336 -7.21 26.74 21.69
CA SER B 336 -7.99 26.61 22.92
C SER B 336 -9.49 26.81 22.79
N TYR B 337 -9.92 28.04 22.53
CA TYR B 337 -11.32 28.38 22.40
C TYR B 337 -12.20 27.22 21.84
N PHE B 338 -11.69 26.55 20.82
CA PHE B 338 -12.41 25.48 20.13
C PHE B 338 -12.48 24.12 20.77
N LEU B 339 -11.49 23.81 21.60
CA LEU B 339 -11.42 22.51 22.25
C LEU B 339 -12.67 22.29 23.09
N VAL B 340 -13.01 23.38 23.75
CA VAL B 340 -14.16 23.46 24.62
C VAL B 340 -15.45 23.09 23.91
N TYR B 341 -15.46 23.25 22.59
CA TYR B 341 -16.65 22.97 21.79
C TYR B 341 -16.86 21.58 21.28
N GLY B 342 -15.81 20.77 21.24
CA GLY B 342 -16.01 19.42 20.73
C GLY B 342 -15.04 18.34 21.12
N VAL B 343 -13.89 18.71 21.66
CA VAL B 343 -12.91 17.73 22.05
C VAL B 343 -13.11 17.35 23.50
N PRO B 344 -13.47 16.08 23.75
CA PRO B 344 -13.71 15.50 25.07
C PRO B 344 -12.51 15.66 25.98
N GLY B 345 -12.77 16.17 27.18
CA GLY B 345 -11.71 16.40 28.15
C GLY B 345 -11.40 17.87 28.36
N PHE B 346 -12.05 18.72 27.56
CA PHE B 346 -11.85 20.16 27.66
C PHE B 346 -13.09 20.90 28.13
N SER B 347 -12.86 21.73 29.14
CA SER B 347 -13.90 22.56 29.76
C SER B 347 -13.23 23.84 30.23
N LYS B 348 -14.01 24.92 30.29
CA LYS B 348 -13.50 26.23 30.72
C LYS B 348 -13.34 26.26 32.22
N ASP B 349 -14.07 25.35 32.86
CA ASP B 349 -14.14 25.21 34.30
C ASP B 349 -12.96 24.56 35.02
N ASN B 350 -12.41 23.49 34.47
CA ASN B 350 -11.25 22.86 35.10
C ASN B 350 -9.97 23.24 34.37
N GLU B 351 -8.93 22.46 34.56
CA GLU B 351 -7.65 22.74 33.89
C GLU B 351 -7.45 21.91 32.64
N SER B 352 -8.47 21.14 32.30
CA SER B 352 -8.45 20.29 31.12
C SER B 352 -7.13 19.55 30.88
N LEU B 353 -6.69 18.73 31.85
CA LEU B 353 -5.49 17.93 31.68
C LEU B 353 -6.04 16.64 31.10
N ILE B 354 -5.65 16.27 29.89
CA ILE B 354 -6.20 15.04 29.32
C ILE B 354 -5.26 13.85 29.24
N SER B 355 -5.86 12.69 28.97
CA SER B 355 -5.12 11.46 28.83
C SER B 355 -4.70 11.32 27.40
N ARG B 356 -3.63 10.57 27.17
CA ARG B 356 -3.17 10.35 25.81
C ARG B 356 -4.29 9.82 24.92
N ALA B 357 -5.21 9.05 25.49
CA ALA B 357 -6.33 8.51 24.71
C ALA B 357 -7.20 9.62 24.13
N GLN B 358 -7.44 10.65 24.93
CA GLN B 358 -8.26 11.78 24.52
C GLN B 358 -7.53 12.61 23.52
N PHE B 359 -6.22 12.77 23.73
CA PHE B 359 -5.38 13.52 22.81
C PHE B 359 -5.47 12.84 21.45
N LEU B 360 -5.34 11.52 21.46
CA LEU B 360 -5.43 10.77 20.24
C LEU B 360 -6.79 10.93 19.59
N ALA B 361 -7.87 10.70 20.33
CA ALA B 361 -9.20 10.82 19.73
C ALA B 361 -9.54 12.24 19.32
N GLY B 362 -8.83 13.20 19.91
CA GLY B 362 -9.07 14.60 19.63
C GLY B 362 -8.40 15.10 18.38
N VAL B 363 -7.30 14.46 18.00
CA VAL B 363 -6.61 14.84 16.77
C VAL B 363 -7.51 14.50 15.58
N ARG B 364 -8.31 13.45 15.73
CA ARG B 364 -9.23 13.04 14.66
C ARG B 364 -10.43 14.01 14.62
N ILE B 365 -10.62 14.74 15.71
CA ILE B 365 -11.71 15.70 15.79
C ILE B 365 -11.20 16.97 15.16
N GLY B 366 -9.96 17.32 15.51
CA GLY B 366 -9.29 18.50 15.03
C GLY B 366 -8.89 18.48 13.56
N VAL B 367 -8.56 17.30 13.04
CA VAL B 367 -8.16 17.12 11.64
C VAL B 367 -9.06 15.99 11.14
N PRO B 368 -10.35 16.30 10.99
CA PRO B 368 -11.38 15.36 10.54
C PRO B 368 -11.15 14.72 9.19
N GLN B 369 -10.41 15.43 8.35
CA GLN B 369 -10.12 14.98 7.00
C GLN B 369 -8.95 14.01 6.93
N ALA B 370 -8.22 13.88 8.04
CA ALA B 370 -7.06 13.02 8.09
C ALA B 370 -7.37 11.53 8.03
N SER B 371 -6.40 10.79 7.51
CA SER B 371 -6.47 9.34 7.42
C SER B 371 -5.67 8.88 8.64
N ASP B 372 -5.84 7.64 9.05
CA ASP B 372 -5.15 7.13 10.22
C ASP B 372 -3.66 7.42 10.16
N LEU B 373 -3.10 7.33 8.96
CA LEU B 373 -1.68 7.58 8.82
C LEU B 373 -1.37 9.05 8.98
N ALA B 374 -2.17 9.90 8.34
CA ALA B 374 -1.96 11.34 8.43
C ALA B 374 -2.03 11.70 9.90
N ALA B 375 -3.07 11.20 10.56
CA ALA B 375 -3.26 11.44 12.00
C ALA B 375 -2.02 11.06 12.77
N GLU B 376 -1.57 9.83 12.56
CA GLU B 376 -0.39 9.35 13.23
C GLU B 376 0.82 10.22 12.96
N ALA B 377 0.84 10.84 11.79
CA ALA B 377 1.93 11.72 11.43
C ALA B 377 1.84 12.94 12.32
N VAL B 378 0.61 13.42 12.51
CA VAL B 378 0.32 14.57 13.35
C VAL B 378 0.68 14.27 14.79
N VAL B 379 0.22 13.12 15.27
CA VAL B 379 0.48 12.69 16.64
C VAL B 379 1.97 12.64 16.91
N LEU B 380 2.70 12.00 15.99
CA LEU B 380 4.14 11.90 16.13
C LEU B 380 4.77 13.29 16.29
N HIS B 381 4.32 14.25 15.49
CA HIS B 381 4.88 15.60 15.55
C HIS B 381 4.65 16.35 16.86
N TYR B 382 3.41 16.29 17.32
CA TYR B 382 2.98 16.96 18.53
C TYR B 382 3.18 16.21 19.84
N THR B 383 3.85 15.07 19.80
CA THR B 383 4.10 14.35 21.03
C THR B 383 5.50 14.63 21.58
N ASP B 384 5.61 14.64 22.90
CA ASP B 384 6.89 14.81 23.58
C ASP B 384 7.16 13.39 23.96
N TRP B 385 8.07 12.77 23.23
CA TRP B 385 8.38 11.36 23.44
C TRP B 385 9.10 11.01 24.73
N LEU B 386 9.52 12.04 25.45
CA LEU B 386 10.21 11.86 26.72
C LEU B 386 9.17 11.68 27.84
N HIS B 387 8.00 12.30 27.65
CA HIS B 387 6.87 12.26 28.58
C HIS B 387 5.61 12.26 27.71
N PRO B 388 5.45 11.23 26.88
CA PRO B 388 4.28 11.13 25.99
C PRO B 388 2.96 11.00 26.72
N GLU B 389 3.03 10.93 28.04
CA GLU B 389 1.85 10.76 28.86
C GLU B 389 1.42 11.99 29.67
N ASP B 390 2.32 12.96 29.83
CA ASP B 390 2.06 14.20 30.59
C ASP B 390 0.83 14.94 30.03
N PRO B 391 -0.25 15.01 30.84
CA PRO B 391 -1.53 15.66 30.49
C PRO B 391 -1.40 17.15 30.22
N THR B 392 -0.46 17.80 30.89
CA THR B 392 -0.24 19.21 30.69
C THR B 392 0.22 19.43 29.26
N HIS B 393 1.34 18.78 28.91
CA HIS B 393 1.86 18.89 27.56
C HIS B 393 0.82 18.43 26.54
N LEU B 394 0.11 17.34 26.84
CA LEU B 394 -0.92 16.82 25.94
C LEU B 394 -2.03 17.84 25.68
N ARG B 395 -2.47 18.52 26.73
CA ARG B 395 -3.51 19.53 26.63
C ARG B 395 -3.01 20.67 25.72
N ASP B 396 -1.87 21.25 26.11
CA ASP B 396 -1.27 22.34 25.35
C ASP B 396 -1.09 21.97 23.87
N ALA B 397 -0.66 20.73 23.64
CA ALA B 397 -0.42 20.22 22.32
C ALA B 397 -1.70 20.12 21.50
N MET B 398 -2.77 19.62 22.10
CA MET B 398 -4.02 19.50 21.36
C MET B 398 -4.47 20.88 20.90
N SER B 399 -4.20 21.90 21.71
CA SER B 399 -4.58 23.26 21.38
C SER B 399 -3.73 23.71 20.18
N ALA B 400 -2.44 23.39 20.18
CA ALA B 400 -1.55 23.77 19.07
C ALA B 400 -1.94 23.10 17.74
N VAL B 401 -2.35 21.85 17.82
CA VAL B 401 -2.76 21.16 16.62
C VAL B 401 -3.85 21.99 15.95
N VAL B 402 -4.88 22.36 16.72
CA VAL B 402 -5.98 23.12 16.16
C VAL B 402 -5.63 24.56 15.75
N GLY B 403 -4.71 25.16 16.48
CA GLY B 403 -4.32 26.51 16.16
C GLY B 403 -3.42 26.57 14.95
N ASP B 404 -2.47 25.65 14.91
CA ASP B 404 -1.52 25.58 13.82
C ASP B 404 -2.20 25.14 12.52
N HIS B 405 -2.99 24.10 12.60
CA HIS B 405 -3.67 23.61 11.43
C HIS B 405 -4.63 24.60 10.80
N ASN B 406 -5.50 25.19 11.61
CA ASN B 406 -6.51 26.11 11.14
C ASN B 406 -6.15 27.60 10.98
N VAL B 407 -5.16 28.06 11.74
CA VAL B 407 -4.83 29.46 11.67
C VAL B 407 -3.36 29.79 11.47
N VAL B 408 -2.53 29.44 12.45
CA VAL B 408 -1.11 29.79 12.36
C VAL B 408 -0.38 29.41 11.09
N CYS B 409 -0.52 28.16 10.66
CA CYS B 409 0.17 27.75 9.46
C CYS B 409 -0.43 28.35 8.19
N PRO B 410 -1.77 28.33 8.05
CA PRO B 410 -2.36 28.93 6.85
C PRO B 410 -1.93 30.40 6.73
N VAL B 411 -1.73 31.05 7.87
CA VAL B 411 -1.28 32.44 7.88
C VAL B 411 0.14 32.52 7.36
N ALA B 412 1.00 31.66 7.90
CA ALA B 412 2.40 31.63 7.49
C ALA B 412 2.48 31.35 5.97
N GLN B 413 1.61 30.47 5.49
CA GLN B 413 1.55 30.11 4.07
C GLN B 413 1.24 31.38 3.28
N LEU B 414 0.12 32.01 3.63
CA LEU B 414 -0.31 33.23 2.98
C LEU B 414 0.73 34.34 3.07
N ALA B 415 1.39 34.47 4.21
CA ALA B 415 2.41 35.50 4.36
C ALA B 415 3.54 35.25 3.35
N GLY B 416 3.97 33.99 3.27
CA GLY B 416 5.03 33.62 2.34
C GLY B 416 4.66 33.84 0.89
N ARG B 417 3.49 33.35 0.49
CA ARG B 417 3.03 33.49 -0.89
C ARG B 417 2.87 34.94 -1.29
N LEU B 418 2.27 35.74 -0.41
CA LEU B 418 2.05 37.14 -0.69
C LEU B 418 3.37 37.86 -0.83
N ALA B 419 4.24 37.64 0.13
CA ALA B 419 5.56 38.25 0.17
C ALA B 419 6.35 37.87 -1.09
N ALA B 420 6.29 36.59 -1.42
CA ALA B 420 6.98 36.01 -2.57
C ALA B 420 6.55 36.62 -3.88
N GLN B 421 5.25 36.89 -4.00
CA GLN B 421 4.70 37.44 -5.20
C GLN B 421 4.48 38.95 -5.25
N GLY B 422 5.46 39.69 -4.72
CA GLY B 422 5.43 41.15 -4.77
C GLY B 422 4.91 41.99 -3.63
N ALA B 423 3.98 41.44 -2.85
CA ALA B 423 3.38 42.16 -1.73
C ALA B 423 4.33 42.56 -0.62
N ARG B 424 3.96 43.61 0.10
CA ARG B 424 4.74 44.09 1.24
C ARG B 424 3.99 43.61 2.45
N VAL B 425 4.55 42.62 3.14
CA VAL B 425 3.89 42.04 4.27
C VAL B 425 4.49 42.41 5.62
N TYR B 426 3.61 42.55 6.62
CA TYR B 426 4.01 42.83 8.00
C TYR B 426 3.35 41.73 8.84
N ALA B 427 4.12 41.08 9.70
CA ALA B 427 3.56 40.00 10.51
C ALA B 427 3.80 40.17 11.98
N TYR B 428 2.87 39.61 12.75
CA TYR B 428 2.94 39.71 14.20
C TYR B 428 2.33 38.51 14.87
N ILE B 429 2.59 38.44 16.17
CA ILE B 429 2.03 37.41 17.01
C ILE B 429 1.62 38.15 18.28
N PHE B 430 0.33 38.10 18.55
CA PHE B 430 -0.25 38.78 19.69
C PHE B 430 -0.09 37.93 20.92
N GLU B 431 0.66 38.42 21.90
CA GLU B 431 0.92 37.64 23.12
C GLU B 431 0.37 38.09 24.47
N HIS B 432 -0.34 39.20 24.52
CA HIS B 432 -0.86 39.66 25.80
C HIS B 432 -2.24 39.08 26.18
N ARG B 433 -2.38 38.74 27.45
CA ARG B 433 -3.65 38.21 27.95
C ARG B 433 -4.40 39.31 28.69
N ALA B 434 -5.59 39.65 28.22
CA ALA B 434 -6.39 40.70 28.85
C ALA B 434 -6.59 40.38 30.32
N SER B 435 -6.20 41.33 31.15
CA SER B 435 -6.33 41.18 32.59
C SER B 435 -7.78 40.86 32.99
N THR B 436 -8.70 41.40 32.21
CA THR B 436 -10.14 41.24 32.41
C THR B 436 -10.70 39.97 31.80
N LEU B 437 -9.81 39.11 31.33
CA LEU B 437 -10.24 37.90 30.65
C LEU B 437 -10.95 36.88 31.51
N THR B 438 -12.10 36.46 31.03
CA THR B 438 -12.94 35.49 31.71
C THR B 438 -12.74 34.03 31.33
N TRP B 439 -11.86 33.74 30.39
CA TRP B 439 -11.63 32.34 30.02
C TRP B 439 -10.51 31.80 30.90
N PRO B 440 -10.57 30.50 31.23
CA PRO B 440 -9.54 29.87 32.07
C PRO B 440 -8.15 30.21 31.65
N LEU B 441 -7.25 30.31 32.63
CA LEU B 441 -5.86 30.66 32.37
C LEU B 441 -5.14 29.65 31.45
N TRP B 442 -5.68 28.43 31.37
CA TRP B 442 -5.06 27.42 30.51
C TRP B 442 -5.21 27.74 29.04
N MET B 443 -6.29 28.45 28.68
CA MET B 443 -6.53 28.84 27.28
C MET B 443 -5.60 29.94 26.77
N GLY B 444 -4.78 30.52 27.66
CA GLY B 444 -3.83 31.57 27.29
C GLY B 444 -4.48 32.77 26.62
N VAL B 445 -3.98 33.16 25.44
CA VAL B 445 -4.55 34.26 24.67
C VAL B 445 -5.37 33.62 23.54
N PRO B 446 -6.67 33.35 23.76
CA PRO B 446 -7.42 32.73 22.67
C PRO B 446 -7.81 33.56 21.46
N HIS B 447 -8.44 32.86 20.52
CA HIS B 447 -8.91 33.39 19.26
C HIS B 447 -9.90 34.56 19.46
N GLY B 448 -9.47 35.76 19.10
CA GLY B 448 -10.34 36.93 19.21
C GLY B 448 -10.03 37.94 20.31
N TYR B 449 -9.16 37.56 21.23
CA TYR B 449 -8.88 38.44 22.35
C TYR B 449 -7.78 39.45 22.17
N GLU B 450 -7.72 39.94 20.94
CA GLU B 450 -6.76 40.97 20.57
C GLU B 450 -7.60 42.14 20.10
N ILE B 451 -8.77 41.81 19.56
CA ILE B 451 -9.68 42.78 18.98
C ILE B 451 -9.90 43.97 19.88
N GLU B 452 -10.32 43.67 21.10
CA GLU B 452 -10.61 44.69 22.07
C GLU B 452 -9.48 45.67 22.32
N PHE B 453 -8.26 45.27 22.00
CA PHE B 453 -7.14 46.16 22.21
C PHE B 453 -6.95 47.05 21.01
N ILE B 454 -7.12 46.46 19.83
CA ILE B 454 -6.99 47.15 18.55
C ILE B 454 -8.01 48.25 18.49
N PHE B 455 -9.24 47.92 18.89
CA PHE B 455 -10.33 48.89 18.89
C PHE B 455 -10.24 49.97 19.97
N GLY B 456 -9.27 49.80 20.88
CA GLY B 456 -9.02 50.76 21.95
C GLY B 456 -9.88 50.72 23.20
N LEU B 457 -10.61 49.64 23.44
CA LEU B 457 -11.44 49.54 24.63
C LEU B 457 -10.76 49.84 25.97
N PRO B 458 -9.49 49.44 26.16
CA PRO B 458 -8.83 49.74 27.44
C PRO B 458 -8.76 51.24 27.79
N LEU B 459 -9.11 52.09 26.80
CA LEU B 459 -9.09 53.55 26.95
C LEU B 459 -10.29 54.09 27.72
N ASP B 460 -11.33 53.24 27.81
CA ASP B 460 -12.55 53.56 28.57
C ASP B 460 -12.25 53.19 30.03
N PRO B 461 -12.11 54.20 30.92
CA PRO B 461 -11.82 53.97 32.34
C PRO B 461 -12.92 53.17 33.05
N SER B 462 -14.12 53.21 32.48
CA SER B 462 -15.26 52.47 33.00
C SER B 462 -14.96 50.96 32.96
N LEU B 463 -14.18 50.53 31.97
CA LEU B 463 -13.80 49.13 31.85
C LEU B 463 -12.59 48.96 32.75
N ASN B 464 -12.48 47.79 33.38
CA ASN B 464 -11.43 47.55 34.35
C ASN B 464 -10.01 47.12 33.88
N TYR B 465 -9.53 47.67 32.76
CA TYR B 465 -8.19 47.30 32.28
C TYR B 465 -7.18 48.05 33.13
N THR B 466 -5.91 47.71 32.95
CA THR B 466 -4.81 48.32 33.68
C THR B 466 -4.24 49.52 32.93
N THR B 467 -3.34 50.24 33.57
CA THR B 467 -2.73 51.41 32.96
C THR B 467 -1.85 50.95 31.81
N GLU B 468 -1.10 49.87 32.02
CA GLU B 468 -0.22 49.35 30.98
C GLU B 468 -1.05 48.97 29.76
N GLU B 469 -2.19 48.32 30.01
CA GLU B 469 -3.10 47.87 28.97
C GLU B 469 -3.66 49.02 28.13
N ARG B 470 -3.83 50.18 28.76
CA ARG B 470 -4.37 51.35 28.08
C ARG B 470 -3.27 51.87 27.14
N ILE B 471 -2.06 51.96 27.67
CA ILE B 471 -0.89 52.42 26.91
C ILE B 471 -0.58 51.49 25.75
N PHE B 472 -0.84 50.21 25.98
CA PHE B 472 -0.63 49.15 25.02
C PHE B 472 -1.63 49.36 23.90
N ALA B 473 -2.92 49.46 24.26
CA ALA B 473 -3.99 49.69 23.29
C ALA B 473 -3.64 50.84 22.34
N GLN B 474 -3.09 51.92 22.90
CA GLN B 474 -2.71 53.10 22.15
C GLN B 474 -1.66 52.77 21.11
N ARG B 475 -0.61 52.10 21.56
CA ARG B 475 0.50 51.69 20.73
C ARG B 475 -0.03 50.90 19.53
N LEU B 476 -0.98 49.99 19.79
CA LEU B 476 -1.55 49.17 18.74
C LEU B 476 -2.41 49.96 17.77
N MET B 477 -3.18 50.90 18.30
CA MET B 477 -4.04 51.72 17.46
C MET B 477 -3.14 52.55 16.55
N LYS B 478 -1.98 52.94 17.09
CA LYS B 478 -1.01 53.70 16.34
C LYS B 478 -0.51 52.80 15.20
N TYR B 479 -0.14 51.56 15.53
CA TYR B 479 0.34 50.59 14.54
C TYR B 479 -0.66 50.45 13.39
N TRP B 480 -1.87 50.02 13.72
CA TRP B 480 -2.93 49.85 12.73
C TRP B 480 -3.20 51.09 11.88
N THR B 481 -3.46 52.22 12.51
CA THR B 481 -3.74 53.43 11.76
C THR B 481 -2.57 53.88 10.90
N ASN B 482 -1.35 53.85 11.45
CA ASN B 482 -0.17 54.23 10.70
C ASN B 482 -0.10 53.39 9.44
N PHE B 483 -0.44 52.12 9.58
CA PHE B 483 -0.43 51.23 8.45
C PHE B 483 -1.57 51.61 7.48
N ALA B 484 -2.79 51.72 8.00
CA ALA B 484 -3.95 52.05 7.19
C ALA B 484 -3.78 53.37 6.48
N ARG B 485 -2.89 54.18 7.01
CA ARG B 485 -2.60 55.49 6.50
C ARG B 485 -1.49 55.48 5.49
N THR B 486 -0.37 54.82 5.84
CA THR B 486 0.81 54.80 4.99
C THR B 486 1.30 53.46 4.47
N GLY B 487 0.63 52.36 4.81
CA GLY B 487 1.08 51.05 4.36
C GLY B 487 2.26 50.56 5.19
N ASP B 488 2.55 51.24 6.30
CA ASP B 488 3.65 50.89 7.18
C ASP B 488 3.22 51.28 8.59
N PRO B 489 3.15 50.28 9.48
CA PRO B 489 2.76 50.40 10.89
C PRO B 489 3.73 51.15 11.79
N ASN B 490 4.93 51.44 11.29
CA ASN B 490 5.94 52.14 12.06
C ASN B 490 5.69 53.63 12.24
N ASP B 491 6.14 54.16 13.40
CA ASP B 491 6.02 55.58 13.73
C ASP B 491 6.93 56.29 12.74
N PRO B 492 6.35 57.08 11.82
CA PRO B 492 7.02 57.83 10.76
C PRO B 492 8.17 58.72 11.24
N ARG B 493 7.80 59.92 11.70
CA ARG B 493 8.77 60.89 12.20
C ARG B 493 9.50 60.25 13.38
N ASP B 494 8.70 59.80 14.36
CA ASP B 494 9.19 59.14 15.59
C ASP B 494 10.05 57.88 15.37
N ARG B 495 11.33 58.10 15.03
CA ARG B 495 12.30 57.02 14.82
C ARG B 495 12.63 56.47 16.22
N LYS B 496 11.56 56.35 17.01
CA LYS B 496 11.52 55.88 18.40
C LYS B 496 12.51 54.75 18.75
N SER B 497 11.97 53.56 19.02
CA SER B 497 12.86 52.47 19.36
C SER B 497 12.67 51.20 18.53
N PRO B 498 11.69 50.34 18.90
CA PRO B 498 11.56 49.13 18.08
C PRO B 498 10.94 49.39 16.72
N GLN B 499 11.67 49.07 15.66
CA GLN B 499 11.12 49.27 14.32
C GLN B 499 10.68 47.90 13.82
N TRP B 500 9.46 47.83 13.30
CA TRP B 500 8.81 46.60 12.78
C TRP B 500 9.15 46.34 11.31
N PRO B 501 10.03 45.36 11.04
CA PRO B 501 10.45 45.01 9.68
C PRO B 501 9.48 44.08 8.97
N PRO B 502 9.46 44.18 7.64
CA PRO B 502 8.58 43.37 6.79
C PRO B 502 8.93 41.89 6.79
N TYR B 503 7.88 41.08 6.69
CA TYR B 503 8.05 39.65 6.61
C TYR B 503 8.56 39.38 5.21
N THR B 504 9.69 38.69 5.10
CA THR B 504 10.30 38.33 3.82
C THR B 504 10.46 36.82 3.79
N THR B 505 10.39 36.19 2.62
CA THR B 505 10.55 34.73 2.54
C THR B 505 11.96 34.33 2.98
N ALA B 506 12.90 35.23 2.73
CA ALA B 506 14.29 35.04 3.08
C ALA B 506 14.50 34.99 4.60
N ALA B 507 14.26 36.13 5.24
CA ALA B 507 14.43 36.30 6.69
C ALA B 507 13.27 35.84 7.60
N GLN B 508 12.06 35.83 7.07
CA GLN B 508 10.86 35.39 7.80
C GLN B 508 10.64 36.09 9.14
N GLN B 509 10.85 37.40 9.21
CA GLN B 509 10.66 38.11 10.46
C GLN B 509 9.26 38.68 10.74
N TYR B 510 8.91 38.61 12.02
CA TYR B 510 7.62 39.08 12.52
C TYR B 510 7.88 39.64 13.91
N VAL B 511 6.87 40.26 14.49
CA VAL B 511 7.06 40.85 15.81
C VAL B 511 6.09 40.39 16.87
N SER B 512 6.53 40.62 18.12
CA SER B 512 5.79 40.25 19.31
C SER B 512 5.00 41.45 19.84
N LEU B 513 3.68 41.30 19.80
CA LEU B 513 2.78 42.32 20.30
C LEU B 513 2.38 41.91 21.70
N ASN B 514 3.08 42.50 22.67
CA ASN B 514 2.85 42.23 24.09
C ASN B 514 3.15 43.52 24.85
N LEU B 515 3.11 43.46 26.19
CA LEU B 515 3.36 44.64 27.00
C LEU B 515 4.76 45.21 26.89
N LYS B 516 5.74 44.35 26.65
CA LYS B 516 7.11 44.82 26.49
C LYS B 516 7.24 45.41 25.10
N PRO B 517 8.33 46.13 24.82
CA PRO B 517 8.54 46.75 23.51
C PRO B 517 8.56 45.68 22.42
N LEU B 518 8.52 46.12 21.17
CA LEU B 518 8.55 45.17 20.06
C LEU B 518 9.82 44.38 20.08
N GLU B 519 9.65 43.11 19.73
CA GLU B 519 10.75 42.17 19.67
C GLU B 519 10.63 41.52 18.29
N VAL B 520 11.74 41.46 17.57
CA VAL B 520 11.72 40.82 16.27
C VAL B 520 12.05 39.33 16.36
N ARG B 521 11.25 38.53 15.68
CA ARG B 521 11.47 37.10 15.71
C ARG B 521 11.48 36.58 14.29
N ARG B 522 12.36 35.63 14.05
CA ARG B 522 12.50 35.07 12.73
C ARG B 522 11.90 33.66 12.69
N GLY B 523 11.12 33.39 11.66
CA GLY B 523 10.52 32.09 11.51
C GLY B 523 9.29 31.90 12.36
N LEU B 524 8.14 31.96 11.71
CA LEU B 524 6.88 31.80 12.40
C LEU B 524 6.51 30.31 12.44
N ARG B 525 6.85 29.65 13.55
CA ARG B 525 6.57 28.21 13.71
C ARG B 525 7.10 27.54 12.46
N ALA B 526 8.30 27.94 12.07
CA ALA B 526 8.89 27.44 10.85
C ALA B 526 8.83 25.94 10.63
N GLN B 527 9.46 25.19 11.50
CA GLN B 527 9.50 23.74 11.39
C GLN B 527 8.13 23.09 11.41
N THR B 528 7.23 23.62 12.25
CA THR B 528 5.91 23.05 12.37
C THR B 528 5.02 23.33 11.19
N CYS B 529 5.14 24.54 10.66
CA CYS B 529 4.33 24.94 9.53
C CYS B 529 4.77 24.25 8.24
N ALA B 530 6.05 23.88 8.16
CA ALA B 530 6.53 23.15 6.99
C ALA B 530 5.83 21.80 7.02
N PHE B 531 5.53 21.29 8.22
CA PHE B 531 4.84 20.01 8.31
C PHE B 531 3.42 20.13 7.78
N TRP B 532 2.73 21.20 8.17
CA TRP B 532 1.35 21.38 7.77
C TRP B 532 1.21 21.79 6.32
N ASN B 533 1.99 22.80 5.96
CA ASN B 533 1.98 23.38 4.62
C ASN B 533 2.58 22.53 3.51
N ARG B 534 3.81 22.06 3.74
CA ARG B 534 4.53 21.26 2.75
C ARG B 534 4.29 19.75 2.71
N PHE B 535 4.46 19.10 3.84
CA PHE B 535 4.35 17.65 3.90
C PHE B 535 2.97 17.04 4.10
N LEU B 536 2.29 17.46 5.15
CA LEU B 536 0.99 16.90 5.44
C LEU B 536 0.03 16.77 4.27
N PRO B 537 0.00 17.77 3.36
CA PRO B 537 -0.93 17.66 2.22
C PRO B 537 -0.58 16.52 1.25
N LYS B 538 0.72 16.28 1.04
CA LYS B 538 1.16 15.20 0.16
C LYS B 538 0.73 13.89 0.77
N LEU B 539 1.00 13.76 2.07
CA LEU B 539 0.64 12.55 2.80
C LEU B 539 -0.87 12.43 2.74
N LEU B 540 -1.55 13.56 2.83
CA LEU B 540 -2.99 13.56 2.80
C LEU B 540 -3.57 13.03 1.51
N SER B 541 -3.06 13.54 0.38
CA SER B 541 -3.52 13.11 -0.94
C SER B 541 -3.16 11.66 -1.23
N ALA B 542 -1.98 11.23 -0.76
CA ALA B 542 -1.52 9.85 -0.95
C ALA B 542 -2.49 8.85 -0.31
N THR B 543 -2.99 9.22 0.87
CA THR B 543 -3.92 8.40 1.65
C THR B 543 -5.40 8.81 1.52
N ASP B 544 -5.68 9.73 0.61
CA ASP B 544 -7.05 10.22 0.41
C ASP B 544 -8.08 9.13 0.05
N THR B 545 -9.35 9.43 0.34
CA THR B 545 -10.55 8.58 0.14
C THR B 545 -10.33 7.18 -0.46
N GLU C 1 32.69 -26.05 -69.46
CA GLU C 1 31.54 -25.25 -69.99
C GLU C 1 30.90 -25.95 -71.19
N GLY C 2 29.65 -26.38 -71.00
CA GLY C 2 28.92 -27.06 -72.05
C GLY C 2 28.58 -28.48 -71.65
N ARG C 3 29.42 -29.06 -70.80
CA ARG C 3 29.24 -30.42 -70.30
C ARG C 3 28.39 -30.45 -69.01
N GLU C 4 28.24 -29.29 -68.37
CA GLU C 4 27.48 -29.06 -67.14
C GLU C 4 25.96 -29.14 -67.33
N ASP C 5 25.23 -29.54 -66.28
CA ASP C 5 23.77 -29.60 -66.34
C ASP C 5 23.33 -28.14 -66.57
N PRO C 6 22.44 -27.91 -67.55
CA PRO C 6 21.89 -26.60 -67.95
C PRO C 6 20.97 -25.85 -66.98
N GLN C 7 20.22 -26.59 -66.15
CA GLN C 7 19.26 -26.06 -65.17
C GLN C 7 19.85 -25.54 -63.85
N LEU C 8 21.15 -25.79 -63.64
CA LEU C 8 21.84 -25.42 -62.41
C LEU C 8 22.81 -24.26 -62.52
N LEU C 9 22.83 -23.61 -63.67
CA LEU C 9 23.71 -22.47 -63.79
C LEU C 9 22.76 -21.29 -63.82
N VAL C 10 22.95 -20.39 -62.85
CA VAL C 10 22.11 -19.22 -62.75
C VAL C 10 22.93 -17.96 -62.58
N ARG C 11 22.42 -16.91 -63.20
CA ARG C 11 23.06 -15.62 -63.12
C ARG C 11 22.33 -14.75 -62.16
N VAL C 12 23.11 -14.07 -61.33
CA VAL C 12 22.54 -13.25 -60.31
C VAL C 12 23.29 -11.93 -60.33
N ARG C 13 22.64 -10.88 -59.84
CA ARG C 13 23.22 -9.53 -59.83
C ARG C 13 24.70 -9.43 -59.46
N GLY C 14 25.19 -10.33 -58.61
CA GLY C 14 26.61 -10.27 -58.24
C GLY C 14 27.57 -11.13 -59.06
N GLY C 15 27.00 -12.08 -59.80
CA GLY C 15 27.81 -12.96 -60.60
C GLY C 15 27.06 -14.24 -60.94
N GLN C 16 27.82 -15.23 -61.42
CA GLN C 16 27.22 -16.50 -61.79
C GLN C 16 27.37 -17.49 -60.68
N LEU C 17 26.54 -18.51 -60.68
CA LEU C 17 26.63 -19.53 -59.66
C LEU C 17 26.00 -20.80 -60.14
N ARG C 18 26.55 -21.91 -59.67
CA ARG C 18 26.04 -23.20 -60.05
C ARG C 18 25.51 -23.96 -58.84
N GLY C 19 24.31 -24.50 -58.98
CA GLY C 19 23.69 -25.21 -57.90
C GLY C 19 23.87 -26.69 -58.01
N ILE C 20 22.91 -27.44 -57.47
CA ILE C 20 23.00 -28.88 -57.48
C ILE C 20 21.62 -29.49 -57.54
N ARG C 21 21.55 -30.61 -58.24
CA ARG C 21 20.31 -31.33 -58.42
C ARG C 21 20.21 -32.30 -57.28
N LEU C 22 19.13 -32.15 -56.51
CA LEU C 22 18.88 -32.97 -55.35
C LEU C 22 17.72 -33.91 -55.54
N LYS C 23 17.73 -35.01 -54.81
CA LYS C 23 16.66 -35.97 -54.92
C LYS C 23 15.69 -35.95 -53.75
N ALA C 24 14.45 -35.63 -54.07
CA ALA C 24 13.39 -35.62 -53.09
C ALA C 24 12.65 -36.92 -53.34
N PRO C 25 11.89 -37.41 -52.34
CA PRO C 25 11.13 -38.63 -52.46
C PRO C 25 10.41 -38.83 -53.79
N GLY C 26 9.68 -37.82 -54.24
CA GLY C 26 8.95 -37.98 -55.49
C GLY C 26 9.52 -37.36 -56.75
N GLY C 27 10.79 -36.96 -56.73
CA GLY C 27 11.39 -36.35 -57.91
C GLY C 27 12.63 -35.53 -57.64
N PRO C 28 13.23 -34.96 -58.69
CA PRO C 28 14.43 -34.14 -58.53
C PRO C 28 14.04 -32.71 -58.11
N VAL C 29 15.04 -31.98 -57.60
CA VAL C 29 14.85 -30.62 -57.12
C VAL C 29 16.15 -29.84 -57.32
N SER C 30 16.04 -28.56 -57.67
CA SER C 30 17.25 -27.74 -57.88
C SER C 30 17.57 -27.07 -56.55
N ALA C 31 18.84 -26.93 -56.22
CA ALA C 31 19.19 -26.31 -54.96
C ALA C 31 20.46 -25.47 -55.00
N PHE C 32 20.34 -24.18 -54.69
CA PHE C 32 21.47 -23.27 -54.72
C PHE C 32 21.77 -22.87 -53.28
N LEU C 33 22.80 -23.49 -52.71
CA LEU C 33 23.20 -23.31 -51.32
C LEU C 33 24.47 -22.53 -51.08
N GLY C 34 24.45 -21.65 -50.11
CA GLY C 34 25.66 -20.93 -49.80
C GLY C 34 25.94 -19.72 -50.63
N ILE C 35 24.88 -19.12 -51.16
CA ILE C 35 24.98 -17.93 -51.98
C ILE C 35 25.18 -16.74 -51.05
N PRO C 36 26.30 -16.02 -51.19
CA PRO C 36 26.53 -14.87 -50.31
C PRO C 36 25.67 -13.66 -50.67
N PHE C 37 25.04 -13.06 -49.67
CA PHE C 37 24.21 -11.88 -49.88
C PHE C 37 24.80 -10.66 -49.22
N ALA C 38 25.88 -10.88 -48.48
CA ALA C 38 26.54 -9.79 -47.78
C ALA C 38 28.00 -10.06 -47.67
N GLU C 39 28.73 -8.95 -47.56
CA GLU C 39 30.17 -9.00 -47.40
C GLU C 39 30.35 -9.47 -45.95
N PRO C 40 31.21 -10.48 -45.73
CA PRO C 40 31.52 -11.07 -44.42
C PRO C 40 31.72 -10.01 -43.34
N PRO C 41 30.80 -10.00 -42.35
CA PRO C 41 30.73 -9.11 -41.18
C PRO C 41 31.78 -9.45 -40.16
N VAL C 42 33.03 -9.44 -40.60
CA VAL C 42 34.14 -9.82 -39.74
C VAL C 42 35.10 -8.68 -39.43
N GLY C 43 35.95 -8.89 -38.43
CA GLY C 43 36.90 -7.86 -38.05
C GLY C 43 36.23 -6.57 -37.63
N SER C 44 36.51 -5.51 -38.39
CA SER C 44 35.95 -4.17 -38.10
C SER C 44 34.51 -4.02 -38.55
N ARG C 45 33.98 -5.04 -39.18
CA ARG C 45 32.60 -5.04 -39.64
C ARG C 45 31.77 -5.67 -38.54
N ARG C 46 32.40 -6.04 -37.43
CA ARG C 46 31.69 -6.68 -36.32
C ARG C 46 30.74 -5.72 -35.62
N PHE C 47 29.50 -6.18 -35.41
CA PHE C 47 28.44 -5.41 -34.75
C PHE C 47 27.77 -4.40 -35.67
N MET C 48 28.45 -4.12 -36.78
CA MET C 48 28.03 -3.19 -37.84
C MET C 48 26.98 -3.79 -38.73
N PRO C 49 26.19 -2.92 -39.39
CA PRO C 49 25.13 -3.39 -40.30
C PRO C 49 25.77 -4.08 -41.51
N PRO C 50 25.01 -4.96 -42.17
CA PRO C 50 25.53 -5.66 -43.33
C PRO C 50 25.65 -4.79 -44.57
N GLU C 51 26.79 -4.89 -45.25
CA GLU C 51 26.96 -4.17 -46.51
C GLU C 51 26.80 -5.27 -47.58
N PRO C 52 26.05 -4.97 -48.66
CA PRO C 52 25.79 -5.90 -49.75
C PRO C 52 27.00 -6.61 -50.29
N LYS C 53 26.78 -7.85 -50.71
CA LYS C 53 27.82 -8.70 -51.27
C LYS C 53 28.33 -8.11 -52.56
N ARG C 54 29.61 -7.75 -52.56
CA ARG C 54 30.28 -7.18 -53.72
C ARG C 54 30.33 -8.26 -54.83
N PRO C 55 30.18 -7.85 -56.09
CA PRO C 55 30.20 -8.76 -57.24
C PRO C 55 31.45 -9.61 -57.32
N TRP C 56 31.27 -10.86 -57.76
CA TRP C 56 32.37 -11.80 -57.94
C TRP C 56 32.43 -12.24 -59.40
N SER C 57 33.59 -12.71 -59.77
CA SER C 57 33.82 -13.17 -61.12
C SER C 57 33.92 -14.68 -61.06
N GLY C 58 33.64 -15.33 -62.18
CA GLY C 58 33.70 -16.78 -62.17
C GLY C 58 32.35 -17.33 -61.75
N VAL C 59 32.30 -18.65 -61.66
CA VAL C 59 31.09 -19.33 -61.26
C VAL C 59 31.23 -19.80 -59.82
N LEU C 60 30.42 -19.16 -58.97
CA LEU C 60 30.34 -19.42 -57.54
C LEU C 60 29.68 -20.79 -57.32
N ASP C 61 30.28 -21.58 -56.43
CA ASP C 61 29.77 -22.89 -56.14
C ASP C 61 28.67 -22.90 -55.09
N ALA C 62 27.44 -22.96 -55.54
CA ALA C 62 26.32 -22.97 -54.62
C ALA C 62 25.72 -24.37 -54.46
N THR C 63 26.60 -25.36 -54.30
CA THR C 63 26.15 -26.75 -54.15
C THR C 63 26.14 -27.23 -52.71
N THR C 64 26.85 -26.53 -51.85
CA THR C 64 26.92 -26.93 -50.47
C THR C 64 26.53 -25.81 -49.49
N PHE C 65 25.98 -26.18 -48.33
CA PHE C 65 25.61 -25.23 -47.27
C PHE C 65 26.86 -24.55 -46.73
N GLN C 66 26.72 -23.29 -46.34
CA GLN C 66 27.85 -22.55 -45.78
C GLN C 66 27.85 -22.53 -44.23
N ASN C 67 28.88 -21.86 -43.71
CA ASN C 67 29.09 -21.68 -42.29
C ASN C 67 27.87 -21.31 -41.47
N VAL C 68 27.82 -21.78 -40.24
CA VAL C 68 26.74 -21.42 -39.34
C VAL C 68 27.29 -20.19 -38.59
N CYS C 69 26.41 -19.24 -38.34
CA CYS C 69 26.81 -18.03 -37.64
C CYS C 69 27.34 -18.35 -36.25
N TYR C 70 28.44 -17.70 -35.88
CA TYR C 70 29.04 -17.96 -34.57
C TYR C 70 28.03 -17.89 -33.46
N GLN C 71 27.91 -18.98 -32.72
CA GLN C 71 26.93 -19.02 -31.67
C GLN C 71 27.26 -19.96 -30.51
N TYR C 72 26.38 -19.94 -29.51
CA TYR C 72 26.46 -20.80 -28.32
C TYR C 72 25.94 -22.19 -28.74
N VAL C 73 26.59 -23.24 -28.23
CA VAL C 73 26.16 -24.60 -28.54
C VAL C 73 25.55 -25.24 -27.30
N ASP C 74 24.34 -25.78 -27.46
CA ASP C 74 23.59 -26.41 -26.36
C ASP C 74 24.08 -27.79 -25.90
N THR C 75 24.80 -27.76 -24.79
CA THR C 75 25.38 -28.97 -24.25
C THR C 75 24.58 -29.55 -23.08
N LEU C 76 23.33 -29.16 -22.95
CA LEU C 76 22.55 -29.66 -21.83
C LEU C 76 22.50 -31.17 -21.77
N TYR C 77 22.05 -31.76 -22.87
CA TYR C 77 21.94 -33.20 -22.94
C TYR C 77 22.75 -33.77 -24.08
N PRO C 78 24.08 -33.86 -23.90
CA PRO C 78 25.00 -34.38 -24.93
C PRO C 78 24.55 -35.70 -25.52
N GLY C 79 24.46 -35.74 -26.85
CA GLY C 79 24.04 -36.93 -27.55
C GLY C 79 22.55 -37.11 -27.73
N PHE C 80 21.74 -36.24 -27.14
CA PHE C 80 20.30 -36.37 -27.25
C PHE C 80 19.78 -35.73 -28.56
N GLU C 81 19.08 -36.50 -29.39
CA GLU C 81 18.53 -36.01 -30.65
C GLU C 81 17.73 -34.72 -30.48
N GLY C 82 16.71 -34.79 -29.62
CA GLY C 82 15.84 -33.66 -29.36
C GLY C 82 16.54 -32.36 -29.02
N THR C 83 17.79 -32.46 -28.58
CA THR C 83 18.55 -31.29 -28.23
C THR C 83 19.56 -30.90 -29.30
N GLU C 84 20.25 -31.91 -29.85
CA GLU C 84 21.29 -31.69 -30.86
C GLU C 84 20.70 -31.30 -32.18
N MET C 85 19.48 -31.77 -32.45
CA MET C 85 18.83 -31.44 -33.71
C MET C 85 18.78 -29.95 -34.00
N TRP C 86 19.01 -29.12 -32.99
CA TRP C 86 18.99 -27.66 -33.18
C TRP C 86 20.37 -27.04 -33.16
N ASN C 87 21.38 -27.85 -32.83
CA ASN C 87 22.76 -27.37 -32.78
C ASN C 87 23.38 -27.20 -34.19
N PRO C 88 24.44 -26.36 -34.30
CA PRO C 88 25.15 -26.09 -35.55
C PRO C 88 25.60 -27.37 -36.27
N ASN C 89 25.32 -27.46 -37.57
CA ASN C 89 25.73 -28.62 -38.38
C ASN C 89 26.77 -28.28 -39.43
N ARG C 90 27.46 -27.15 -39.24
CA ARG C 90 28.52 -26.71 -40.15
C ARG C 90 29.46 -25.81 -39.35
N GLU C 91 30.70 -25.70 -39.81
CA GLU C 91 31.73 -24.90 -39.16
C GLU C 91 31.22 -23.53 -38.67
N LEU C 92 31.51 -23.18 -37.41
CA LEU C 92 31.06 -21.89 -36.94
C LEU C 92 32.03 -20.85 -37.39
N SER C 93 31.51 -19.75 -37.90
CA SER C 93 32.36 -18.65 -38.30
C SER C 93 31.54 -17.39 -38.30
N GLU C 94 32.22 -16.27 -38.08
CA GLU C 94 31.57 -14.97 -38.13
C GLU C 94 31.14 -14.76 -39.60
N ASP C 95 31.98 -15.20 -40.53
CA ASP C 95 31.68 -15.13 -41.95
C ASP C 95 30.60 -16.19 -42.18
N CYS C 96 29.35 -15.78 -42.02
CA CYS C 96 28.26 -16.73 -42.12
C CYS C 96 27.05 -16.23 -42.87
N LEU C 97 27.22 -15.08 -43.54
CA LEU C 97 26.11 -14.45 -44.25
C LEU C 97 25.85 -14.97 -45.65
N TYR C 98 25.12 -16.08 -45.71
CA TYR C 98 24.80 -16.76 -46.95
C TYR C 98 23.36 -17.17 -46.90
N LEU C 99 22.79 -17.42 -48.06
CA LEU C 99 21.41 -17.88 -48.14
C LEU C 99 21.31 -19.10 -49.06
N ASN C 100 20.15 -19.74 -49.02
CA ASN C 100 19.91 -20.94 -49.78
C ASN C 100 18.59 -20.85 -50.54
N VAL C 101 18.56 -21.39 -51.77
CA VAL C 101 17.35 -21.40 -52.58
C VAL C 101 17.04 -22.81 -53.06
N TRP C 102 15.77 -23.19 -53.02
CA TRP C 102 15.35 -24.52 -53.47
C TRP C 102 14.24 -24.27 -54.44
N THR C 103 14.35 -24.81 -55.64
CA THR C 103 13.30 -24.67 -56.64
C THR C 103 13.06 -26.06 -57.20
N PRO C 104 11.96 -26.23 -57.95
CA PRO C 104 11.75 -27.57 -58.49
C PRO C 104 12.77 -27.79 -59.60
N TYR C 105 12.91 -29.05 -60.01
CA TYR C 105 13.81 -29.39 -61.11
C TYR C 105 12.91 -30.07 -62.13
N PRO C 106 12.81 -29.49 -63.33
CA PRO C 106 13.51 -28.27 -63.78
C PRO C 106 12.93 -27.01 -63.17
N ARG C 107 13.68 -25.90 -63.28
CA ARG C 107 13.24 -24.60 -62.77
C ARG C 107 11.88 -24.25 -63.40
N PRO C 108 10.92 -23.80 -62.59
CA PRO C 108 9.56 -23.44 -63.00
C PRO C 108 9.49 -22.52 -64.20
N ALA C 109 8.50 -22.79 -65.06
CA ALA C 109 8.27 -22.02 -66.27
C ALA C 109 7.68 -20.64 -65.98
N SER C 110 6.65 -20.64 -65.14
CA SER C 110 5.92 -19.45 -64.72
C SER C 110 6.41 -18.98 -63.31
N PRO C 111 6.49 -17.65 -63.07
CA PRO C 111 6.93 -17.11 -61.77
C PRO C 111 6.09 -17.67 -60.64
N THR C 112 6.74 -18.38 -59.74
CA THR C 112 6.05 -19.00 -58.63
C THR C 112 6.23 -18.21 -57.34
N PRO C 113 5.27 -18.33 -56.42
CA PRO C 113 5.31 -17.63 -55.15
C PRO C 113 6.49 -18.11 -54.32
N VAL C 114 7.22 -17.15 -53.75
CA VAL C 114 8.39 -17.43 -52.90
C VAL C 114 7.97 -17.53 -51.43
N LEU C 115 8.68 -18.38 -50.69
CA LEU C 115 8.49 -18.58 -49.25
C LEU C 115 9.84 -18.35 -48.63
N ILE C 116 9.93 -17.41 -47.70
CA ILE C 116 11.22 -17.15 -47.08
C ILE C 116 11.18 -17.56 -45.62
N TRP C 117 12.14 -18.38 -45.22
CA TRP C 117 12.20 -18.88 -43.85
C TRP C 117 13.24 -18.23 -42.97
N ILE C 118 12.78 -17.78 -41.79
CA ILE C 118 13.63 -17.16 -40.78
C ILE C 118 13.60 -18.10 -39.60
N TYR C 119 14.76 -18.70 -39.30
CA TYR C 119 14.89 -19.68 -38.24
C TYR C 119 14.76 -19.17 -36.81
N GLY C 120 14.39 -20.10 -35.91
CA GLY C 120 14.24 -19.80 -34.50
C GLY C 120 15.52 -19.70 -33.68
N GLY C 121 15.45 -20.09 -32.41
CA GLY C 121 16.64 -20.05 -31.55
C GLY C 121 16.90 -18.89 -30.60
N GLY C 122 15.88 -18.16 -30.15
CA GLY C 122 16.08 -17.07 -29.22
C GLY C 122 17.13 -16.00 -29.52
N PHE C 123 17.36 -15.74 -30.80
CA PHE C 123 18.32 -14.72 -31.21
C PHE C 123 19.76 -15.01 -30.80
N TYR C 124 19.99 -16.12 -30.10
CA TYR C 124 21.35 -16.47 -29.66
C TYR C 124 21.89 -17.68 -30.45
N SER C 125 21.03 -18.26 -31.29
CA SER C 125 21.37 -19.45 -32.07
C SER C 125 20.45 -19.72 -33.29
N GLY C 126 20.76 -20.80 -34.03
CA GLY C 126 20.02 -21.20 -35.22
C GLY C 126 20.86 -21.20 -36.50
N ALA C 127 20.31 -21.76 -37.58
CA ALA C 127 20.98 -21.83 -38.91
C ALA C 127 20.00 -22.39 -39.93
N ALA C 128 20.16 -22.02 -41.21
CA ALA C 128 19.28 -22.53 -42.29
C ALA C 128 19.75 -23.92 -42.74
N SER C 129 20.98 -24.26 -42.33
CA SER C 129 21.63 -25.53 -42.62
C SER C 129 20.91 -26.73 -42.00
N LEU C 130 20.12 -26.49 -40.95
CA LEU C 130 19.39 -27.54 -40.23
C LEU C 130 18.45 -28.41 -41.02
N ASP C 131 18.50 -29.71 -40.71
CA ASP C 131 17.72 -30.72 -41.42
C ASP C 131 16.23 -30.48 -41.39
N VAL C 132 15.73 -29.85 -40.33
CA VAL C 132 14.29 -29.64 -40.26
C VAL C 132 13.83 -28.51 -41.17
N TYR C 133 14.77 -27.66 -41.54
CA TYR C 133 14.48 -26.53 -42.42
C TYR C 133 14.85 -26.86 -43.86
N ASP C 134 14.61 -28.11 -44.29
CA ASP C 134 14.92 -28.55 -45.66
C ASP C 134 13.83 -28.19 -46.68
N GLY C 135 14.21 -27.31 -47.60
CA GLY C 135 13.28 -26.86 -48.63
C GLY C 135 12.86 -27.93 -49.61
N ARG C 136 13.74 -28.88 -49.85
CA ARG C 136 13.51 -29.97 -50.78
C ARG C 136 12.09 -30.54 -50.91
N PHE C 137 11.40 -30.84 -49.82
CA PHE C 137 10.07 -31.42 -49.96
C PHE C 137 9.03 -30.42 -50.39
N LEU C 138 9.10 -29.24 -49.80
CA LEU C 138 8.15 -28.19 -50.13
C LEU C 138 8.29 -27.80 -51.61
N ALA C 139 9.54 -27.67 -52.04
CA ALA C 139 9.89 -27.31 -53.43
C ALA C 139 9.41 -28.39 -54.41
N GLN C 140 9.76 -29.63 -54.13
CA GLN C 140 9.36 -30.71 -55.01
C GLN C 140 7.86 -30.97 -55.00
N VAL C 141 7.27 -31.14 -53.81
CA VAL C 141 5.85 -31.46 -53.70
C VAL C 141 4.88 -30.37 -54.05
N GLU C 142 5.17 -29.16 -53.58
CA GLU C 142 4.27 -28.03 -53.82
C GLU C 142 4.77 -27.08 -54.88
N GLY C 143 5.98 -27.32 -55.34
CA GLY C 143 6.54 -26.47 -56.37
C GLY C 143 6.93 -25.09 -55.94
N ALA C 144 7.15 -24.91 -54.65
CA ALA C 144 7.52 -23.60 -54.15
C ALA C 144 8.98 -23.27 -54.39
N VAL C 145 9.29 -21.99 -54.32
CA VAL C 145 10.65 -21.52 -54.43
C VAL C 145 10.88 -21.13 -52.97
N LEU C 146 11.76 -21.87 -52.30
CA LEU C 146 12.02 -21.63 -50.92
C LEU C 146 13.39 -21.05 -50.65
N VAL C 147 13.41 -19.86 -50.07
CA VAL C 147 14.63 -19.18 -49.72
C VAL C 147 14.79 -19.23 -48.20
N SER C 148 16.03 -19.21 -47.74
CA SER C 148 16.28 -19.24 -46.32
C SER C 148 17.67 -18.70 -46.12
N MET C 149 17.80 -17.77 -45.19
CA MET C 149 19.09 -17.16 -44.93
C MET C 149 19.51 -17.36 -43.50
N ASN C 150 20.79 -17.07 -43.31
CA ASN C 150 21.47 -17.12 -42.04
C ASN C 150 21.52 -15.65 -41.66
N TYR C 151 21.29 -15.34 -40.39
CA TYR C 151 21.38 -13.95 -39.93
C TYR C 151 22.18 -14.05 -38.67
N ARG C 152 22.96 -13.02 -38.38
CA ARG C 152 23.79 -13.01 -37.17
C ARG C 152 22.96 -13.16 -35.88
N VAL C 153 23.54 -13.86 -34.91
CA VAL C 153 22.84 -14.09 -33.66
C VAL C 153 23.75 -13.71 -32.47
N GLY C 154 23.15 -13.66 -31.29
CA GLY C 154 23.91 -13.30 -30.10
C GLY C 154 24.57 -11.94 -30.17
N THR C 155 25.70 -11.83 -29.50
CA THR C 155 26.42 -10.59 -29.46
C THR C 155 26.70 -10.03 -30.84
N PHE C 156 27.04 -10.94 -31.75
CA PHE C 156 27.40 -10.58 -33.12
C PHE C 156 26.31 -9.87 -33.88
N GLY C 157 25.09 -10.38 -33.77
CA GLY C 157 23.98 -9.77 -34.44
C GLY C 157 23.12 -8.86 -33.58
N PHE C 158 23.29 -8.88 -32.26
CA PHE C 158 22.42 -8.06 -31.43
C PHE C 158 22.94 -7.17 -30.30
N LEU C 159 24.23 -7.28 -30.01
CA LEU C 159 24.83 -6.45 -28.98
C LEU C 159 24.68 -4.99 -29.40
N ALA C 160 24.06 -4.19 -28.54
CA ALA C 160 23.85 -2.79 -28.86
C ALA C 160 24.31 -1.82 -27.82
N LEU C 161 24.74 -0.68 -28.32
CA LEU C 161 25.14 0.47 -27.55
C LEU C 161 24.32 1.50 -28.34
N PRO C 162 22.98 1.50 -28.16
CA PRO C 162 22.05 2.39 -28.84
C PRO C 162 22.55 3.80 -29.07
N GLY C 163 22.42 4.24 -30.31
CA GLY C 163 22.85 5.57 -30.66
C GLY C 163 24.27 5.69 -31.16
N SER C 164 25.09 4.66 -30.97
CA SER C 164 26.45 4.72 -31.47
C SER C 164 26.47 4.30 -32.94
N ARG C 165 27.59 4.60 -33.62
CA ARG C 165 27.75 4.23 -35.02
C ARG C 165 28.25 2.80 -35.15
N GLU C 166 29.30 2.50 -34.39
CA GLU C 166 29.93 1.19 -34.42
C GLU C 166 29.19 -0.03 -33.88
N ALA C 167 28.08 0.19 -33.18
CA ALA C 167 27.25 -0.92 -32.66
C ALA C 167 25.84 -0.42 -32.40
N PRO C 168 25.12 -0.04 -33.47
CA PRO C 168 23.75 0.48 -33.39
C PRO C 168 22.71 -0.56 -32.96
N GLY C 169 23.08 -1.83 -33.01
CA GLY C 169 22.15 -2.88 -32.65
C GLY C 169 21.18 -3.27 -33.75
N ASN C 170 20.47 -4.36 -33.53
CA ASN C 170 19.50 -4.86 -34.50
C ASN C 170 20.08 -5.33 -35.83
N VAL C 171 21.41 -5.35 -35.96
CA VAL C 171 22.07 -5.75 -37.20
C VAL C 171 21.64 -7.10 -37.76
N GLY C 172 21.37 -8.05 -36.89
CA GLY C 172 20.91 -9.34 -37.36
C GLY C 172 19.57 -9.24 -38.08
N LEU C 173 18.78 -8.23 -37.73
CA LEU C 173 17.49 -8.03 -38.38
C LEU C 173 17.75 -7.43 -39.74
N LEU C 174 18.78 -6.57 -39.81
CA LEU C 174 19.18 -5.95 -41.07
C LEU C 174 19.66 -7.04 -42.02
N ASP C 175 20.41 -8.01 -41.50
CA ASP C 175 20.90 -9.16 -42.27
C ASP C 175 19.70 -9.79 -42.96
N GLN C 176 18.66 -10.11 -42.18
CA GLN C 176 17.46 -10.72 -42.72
C GLN C 176 16.84 -9.80 -43.79
N ARG C 177 16.91 -8.50 -43.57
CA ARG C 177 16.34 -7.54 -44.52
C ARG C 177 17.12 -7.59 -45.82
N LEU C 178 18.45 -7.50 -45.70
CA LEU C 178 19.33 -7.54 -46.86
C LEU C 178 19.05 -8.80 -47.65
N ALA C 179 18.78 -9.89 -46.94
CA ALA C 179 18.45 -11.14 -47.61
C ALA C 179 17.14 -10.96 -48.35
N LEU C 180 16.22 -10.26 -47.72
CA LEU C 180 14.90 -10.01 -48.29
C LEU C 180 14.94 -9.14 -49.54
N GLN C 181 15.90 -8.21 -49.55
CA GLN C 181 16.11 -7.31 -50.68
C GLN C 181 16.72 -8.10 -51.84
N TRP C 182 17.76 -8.86 -51.53
CA TRP C 182 18.42 -9.69 -52.51
C TRP C 182 17.35 -10.56 -53.18
N VAL C 183 16.51 -11.22 -52.39
CA VAL C 183 15.44 -12.03 -52.96
C VAL C 183 14.56 -11.19 -53.87
N GLN C 184 14.38 -9.91 -53.51
CA GLN C 184 13.51 -9.01 -54.29
C GLN C 184 14.03 -8.81 -55.71
N GLU C 185 15.33 -8.55 -55.84
CA GLU C 185 15.99 -8.37 -57.14
C GLU C 185 16.19 -9.70 -57.88
N ASN C 186 17.05 -10.52 -57.31
CA ASN C 186 17.44 -11.81 -57.86
C ASN C 186 16.51 -13.04 -57.89
N ILE C 187 15.41 -13.04 -57.16
CA ILE C 187 14.63 -14.28 -57.16
C ILE C 187 13.97 -14.66 -58.48
N ALA C 188 13.80 -13.68 -59.36
CA ALA C 188 13.18 -13.96 -60.65
C ALA C 188 14.07 -14.92 -61.44
N ALA C 189 15.39 -14.77 -61.29
CA ALA C 189 16.34 -15.63 -61.98
C ALA C 189 16.16 -17.11 -61.64
N PHE C 190 15.49 -17.41 -60.53
CA PHE C 190 15.31 -18.80 -60.14
C PHE C 190 13.92 -19.25 -60.46
N GLY C 191 13.09 -18.30 -60.85
CA GLY C 191 11.71 -18.63 -61.19
C GLY C 191 10.77 -18.17 -60.10
N GLY C 192 11.33 -17.42 -59.16
CA GLY C 192 10.52 -16.93 -58.07
C GLY C 192 9.83 -15.65 -58.47
N ASP C 193 8.68 -15.36 -57.87
CA ASP C 193 7.90 -14.15 -58.12
C ASP C 193 8.10 -13.13 -57.00
N PRO C 194 8.86 -12.05 -57.25
CA PRO C 194 9.14 -11.00 -56.25
C PRO C 194 7.90 -10.35 -55.65
N MET C 195 6.78 -10.46 -56.37
CA MET C 195 5.52 -9.89 -55.93
C MET C 195 4.65 -10.91 -55.19
N SER C 196 5.26 -11.97 -54.68
CA SER C 196 4.49 -12.95 -53.96
C SER C 196 5.36 -13.64 -52.91
N VAL C 197 6.16 -12.81 -52.23
CA VAL C 197 7.04 -13.26 -51.17
C VAL C 197 6.23 -13.43 -49.88
N THR C 198 6.41 -14.57 -49.22
CA THR C 198 5.70 -14.85 -47.98
C THR C 198 6.73 -15.28 -46.95
N LEU C 199 6.85 -14.49 -45.88
CA LEU C 199 7.80 -14.80 -44.82
C LEU C 199 7.21 -15.77 -43.80
N PHE C 200 8.04 -16.63 -43.26
CA PHE C 200 7.60 -17.56 -42.22
C PHE C 200 8.76 -17.91 -41.29
N GLY C 201 8.43 -17.93 -39.99
CA GLY C 201 9.41 -18.23 -38.95
C GLY C 201 8.81 -18.94 -37.75
N GLU C 202 9.65 -19.27 -36.79
CA GLU C 202 9.21 -19.96 -35.58
C GLU C 202 10.06 -19.43 -34.42
N SER C 203 9.47 -19.29 -33.24
CA SER C 203 10.18 -18.75 -32.08
C SER C 203 10.79 -17.40 -32.55
N ALA C 204 12.07 -17.18 -32.27
CA ALA C 204 12.72 -15.94 -32.66
C ALA C 204 12.51 -15.59 -34.12
N GLY C 205 12.23 -16.62 -34.92
CA GLY C 205 12.01 -16.44 -36.34
C GLY C 205 10.73 -15.70 -36.58
N ALA C 206 9.66 -16.17 -35.95
CA ALA C 206 8.34 -15.53 -36.06
C ALA C 206 8.39 -14.11 -35.44
N ALA C 207 9.22 -13.92 -34.42
CA ALA C 207 9.38 -12.60 -33.82
C ALA C 207 9.93 -11.69 -34.89
N SER C 208 10.99 -12.16 -35.54
CA SER C 208 11.67 -11.43 -36.61
C SER C 208 10.72 -11.06 -37.71
N VAL C 209 9.91 -12.03 -38.15
CA VAL C 209 8.89 -11.79 -39.17
C VAL C 209 8.06 -10.59 -38.68
N GLY C 210 7.52 -10.71 -37.45
CA GLY C 210 6.73 -9.62 -36.88
C GLY C 210 7.48 -8.30 -36.99
N MET C 211 8.76 -8.29 -36.67
CA MET C 211 9.52 -7.06 -36.78
C MET C 211 9.50 -6.47 -38.17
N HIS C 212 9.53 -7.32 -39.19
CA HIS C 212 9.54 -6.84 -40.56
C HIS C 212 8.19 -6.26 -40.92
N ILE C 213 7.16 -6.71 -40.22
CA ILE C 213 5.82 -6.20 -40.43
C ILE C 213 5.73 -4.81 -39.79
N LEU C 214 6.41 -4.67 -38.66
CA LEU C 214 6.40 -3.42 -37.91
C LEU C 214 7.48 -2.43 -38.32
N SER C 215 8.30 -2.80 -39.30
CA SER C 215 9.35 -1.88 -39.75
C SER C 215 9.06 -1.52 -41.18
N LEU C 216 8.84 -0.23 -41.41
CA LEU C 216 8.48 0.30 -42.71
C LEU C 216 9.28 -0.20 -43.93
N PRO C 217 10.62 -0.02 -43.92
CA PRO C 217 11.46 -0.47 -45.04
C PRO C 217 11.22 -1.94 -45.36
N SER C 218 11.28 -2.77 -44.33
CA SER C 218 11.05 -4.19 -44.51
C SER C 218 9.65 -4.49 -45.09
N ARG C 219 8.68 -3.59 -44.86
CA ARG C 219 7.31 -3.88 -45.33
C ARG C 219 7.08 -3.97 -46.83
N SER C 220 7.96 -3.33 -47.59
CA SER C 220 7.84 -3.35 -49.04
C SER C 220 8.67 -4.44 -49.71
N LEU C 221 9.00 -5.51 -48.96
CA LEU C 221 9.82 -6.61 -49.47
C LEU C 221 9.16 -7.97 -49.34
N PHE C 222 7.88 -7.97 -48.95
CA PHE C 222 7.07 -9.19 -48.81
C PHE C 222 5.60 -8.77 -48.77
N HIS C 223 4.70 -9.75 -48.80
CA HIS C 223 3.26 -9.46 -48.88
C HIS C 223 2.42 -10.23 -47.89
N ARG C 224 2.91 -11.39 -47.50
CA ARG C 224 2.21 -12.21 -46.54
C ARG C 224 3.19 -12.63 -45.47
N ALA C 225 2.67 -13.17 -44.36
CA ALA C 225 3.53 -13.60 -43.28
C ALA C 225 2.89 -14.66 -42.40
N VAL C 226 3.75 -15.53 -41.85
CA VAL C 226 3.33 -16.59 -40.96
C VAL C 226 4.19 -16.51 -39.71
N LEU C 227 3.55 -16.41 -38.55
CA LEU C 227 4.29 -16.36 -37.28
C LEU C 227 3.90 -17.59 -36.47
N GLN C 228 4.82 -18.54 -36.43
CA GLN C 228 4.65 -19.79 -35.75
C GLN C 228 5.33 -19.73 -34.39
N SER C 229 4.53 -19.90 -33.35
CA SER C 229 5.01 -19.92 -31.99
C SER C 229 6.02 -18.79 -31.68
N GLY C 230 5.63 -17.55 -31.95
CA GLY C 230 6.49 -16.40 -31.69
C GLY C 230 5.83 -15.09 -32.09
N THR C 231 6.25 -13.96 -31.51
CA THR C 231 5.68 -12.64 -31.81
C THR C 231 6.71 -11.54 -31.56
N PRO C 232 6.52 -10.35 -32.17
CA PRO C 232 7.47 -9.24 -31.96
C PRO C 232 7.19 -8.61 -30.58
N ASN C 233 5.92 -8.65 -30.20
CA ASN C 233 5.47 -8.19 -28.91
C ASN C 233 5.73 -9.33 -27.94
N GLY C 234 5.55 -9.08 -26.65
CA GLY C 234 5.80 -10.13 -25.69
C GLY C 234 7.00 -9.82 -24.80
N PRO C 235 7.15 -10.60 -23.73
CA PRO C 235 8.23 -10.44 -22.74
C PRO C 235 9.68 -10.72 -23.13
N TRP C 236 9.94 -11.57 -24.13
CA TRP C 236 11.33 -11.91 -24.51
C TRP C 236 11.88 -11.41 -25.83
N ALA C 237 11.01 -11.15 -26.81
CA ALA C 237 11.48 -10.71 -28.13
C ALA C 237 12.23 -9.38 -28.27
N THR C 238 12.16 -8.51 -27.27
CA THR C 238 12.81 -7.19 -27.36
C THR C 238 13.30 -6.64 -26.02
N VAL C 239 14.20 -5.66 -26.08
CA VAL C 239 14.70 -5.02 -24.85
C VAL C 239 14.78 -3.52 -24.99
N SER C 240 14.70 -2.85 -23.86
CA SER C 240 14.79 -1.40 -23.85
C SER C 240 16.17 -1.04 -24.36
N ALA C 241 16.33 0.20 -24.79
CA ALA C 241 17.61 0.66 -25.29
C ALA C 241 18.55 0.82 -24.12
N GLY C 242 17.98 1.12 -22.95
CA GLY C 242 18.78 1.30 -21.75
C GLY C 242 19.32 -0.03 -21.27
N GLU C 243 18.46 -1.05 -21.31
CA GLU C 243 18.81 -2.40 -20.91
C GLU C 243 19.86 -2.93 -21.86
N ALA C 244 19.56 -2.85 -23.15
CA ALA C 244 20.48 -3.29 -24.20
C ALA C 244 21.89 -2.72 -23.94
N ARG C 245 21.93 -1.46 -23.52
CA ARG C 245 23.19 -0.83 -23.22
C ARG C 245 23.75 -1.32 -21.89
N ARG C 246 22.89 -1.60 -20.91
CA ARG C 246 23.38 -2.07 -19.62
C ARG C 246 24.20 -3.33 -19.83
N ARG C 247 23.54 -4.28 -20.52
CA ARG C 247 24.09 -5.57 -20.84
C ARG C 247 25.36 -5.50 -21.69
N ALA C 248 25.26 -4.70 -22.76
CA ALA C 248 26.38 -4.53 -23.67
C ALA C 248 27.61 -4.02 -22.96
N THR C 249 27.39 -3.08 -22.05
CA THR C 249 28.49 -2.50 -21.29
C THR C 249 29.05 -3.47 -20.26
N LEU C 250 28.14 -4.27 -19.69
CA LEU C 250 28.51 -5.25 -18.70
C LEU C 250 29.35 -6.28 -19.36
N LEU C 251 28.82 -6.89 -20.44
CA LEU C 251 29.53 -7.92 -21.17
C LEU C 251 30.90 -7.43 -21.59
N ALA C 252 30.98 -6.17 -22.00
CA ALA C 252 32.26 -5.62 -22.40
C ALA C 252 33.24 -5.64 -21.24
N ARG C 253 32.72 -5.36 -20.06
CA ARG C 253 33.55 -5.31 -18.88
C ARG C 253 34.00 -6.71 -18.50
N LEU C 254 33.09 -7.66 -18.58
CA LEU C 254 33.38 -9.04 -18.26
C LEU C 254 34.50 -9.62 -19.14
N VAL C 255 34.74 -9.04 -20.31
CA VAL C 255 35.79 -9.56 -21.18
C VAL C 255 36.98 -8.62 -21.19
N GLY C 256 37.05 -7.74 -20.20
CA GLY C 256 38.17 -6.85 -20.11
C GLY C 256 38.12 -5.55 -20.85
N CYS C 257 36.93 -5.00 -21.09
CA CYS C 257 36.85 -3.75 -21.83
C CYS C 257 36.30 -2.55 -21.05
N ASN C 265 33.29 5.99 -23.22
CA ASN C 265 33.48 6.30 -24.68
C ASN C 265 33.10 5.09 -25.53
N ASP C 266 31.88 5.11 -26.06
CA ASP C 266 31.36 4.04 -26.89
C ASP C 266 32.24 3.53 -28.00
N THR C 267 32.95 4.43 -28.66
CA THR C 267 33.81 4.02 -29.77
C THR C 267 34.92 3.11 -29.29
N GLU C 268 35.65 3.60 -28.29
CA GLU C 268 36.76 2.90 -27.71
C GLU C 268 36.36 1.56 -27.07
N LEU C 269 35.11 1.45 -26.64
CA LEU C 269 34.59 0.24 -26.02
C LEU C 269 34.33 -0.83 -27.09
N ILE C 270 33.67 -0.43 -28.16
CA ILE C 270 33.37 -1.34 -29.27
C ILE C 270 34.68 -1.80 -29.94
N ALA C 271 35.64 -0.88 -30.05
CA ALA C 271 36.91 -1.21 -30.66
C ALA C 271 37.53 -2.35 -29.87
N CYS C 272 37.45 -2.26 -28.56
CA CYS C 272 37.99 -3.29 -27.69
C CYS C 272 37.18 -4.59 -27.89
N LEU C 273 35.86 -4.48 -27.98
CA LEU C 273 35.02 -5.66 -28.16
C LEU C 273 35.31 -6.37 -29.47
N ARG C 274 35.83 -5.63 -30.42
CA ARG C 274 36.15 -6.21 -31.70
C ARG C 274 37.45 -6.99 -31.76
N THR C 275 38.26 -6.81 -30.72
CA THR C 275 39.52 -7.53 -30.61
C THR C 275 39.28 -8.88 -29.89
N ARG C 276 38.16 -9.02 -29.20
CA ARG C 276 37.87 -10.25 -28.48
C ARG C 276 37.50 -11.41 -29.39
N PRO C 277 38.08 -12.61 -29.13
CA PRO C 277 37.79 -13.81 -29.92
C PRO C 277 36.31 -14.05 -29.91
N ALA C 278 35.78 -14.55 -31.02
CA ALA C 278 34.36 -14.82 -31.09
C ALA C 278 33.86 -15.67 -29.95
N GLN C 279 34.66 -16.63 -29.50
CA GLN C 279 34.21 -17.49 -28.43
C GLN C 279 34.22 -16.81 -27.08
N ASP C 280 35.18 -15.92 -26.86
CA ASP C 280 35.27 -15.19 -25.59
C ASP C 280 33.90 -14.60 -25.32
N LEU C 281 33.33 -14.04 -26.38
CA LEU C 281 32.02 -13.43 -26.35
C LEU C 281 30.91 -14.45 -26.07
N VAL C 282 30.86 -15.51 -26.86
CA VAL C 282 29.82 -16.54 -26.69
C VAL C 282 29.85 -17.10 -25.28
N ASP C 283 31.08 -17.24 -24.76
CA ASP C 283 31.30 -17.78 -23.42
C ASP C 283 30.63 -16.96 -22.32
N HIS C 284 30.66 -15.64 -22.52
CA HIS C 284 30.09 -14.69 -21.57
C HIS C 284 28.75 -14.11 -21.90
N GLU C 285 28.17 -14.46 -23.03
CA GLU C 285 26.90 -13.82 -23.34
C GLU C 285 25.78 -14.06 -22.33
N TRP C 286 25.85 -15.14 -21.58
CA TRP C 286 24.79 -15.43 -20.61
C TRP C 286 24.96 -14.77 -19.24
N HIS C 287 26.15 -14.28 -18.97
CA HIS C 287 26.46 -13.67 -17.68
C HIS C 287 25.76 -12.34 -17.43
N VAL C 288 25.34 -11.67 -18.51
CA VAL C 288 24.68 -10.38 -18.41
C VAL C 288 23.18 -10.36 -18.08
N LEU C 289 22.51 -11.51 -18.08
CA LEU C 289 21.08 -11.53 -17.71
C LEU C 289 20.97 -10.96 -16.29
N PRO C 290 19.93 -10.14 -16.06
CA PRO C 290 19.68 -9.50 -14.78
C PRO C 290 19.04 -10.34 -13.69
N GLN C 291 18.33 -11.40 -14.08
CA GLN C 291 17.66 -12.24 -13.09
C GLN C 291 17.66 -13.71 -13.45
N GLU C 292 17.33 -14.50 -12.45
CA GLU C 292 17.24 -15.93 -12.57
C GLU C 292 15.97 -16.16 -13.38
N SER C 293 16.14 -16.58 -14.64
CA SER C 293 15.00 -16.77 -15.54
C SER C 293 15.12 -17.88 -16.54
N ILE C 294 14.05 -18.05 -17.32
CA ILE C 294 14.01 -18.98 -18.42
C ILE C 294 13.19 -18.26 -19.47
N PHE C 295 13.50 -18.55 -20.72
CA PHE C 295 12.79 -17.94 -21.82
C PHE C 295 13.01 -16.46 -21.82
N ARG C 296 14.23 -16.08 -21.48
CA ARG C 296 14.61 -14.68 -21.49
C ARG C 296 16.07 -14.75 -21.95
N PHE C 297 16.34 -14.09 -23.08
CA PHE C 297 17.68 -14.13 -23.72
C PHE C 297 18.47 -12.83 -23.63
N SER C 298 19.80 -12.98 -23.55
CA SER C 298 20.70 -11.84 -23.38
C SER C 298 20.71 -10.76 -24.43
N PHE C 299 20.98 -11.14 -25.67
CA PHE C 299 21.05 -10.17 -26.74
C PHE C 299 19.99 -10.39 -27.81
N VAL C 300 18.97 -9.54 -27.76
CA VAL C 300 17.86 -9.60 -28.66
C VAL C 300 17.66 -8.22 -29.29
N PRO C 301 16.62 -8.06 -30.14
CA PRO C 301 16.35 -6.78 -30.79
C PRO C 301 16.02 -5.65 -29.81
N VAL C 302 16.76 -4.58 -29.93
CA VAL C 302 16.58 -3.40 -29.08
C VAL C 302 15.58 -2.44 -29.71
N VAL C 303 14.82 -1.72 -28.89
CA VAL C 303 13.89 -0.72 -29.42
C VAL C 303 14.71 0.56 -29.51
N ASP C 304 15.25 0.78 -30.71
CA ASP C 304 16.13 1.92 -31.00
C ASP C 304 15.43 3.13 -31.56
N GLY C 305 14.15 3.02 -31.87
CA GLY C 305 13.42 4.14 -32.44
C GLY C 305 13.86 4.38 -33.87
N ASP C 306 14.38 3.32 -34.48
CA ASP C 306 14.88 3.34 -35.84
C ASP C 306 14.32 2.11 -36.53
N PHE C 307 14.89 0.92 -36.29
CA PHE C 307 14.32 -0.27 -36.92
C PHE C 307 12.92 -0.36 -36.34
N LEU C 308 12.84 -0.18 -35.02
CA LEU C 308 11.59 -0.20 -34.29
C LEU C 308 11.39 1.24 -33.83
N SER C 309 10.46 1.93 -34.48
CA SER C 309 10.16 3.33 -34.17
C SER C 309 9.68 3.46 -32.72
N ASP C 310 8.85 2.49 -32.31
CA ASP C 310 8.30 2.44 -30.96
C ASP C 310 8.35 0.98 -30.52
N THR C 311 7.66 0.64 -29.45
CA THR C 311 7.67 -0.73 -29.01
C THR C 311 6.66 -1.49 -29.81
N PRO C 312 6.87 -2.80 -29.95
CA PRO C 312 5.96 -3.66 -30.68
C PRO C 312 4.55 -3.51 -30.16
N GLU C 313 4.44 -3.31 -28.84
CA GLU C 313 3.15 -3.15 -28.19
C GLU C 313 2.52 -1.90 -28.75
N ALA C 314 3.30 -0.83 -28.74
CA ALA C 314 2.86 0.46 -29.25
C ALA C 314 2.41 0.30 -30.70
N LEU C 315 3.32 -0.22 -31.52
CA LEU C 315 3.12 -0.43 -32.94
C LEU C 315 1.93 -1.30 -33.36
N ILE C 316 1.67 -2.38 -32.64
CA ILE C 316 0.56 -3.25 -33.03
C ILE C 316 -0.77 -2.69 -32.60
N ASN C 317 -0.74 -1.67 -31.74
CA ASN C 317 -1.95 -1.04 -31.24
C ASN C 317 -2.32 0.16 -32.10
N THR C 318 -1.33 0.68 -32.82
CA THR C 318 -1.51 1.85 -33.66
C THR C 318 -0.82 1.69 -35.02
N GLY C 319 -1.37 0.82 -35.86
CA GLY C 319 -0.78 0.63 -37.16
C GLY C 319 -1.84 0.24 -38.17
N ASP C 320 -1.56 0.50 -39.43
CA ASP C 320 -2.52 0.11 -40.45
C ASP C 320 -2.10 -1.23 -41.06
N PHE C 321 -3.01 -2.20 -40.96
CA PHE C 321 -2.73 -3.53 -41.44
C PHE C 321 -3.78 -4.10 -42.40
N GLN C 322 -4.42 -3.27 -43.21
CA GLN C 322 -5.45 -3.78 -44.12
C GLN C 322 -4.94 -4.65 -45.28
N ASP C 323 -3.79 -4.25 -45.79
CA ASP C 323 -3.13 -4.93 -46.91
C ASP C 323 -2.36 -6.18 -46.47
N LEU C 324 -2.63 -6.64 -45.25
CA LEU C 324 -1.93 -7.77 -44.70
C LEU C 324 -2.72 -9.03 -44.47
N GLN C 325 -2.11 -10.17 -44.80
CA GLN C 325 -2.72 -11.47 -44.55
C GLN C 325 -1.69 -12.17 -43.69
N VAL C 326 -2.13 -12.64 -42.52
CA VAL C 326 -1.22 -13.31 -41.59
C VAL C 326 -1.76 -14.64 -41.12
N LEU C 327 -0.82 -15.58 -40.93
CA LEU C 327 -1.13 -16.91 -40.43
C LEU C 327 -0.32 -17.00 -39.15
N VAL C 328 -1.01 -17.15 -38.03
CA VAL C 328 -0.35 -17.27 -36.72
C VAL C 328 -0.87 -18.48 -35.98
N GLY C 329 0.01 -19.04 -35.18
CA GLY C 329 -0.39 -20.21 -34.45
C GLY C 329 0.57 -20.56 -33.36
N VAL C 330 0.28 -21.71 -32.77
CA VAL C 330 1.04 -22.17 -31.63
C VAL C 330 0.90 -23.69 -31.41
N VAL C 331 1.90 -24.29 -30.79
CA VAL C 331 1.84 -25.72 -30.48
C VAL C 331 1.26 -25.94 -29.09
N LYS C 332 0.65 -27.11 -28.90
CA LYS C 332 -0.03 -27.48 -27.66
C LYS C 332 0.71 -27.37 -26.33
N ASP C 333 2.02 -27.57 -26.31
CA ASP C 333 2.76 -27.49 -25.06
C ASP C 333 4.02 -26.61 -25.18
N GLU C 334 3.79 -25.33 -25.40
CA GLU C 334 4.89 -24.38 -25.58
C GLU C 334 5.88 -24.23 -24.46
N GLY C 335 5.46 -24.49 -23.22
CA GLY C 335 6.39 -24.28 -22.11
C GLY C 335 7.42 -25.35 -21.72
N SER C 336 6.98 -26.60 -21.72
CA SER C 336 7.80 -27.75 -21.34
C SER C 336 9.28 -27.64 -21.64
N TYR C 337 9.60 -27.58 -22.93
CA TYR C 337 10.99 -27.48 -23.39
C TYR C 337 11.87 -26.64 -22.42
N PHE C 338 11.38 -25.46 -22.02
CA PHE C 338 12.14 -24.54 -21.18
C PHE C 338 12.32 -24.86 -19.73
N LEU C 339 11.38 -25.61 -19.17
CA LEU C 339 11.42 -25.99 -17.76
C LEU C 339 12.71 -26.73 -17.50
N VAL C 340 12.97 -27.69 -18.37
CA VAL C 340 14.15 -28.52 -18.33
C VAL C 340 15.44 -27.71 -18.23
N TYR C 341 15.39 -26.45 -18.62
CA TYR C 341 16.59 -25.62 -18.58
C TYR C 341 16.86 -24.79 -17.36
N GLY C 342 15.87 -24.65 -16.48
CA GLY C 342 16.12 -23.83 -15.30
C GLY C 342 15.20 -24.01 -14.12
N VAL C 343 14.02 -24.57 -14.35
CA VAL C 343 13.08 -24.77 -13.26
C VAL C 343 13.37 -26.09 -12.58
N PRO C 344 13.87 -26.03 -11.33
CA PRO C 344 14.23 -27.18 -10.51
C PRO C 344 13.04 -28.13 -10.38
N GLY C 345 13.29 -29.41 -10.64
CA GLY C 345 12.26 -30.43 -10.56
C GLY C 345 11.90 -30.98 -11.91
N PHE C 346 12.46 -30.35 -12.94
CA PHE C 346 12.20 -30.76 -14.30
C PHE C 346 13.44 -31.34 -14.99
N SER C 347 13.19 -32.49 -15.61
CA SER C 347 14.20 -33.26 -16.33
C SER C 347 13.48 -34.05 -17.43
N LYS C 348 14.22 -34.36 -18.49
CA LYS C 348 13.66 -35.09 -19.63
C LYS C 348 13.57 -36.57 -19.28
N ASP C 349 14.36 -36.95 -18.30
CA ASP C 349 14.48 -38.34 -17.88
C ASP C 349 13.36 -38.94 -17.03
N ASN C 350 12.80 -38.18 -16.09
CA ASN C 350 11.71 -38.70 -15.27
C ASN C 350 10.38 -38.10 -15.69
N GLU C 351 9.38 -38.14 -14.82
CA GLU C 351 8.09 -37.57 -15.15
C GLU C 351 7.89 -36.17 -14.61
N SER C 352 8.95 -35.64 -14.01
CA SER C 352 8.94 -34.31 -13.45
C SER C 352 7.67 -33.92 -12.69
N LEU C 353 7.33 -34.69 -11.66
CA LEU C 353 6.16 -34.39 -10.81
C LEU C 353 6.77 -33.53 -9.73
N ILE C 354 6.34 -32.28 -9.61
CA ILE C 354 6.94 -31.42 -8.59
C ILE C 354 6.04 -31.13 -7.39
N SER C 355 6.67 -30.57 -6.36
CA SER C 355 6.01 -30.18 -5.12
C SER C 355 5.53 -28.74 -5.30
N ARG C 356 4.50 -28.36 -4.55
CA ARG C 356 4.00 -27.01 -4.64
C ARG C 356 5.11 -26.00 -4.35
N ALA C 357 6.11 -26.42 -3.58
CA ALA C 357 7.21 -25.51 -3.24
C ALA C 357 8.05 -25.15 -4.46
N GLN C 358 8.22 -26.13 -5.35
CA GLN C 358 8.99 -25.96 -6.59
C GLN C 358 8.15 -25.17 -7.57
N PHE C 359 6.86 -25.49 -7.63
CA PHE C 359 5.94 -24.79 -8.52
C PHE C 359 5.95 -23.30 -8.16
N LEU C 360 5.96 -23.00 -6.87
CA LEU C 360 5.99 -21.62 -6.43
C LEU C 360 7.30 -20.96 -6.80
N ALA C 361 8.41 -21.63 -6.51
CA ALA C 361 9.73 -21.07 -6.81
C ALA C 361 9.96 -20.92 -8.29
N GLY C 362 9.28 -21.77 -9.06
CA GLY C 362 9.41 -21.76 -10.51
C GLY C 362 8.65 -20.66 -11.22
N VAL C 363 7.57 -20.19 -10.62
CA VAL C 363 6.80 -19.13 -11.22
C VAL C 363 7.65 -17.88 -11.16
N ARG C 364 8.56 -17.84 -10.19
CA ARG C 364 9.42 -16.68 -10.04
C ARG C 364 10.54 -16.76 -11.07
N ILE C 365 10.81 -17.99 -11.53
CA ILE C 365 11.85 -18.21 -12.55
C ILE C 365 11.23 -17.87 -13.91
N GLY C 366 10.00 -18.34 -14.09
CA GLY C 366 9.25 -18.13 -15.32
C GLY C 366 8.80 -16.71 -15.57
N VAL C 367 8.46 -15.99 -14.51
CA VAL C 367 8.02 -14.60 -14.62
C VAL C 367 8.93 -13.81 -13.70
N PRO C 368 10.21 -13.73 -14.07
CA PRO C 368 11.25 -13.03 -13.31
C PRO C 368 11.01 -11.56 -13.02
N GLN C 369 10.21 -10.93 -13.88
CA GLN C 369 9.92 -9.52 -13.72
C GLN C 369 8.79 -9.28 -12.73
N ALA C 370 8.10 -10.35 -12.34
CA ALA C 370 6.98 -10.26 -11.39
C ALA C 370 7.35 -9.90 -9.95
N SER C 371 6.42 -9.20 -9.30
CA SER C 371 6.53 -8.80 -7.89
C SER C 371 5.83 -9.92 -7.13
N ASP C 372 6.08 -9.99 -5.82
CA ASP C 372 5.46 -11.06 -5.03
C ASP C 372 3.96 -11.09 -5.22
N LEU C 373 3.37 -9.92 -5.39
CA LEU C 373 1.93 -9.87 -5.56
C LEU C 373 1.52 -10.40 -6.91
N ALA C 374 2.16 -9.88 -7.96
CA ALA C 374 1.88 -10.32 -9.31
C ALA C 374 2.05 -11.84 -9.33
N ALA C 375 3.16 -12.31 -8.77
CA ALA C 375 3.47 -13.73 -8.70
C ALA C 375 2.33 -14.51 -8.06
N GLU C 376 1.85 -13.99 -6.94
CA GLU C 376 0.77 -14.63 -6.24
C GLU C 376 -0.51 -14.64 -7.08
N ALA C 377 -0.63 -13.62 -7.91
CA ALA C 377 -1.79 -13.50 -8.80
C ALA C 377 -1.73 -14.67 -9.74
N VAL C 378 -0.53 -14.85 -10.30
CA VAL C 378 -0.27 -15.94 -11.25
C VAL C 378 -0.56 -17.28 -10.62
N VAL C 379 0.01 -17.51 -9.44
CA VAL C 379 -0.18 -18.75 -8.70
C VAL C 379 -1.66 -19.02 -8.49
N LEU C 380 -2.38 -18.01 -8.00
CA LEU C 380 -3.80 -18.15 -7.79
C LEU C 380 -4.48 -18.66 -9.06
N HIS C 381 -4.10 -18.09 -10.20
CA HIS C 381 -4.70 -18.46 -11.47
C HIS C 381 -4.47 -19.91 -11.93
N TYR C 382 -3.21 -20.31 -11.88
CA TYR C 382 -2.81 -21.64 -12.32
C TYR C 382 -2.94 -22.76 -11.30
N THR C 383 -3.48 -22.46 -10.13
CA THR C 383 -3.66 -23.50 -9.12
C THR C 383 -5.06 -24.11 -9.19
N ASP C 384 -5.14 -25.41 -8.90
CA ASP C 384 -6.40 -26.15 -8.85
C ASP C 384 -6.56 -26.22 -7.35
N TRP C 385 -7.49 -25.44 -6.84
CA TRP C 385 -7.70 -25.35 -5.41
C TRP C 385 -8.37 -26.52 -4.74
N LEU C 386 -8.79 -27.48 -5.54
CA LEU C 386 -9.42 -28.69 -5.03
C LEU C 386 -8.33 -29.69 -4.63
N HIS C 387 -7.20 -29.63 -5.35
CA HIS C 387 -6.02 -30.48 -5.16
C HIS C 387 -4.79 -29.60 -5.46
N PRO C 388 -4.61 -28.55 -4.66
CA PRO C 388 -3.48 -27.61 -4.85
C PRO C 388 -2.11 -28.24 -4.69
N GLU C 389 -2.11 -29.50 -4.29
CA GLU C 389 -0.87 -30.21 -4.05
C GLU C 389 -0.49 -31.25 -5.11
N ASP C 390 -1.48 -31.71 -5.89
CA ASP C 390 -1.25 -32.70 -6.96
C ASP C 390 -0.09 -32.26 -7.85
N PRO C 391 1.02 -33.02 -7.83
CA PRO C 391 2.23 -32.77 -8.61
C PRO C 391 2.05 -32.85 -10.12
N THR C 392 1.13 -33.70 -10.57
CA THR C 392 0.85 -33.83 -12.00
C THR C 392 0.32 -32.49 -12.47
N HIS C 393 -0.80 -32.09 -11.87
CA HIS C 393 -1.40 -30.82 -12.23
C HIS C 393 -0.40 -29.65 -12.05
N LEU C 394 0.46 -29.73 -11.05
CA LEU C 394 1.43 -28.66 -10.81
C LEU C 394 2.50 -28.60 -11.90
N ARG C 395 2.94 -29.76 -12.35
CA ARG C 395 3.94 -29.83 -13.42
C ARG C 395 3.31 -29.23 -14.69
N ASP C 396 2.16 -29.79 -15.10
CA ASP C 396 1.45 -29.30 -16.28
C ASP C 396 1.23 -27.77 -16.19
N ALA C 397 0.79 -27.31 -15.02
CA ALA C 397 0.55 -25.88 -14.77
C ALA C 397 1.80 -25.02 -14.94
N MET C 398 2.93 -25.50 -14.45
CA MET C 398 4.19 -24.76 -14.57
C MET C 398 4.59 -24.59 -16.04
N SER C 399 4.27 -25.60 -16.84
CA SER C 399 4.56 -25.56 -18.28
C SER C 399 3.65 -24.48 -18.87
N ALA C 400 2.36 -24.54 -18.53
CA ALA C 400 1.41 -23.58 -19.04
C ALA C 400 1.77 -22.12 -18.72
N VAL C 401 2.30 -21.89 -17.53
CA VAL C 401 2.66 -20.53 -17.14
C VAL C 401 3.64 -20.00 -18.17
N VAL C 402 4.69 -20.78 -18.44
CA VAL C 402 5.73 -20.38 -19.38
C VAL C 402 5.25 -20.29 -20.82
N GLY C 403 4.39 -21.23 -21.19
CA GLY C 403 3.84 -21.25 -22.54
C GLY C 403 2.92 -20.07 -22.78
N ASP C 404 1.97 -19.89 -21.87
CA ASP C 404 0.99 -18.82 -21.99
C ASP C 404 1.61 -17.42 -21.88
N HIS C 405 2.54 -17.28 -20.96
CA HIS C 405 3.18 -15.99 -20.74
C HIS C 405 4.03 -15.54 -21.90
N ASN C 406 4.92 -16.43 -22.38
CA ASN C 406 5.87 -16.14 -23.46
C ASN C 406 5.42 -16.37 -24.92
N VAL C 407 4.43 -17.22 -25.14
CA VAL C 407 4.02 -17.50 -26.50
C VAL C 407 2.53 -17.40 -26.77
N VAL C 408 1.75 -18.30 -26.18
CA VAL C 408 0.32 -18.31 -26.43
C VAL C 408 -0.44 -17.01 -26.28
N CYS C 409 -0.21 -16.29 -25.19
CA CYS C 409 -0.94 -15.04 -25.02
C CYS C 409 -0.43 -13.92 -25.89
N PRO C 410 0.90 -13.74 -26.01
CA PRO C 410 1.39 -12.65 -26.86
C PRO C 410 0.88 -12.85 -28.29
N VAL C 411 0.69 -14.11 -28.67
CA VAL C 411 0.17 -14.45 -29.97
C VAL C 411 -1.29 -14.01 -30.05
N ALA C 412 -2.09 -14.41 -29.05
CA ALA C 412 -3.52 -14.05 -28.99
C ALA C 412 -3.65 -12.53 -29.02
N GLN C 413 -2.73 -11.85 -28.36
CA GLN C 413 -2.68 -10.41 -28.31
C GLN C 413 -2.48 -9.91 -29.74
N LEU C 414 -1.40 -10.39 -30.37
CA LEU C 414 -1.08 -9.99 -31.72
C LEU C 414 -2.18 -10.30 -32.70
N ALA C 415 -2.77 -11.48 -32.60
CA ALA C 415 -3.87 -11.85 -33.50
C ALA C 415 -5.02 -10.85 -33.39
N GLY C 416 -5.37 -10.50 -32.16
CA GLY C 416 -6.45 -9.55 -31.92
C GLY C 416 -6.17 -8.16 -32.46
N ARG C 417 -4.99 -7.63 -32.16
CA ARG C 417 -4.62 -6.29 -32.63
C ARG C 417 -4.52 -6.22 -34.13
N LEU C 418 -3.96 -7.27 -34.74
CA LEU C 418 -3.82 -7.33 -36.17
C LEU C 418 -5.19 -7.38 -36.81
N ALA C 419 -6.00 -8.33 -36.36
CA ALA C 419 -7.36 -8.51 -36.85
C ALA C 419 -8.15 -7.23 -36.72
N ALA C 420 -8.05 -6.62 -35.54
CA ALA C 420 -8.75 -5.39 -35.22
C ALA C 420 -8.37 -4.22 -36.09
N GLN C 421 -7.12 -4.16 -36.53
CA GLN C 421 -6.69 -3.04 -37.34
C GLN C 421 -6.55 -3.28 -38.84
N GLY C 422 -7.50 -4.05 -39.38
CA GLY C 422 -7.53 -4.30 -40.81
C GLY C 422 -7.05 -5.62 -41.37
N ALA C 423 -6.05 -6.21 -40.75
CA ALA C 423 -5.46 -7.47 -41.21
C ALA C 423 -6.41 -8.64 -41.34
N ARG C 424 -6.03 -9.58 -42.18
CA ARG C 424 -6.78 -10.79 -42.39
C ARG C 424 -5.96 -11.86 -41.71
N VAL C 425 -6.48 -12.31 -40.57
CA VAL C 425 -5.73 -13.29 -39.80
C VAL C 425 -6.29 -14.70 -39.78
N TYR C 426 -5.37 -15.67 -39.76
CA TYR C 426 -5.70 -17.10 -39.69
C TYR C 426 -4.96 -17.65 -38.49
N ALA C 427 -5.65 -18.38 -37.63
CA ALA C 427 -5.00 -18.91 -36.43
C ALA C 427 -5.15 -20.40 -36.26
N TYR C 428 -4.16 -20.98 -35.60
CA TYR C 428 -4.18 -22.41 -35.37
C TYR C 428 -3.49 -22.79 -34.08
N ILE C 429 -3.70 -24.04 -33.71
CA ILE C 429 -3.06 -24.60 -32.55
C ILE C 429 -2.64 -26.00 -33.01
N PHE C 430 -1.32 -26.21 -33.01
CA PHE C 430 -0.73 -27.48 -33.45
C PHE C 430 -0.81 -28.49 -32.34
N GLU C 431 -1.55 -29.57 -32.54
CA GLU C 431 -1.73 -30.58 -31.50
C GLU C 431 -1.19 -31.99 -31.68
N HIS C 432 -0.46 -32.25 -32.76
CA HIS C 432 0.06 -33.60 -32.96
C HIS C 432 1.48 -33.80 -32.45
N ARG C 433 1.68 -34.95 -31.80
CA ARG C 433 2.98 -35.30 -31.27
C ARG C 433 3.69 -36.25 -32.23
N ALA C 434 4.84 -35.83 -32.75
CA ALA C 434 5.64 -36.66 -33.67
C ALA C 434 5.93 -38.01 -33.03
N SER C 435 5.50 -39.08 -33.71
CA SER C 435 5.69 -40.44 -33.23
C SER C 435 7.17 -40.74 -32.97
N THR C 436 8.02 -40.03 -33.71
CA THR C 436 9.46 -40.17 -33.61
C THR C 436 10.06 -39.25 -32.56
N LEU C 437 9.22 -38.63 -31.74
CA LEU C 437 9.70 -37.68 -30.75
C LEU C 437 10.51 -38.29 -29.63
N THR C 438 11.66 -37.66 -29.41
CA THR C 438 12.62 -38.09 -28.39
C THR C 438 12.50 -37.42 -27.01
N TRP C 439 11.59 -36.45 -26.89
CA TRP C 439 11.40 -35.79 -25.60
C TRP C 439 10.35 -36.59 -24.81
N PRO C 440 10.47 -36.63 -23.48
CA PRO C 440 9.53 -37.37 -22.61
C PRO C 440 8.08 -37.03 -22.92
N LEU C 441 7.21 -38.02 -22.74
CA LEU C 441 5.79 -37.86 -23.04
C LEU C 441 5.10 -36.72 -22.25
N TRP C 442 5.69 -36.38 -21.11
CA TRP C 442 5.12 -35.33 -20.30
C TRP C 442 5.18 -33.98 -20.98
N MET C 443 6.19 -33.78 -21.82
CA MET C 443 6.35 -32.50 -22.52
C MET C 443 5.34 -32.30 -23.63
N GLY C 444 4.55 -33.33 -23.96
CA GLY C 444 3.55 -33.24 -25.02
C GLY C 444 4.12 -32.82 -26.37
N VAL C 445 3.56 -31.78 -26.97
CA VAL C 445 4.03 -31.25 -28.25
C VAL C 445 4.83 -29.99 -27.92
N PRO C 446 6.15 -30.12 -27.68
CA PRO C 446 6.90 -28.90 -27.35
C PRO C 446 7.17 -27.88 -28.42
N HIS C 447 7.78 -26.79 -27.99
CA HIS C 447 8.15 -25.66 -28.83
C HIS C 447 9.09 -26.09 -29.98
N GLY C 448 8.59 -25.98 -31.22
CA GLY C 448 9.37 -26.33 -32.40
C GLY C 448 9.06 -27.63 -33.14
N TYR C 449 8.27 -28.48 -32.49
CA TYR C 449 7.96 -29.77 -33.04
C TYR C 449 6.78 -29.87 -34.00
N GLU C 450 6.63 -28.78 -34.75
CA GLU C 450 5.60 -28.65 -35.78
C GLU C 450 6.37 -28.43 -37.08
N ILE C 451 7.52 -27.76 -36.95
CA ILE C 451 8.38 -27.40 -38.07
C ILE C 451 8.62 -28.55 -39.03
N GLU C 452 9.09 -29.66 -38.49
CA GLU C 452 9.36 -30.84 -39.31
C GLU C 452 8.16 -31.32 -40.12
N PHE C 453 6.96 -30.91 -39.76
CA PHE C 453 5.80 -31.34 -40.52
C PHE C 453 5.53 -30.37 -41.65
N ILE C 454 5.62 -29.10 -41.32
CA ILE C 454 5.41 -28.01 -42.26
C ILE C 454 6.39 -28.18 -43.42
N PHE C 455 7.63 -28.51 -43.09
CA PHE C 455 8.68 -28.71 -44.08
C PHE C 455 8.59 -29.99 -44.88
N GLY C 456 7.70 -30.87 -44.45
CA GLY C 456 7.47 -32.12 -45.15
C GLY C 456 8.36 -33.31 -44.86
N LEU C 457 9.16 -33.25 -43.80
CA LEU C 457 10.03 -34.39 -43.52
C LEU C 457 9.38 -35.77 -43.48
N PRO C 458 8.14 -35.90 -42.97
CA PRO C 458 7.52 -37.24 -42.93
C PRO C 458 7.37 -37.92 -44.31
N LEU C 459 7.60 -37.14 -45.38
CA LEU C 459 7.51 -37.63 -46.75
C LEU C 459 8.72 -38.48 -47.16
N ASP C 460 9.83 -38.32 -46.43
CA ASP C 460 11.05 -39.11 -46.66
C ASP C 460 10.81 -40.42 -45.92
N PRO C 461 10.63 -41.52 -46.66
CA PRO C 461 10.39 -42.85 -46.06
C PRO C 461 11.59 -43.31 -45.22
N SER C 462 12.77 -42.77 -45.53
CA SER C 462 13.99 -43.08 -44.79
C SER C 462 13.76 -42.73 -43.31
N LEU C 463 13.00 -41.66 -43.05
CA LEU C 463 12.67 -41.24 -41.69
C LEU C 463 11.52 -42.13 -41.21
N ASN C 464 11.52 -42.45 -39.92
CA ASN C 464 10.53 -43.37 -39.38
C ASN C 464 9.12 -42.88 -39.00
N TYR C 465 8.57 -41.90 -39.72
CA TYR C 465 7.21 -41.41 -39.41
C TYR C 465 6.20 -42.44 -39.88
N THR C 466 4.93 -42.18 -39.57
CA THR C 466 3.85 -43.09 -39.94
C THR C 466 3.18 -42.63 -41.21
N THR C 467 2.31 -43.47 -41.73
CA THR C 467 1.59 -43.16 -42.95
C THR C 467 0.69 -41.96 -42.69
N GLU C 468 -0.01 -41.95 -41.55
CA GLU C 468 -0.89 -40.84 -41.21
C GLU C 468 -0.13 -39.54 -41.18
N GLU C 469 1.06 -39.59 -40.56
CA GLU C 469 1.93 -38.42 -40.42
C GLU C 469 2.42 -37.87 -41.76
N ARG C 470 2.58 -38.74 -42.75
CA ARG C 470 3.02 -38.31 -44.08
C ARG C 470 1.86 -37.55 -44.72
N ILE C 471 0.66 -38.14 -44.67
CA ILE C 471 -0.55 -37.54 -45.21
C ILE C 471 -0.83 -36.19 -44.56
N PHE C 472 -0.57 -36.15 -43.26
CA PHE C 472 -0.74 -34.95 -42.42
C PHE C 472 0.22 -33.86 -42.93
N ALA C 473 1.52 -34.18 -43.04
CA ALA C 473 2.51 -33.21 -43.51
C ALA C 473 2.08 -32.62 -44.86
N GLN C 474 1.49 -33.46 -45.70
CA GLN C 474 1.04 -33.01 -47.00
C GLN C 474 -0.03 -31.95 -46.83
N ARG C 475 -1.02 -32.29 -46.01
CA ARG C 475 -2.15 -31.41 -45.71
C ARG C 475 -1.65 -30.04 -45.24
N LEU C 476 -0.63 -30.05 -44.38
CA LEU C 476 -0.06 -28.82 -43.84
C LEU C 476 0.70 -28.04 -44.88
N MET C 477 1.43 -28.76 -45.73
CA MET C 477 2.19 -28.11 -46.77
C MET C 477 1.22 -27.44 -47.73
N LYS C 478 0.03 -28.03 -47.88
CA LYS C 478 -0.98 -27.44 -48.75
C LYS C 478 -1.47 -26.14 -48.11
N TYR C 479 -1.78 -26.22 -46.80
CA TYR C 479 -2.24 -25.05 -46.06
C TYR C 479 -1.28 -23.90 -46.22
N TRP C 480 -0.03 -24.11 -45.83
CA TRP C 480 0.98 -23.06 -45.94
C TRP C 480 1.17 -22.51 -47.36
N THR C 481 1.40 -23.38 -48.33
CA THR C 481 1.59 -22.92 -49.69
C THR C 481 0.35 -22.21 -50.22
N ASN C 482 -0.83 -22.82 -50.06
CA ASN C 482 -2.07 -22.17 -50.50
C ASN C 482 -2.17 -20.75 -49.94
N PHE C 483 -1.72 -20.58 -48.71
CA PHE C 483 -1.72 -19.28 -48.07
C PHE C 483 -0.64 -18.39 -48.71
N ALA C 484 0.58 -18.90 -48.80
CA ALA C 484 1.71 -18.15 -49.37
C ALA C 484 1.44 -17.76 -50.80
N ARG C 485 0.54 -18.52 -51.42
CA ARG C 485 0.15 -18.34 -52.79
C ARG C 485 -1.04 -17.38 -52.95
N THR C 486 -2.09 -17.60 -52.17
CA THR C 486 -3.29 -16.78 -52.27
C THR C 486 -3.71 -15.96 -51.05
N GLY C 487 -3.01 -16.10 -49.93
CA GLY C 487 -3.41 -15.37 -48.73
C GLY C 487 -4.54 -16.07 -47.97
N ASP C 488 -4.81 -17.31 -48.37
CA ASP C 488 -5.86 -18.13 -47.77
C ASP C 488 -5.39 -19.59 -47.84
N PRO C 489 -5.20 -20.24 -46.68
CA PRO C 489 -4.76 -21.63 -46.54
C PRO C 489 -5.74 -22.68 -47.00
N ASN C 490 -6.95 -22.26 -47.34
CA ASN C 490 -8.01 -23.19 -47.79
C ASN C 490 -7.87 -23.68 -49.21
N ASP C 491 -8.25 -24.95 -49.41
CA ASP C 491 -8.22 -25.59 -50.74
C ASP C 491 -9.19 -24.79 -51.58
N PRO C 492 -8.67 -24.02 -52.55
CA PRO C 492 -9.46 -23.17 -53.44
C PRO C 492 -10.65 -23.91 -54.07
N ARG C 493 -10.32 -24.89 -54.92
CA ARG C 493 -11.32 -25.71 -55.62
C ARG C 493 -12.12 -26.64 -54.70
N ASP C 494 -11.42 -27.61 -54.09
CA ASP C 494 -12.06 -28.57 -53.20
C ASP C 494 -12.69 -27.98 -51.92
N ARG C 495 -13.99 -27.67 -52.02
CA ARG C 495 -14.79 -27.16 -50.88
C ARG C 495 -15.09 -28.47 -50.12
N LYS C 496 -14.02 -29.25 -50.00
CA LYS C 496 -13.94 -30.56 -49.36
C LYS C 496 -14.76 -30.62 -48.08
N SER C 497 -14.07 -30.80 -46.96
CA SER C 497 -14.81 -30.86 -45.72
C SER C 497 -14.53 -29.67 -44.78
N PRO C 498 -13.38 -29.67 -44.11
CA PRO C 498 -13.16 -28.54 -43.21
C PRO C 498 -12.64 -27.25 -43.81
N GLN C 499 -13.37 -26.15 -43.65
CA GLN C 499 -12.91 -24.88 -44.16
C GLN C 499 -12.43 -24.06 -42.94
N TRP C 500 -11.20 -23.54 -43.05
CA TRP C 500 -10.53 -22.75 -42.00
C TRP C 500 -10.93 -21.28 -42.05
N PRO C 501 -11.73 -20.81 -41.06
CA PRO C 501 -12.18 -19.42 -40.99
C PRO C 501 -11.18 -18.48 -40.35
N PRO C 502 -11.20 -17.22 -40.76
CA PRO C 502 -10.29 -16.20 -40.22
C PRO C 502 -10.58 -15.85 -38.77
N TYR C 503 -9.51 -15.55 -38.05
CA TYR C 503 -9.64 -15.16 -36.67
C TYR C 503 -10.18 -13.73 -36.71
N THR C 504 -11.27 -13.50 -35.99
CA THR C 504 -11.92 -12.18 -35.86
C THR C 504 -12.00 -11.85 -34.36
N THR C 505 -11.92 -10.57 -34.00
CA THR C 505 -12.01 -10.20 -32.58
C THR C 505 -13.36 -10.57 -32.00
N ALA C 506 -14.38 -10.52 -32.85
CA ALA C 506 -15.75 -10.85 -32.46
C ALA C 506 -15.92 -12.34 -32.13
N ALA C 507 -15.68 -13.21 -33.11
CA ALA C 507 -15.84 -14.66 -32.93
C ALA C 507 -14.61 -15.41 -32.42
N GLN C 508 -13.43 -14.83 -32.59
CA GLN C 508 -12.17 -15.43 -32.12
C GLN C 508 -11.92 -16.89 -32.50
N GLN C 509 -12.14 -17.24 -33.77
CA GLN C 509 -11.95 -18.61 -34.19
C GLN C 509 -10.58 -18.98 -34.76
N TYR C 510 -10.17 -20.19 -34.41
CA TYR C 510 -8.90 -20.76 -34.84
C TYR C 510 -9.14 -22.26 -35.06
N VAL C 511 -8.16 -22.95 -35.63
CA VAL C 511 -8.33 -24.37 -35.92
C VAL C 511 -7.31 -25.27 -35.28
N SER C 512 -7.73 -26.52 -35.17
CA SER C 512 -6.93 -27.59 -34.59
C SER C 512 -6.14 -28.34 -35.66
N LEU C 513 -4.83 -28.23 -35.57
CA LEU C 513 -3.97 -28.91 -36.52
C LEU C 513 -3.51 -30.20 -35.85
N ASN C 514 -4.19 -31.31 -36.16
CA ASN C 514 -3.87 -32.63 -35.61
C ASN C 514 -4.18 -33.69 -36.67
N LEU C 515 -4.07 -34.97 -36.32
CA LEU C 515 -4.35 -36.02 -37.29
C LEU C 515 -5.79 -36.07 -37.80
N LYS C 516 -6.73 -35.70 -36.93
CA LYS C 516 -8.15 -35.66 -37.32
C LYS C 516 -8.38 -34.44 -38.23
N PRO C 517 -9.53 -34.39 -38.91
CA PRO C 517 -9.83 -33.26 -39.80
C PRO C 517 -9.83 -31.95 -39.01
N LEU C 518 -9.84 -30.84 -39.72
CA LEU C 518 -9.87 -29.54 -39.08
C LEU C 518 -11.09 -29.38 -38.20
N GLU C 519 -10.88 -28.76 -37.04
CA GLU C 519 -11.92 -28.49 -36.09
C GLU C 519 -11.82 -27.01 -35.75
N VAL C 520 -12.96 -26.32 -35.76
CA VAL C 520 -12.98 -24.91 -35.42
C VAL C 520 -13.23 -24.68 -33.93
N ARG C 521 -12.42 -23.82 -33.34
CA ARG C 521 -12.54 -23.54 -31.93
C ARG C 521 -12.56 -22.04 -31.72
N ARG C 522 -13.41 -21.63 -30.80
CA ARG C 522 -13.58 -20.23 -30.51
C ARG C 522 -12.90 -19.87 -29.20
N GLY C 523 -12.18 -18.75 -29.21
CA GLY C 523 -11.50 -18.32 -28.01
C GLY C 523 -10.23 -19.10 -27.75
N LEU C 524 -9.11 -18.46 -28.06
CA LEU C 524 -7.80 -19.07 -27.88
C LEU C 524 -7.31 -18.81 -26.46
N ARG C 525 -7.65 -19.72 -25.53
CA ARG C 525 -7.21 -19.57 -24.13
C ARG C 525 -7.73 -18.19 -23.67
N ALA C 526 -8.99 -17.92 -24.02
CA ALA C 526 -9.61 -16.62 -23.76
C ALA C 526 -9.49 -16.02 -22.38
N GLN C 527 -10.01 -16.76 -21.39
CA GLN C 527 -9.99 -16.31 -20.00
C GLN C 527 -8.58 -16.12 -19.46
N THR C 528 -7.71 -17.06 -19.81
CA THR C 528 -6.33 -16.99 -19.35
C THR C 528 -5.51 -15.87 -19.95
N CYS C 529 -5.72 -15.62 -21.25
CA CYS C 529 -4.97 -14.59 -21.90
C CYS C 529 -5.44 -13.21 -21.51
N ALA C 530 -6.67 -13.14 -21.02
CA ALA C 530 -7.22 -11.88 -20.53
C ALA C 530 -6.41 -11.54 -19.28
N PHE C 531 -6.07 -12.59 -18.53
CA PHE C 531 -5.28 -12.40 -17.32
C PHE C 531 -3.92 -11.81 -17.66
N TRP C 532 -3.23 -12.46 -18.59
CA TRP C 532 -1.90 -12.04 -18.99
C TRP C 532 -1.84 -10.73 -19.72
N ASN C 533 -2.70 -10.62 -20.74
CA ASN C 533 -2.73 -9.46 -21.62
C ASN C 533 -3.31 -8.20 -21.05
N ARG C 534 -4.48 -8.36 -20.41
CA ARG C 534 -5.24 -7.27 -19.82
C ARG C 534 -4.96 -6.85 -18.40
N PHE C 535 -4.99 -7.81 -17.49
CA PHE C 535 -4.80 -7.51 -16.08
C PHE C 535 -3.39 -7.51 -15.53
N LEU C 536 -2.72 -8.63 -15.68
CA LEU C 536 -1.38 -8.77 -15.15
C LEU C 536 -0.47 -7.56 -15.35
N PRO C 537 -0.56 -6.91 -16.52
CA PRO C 537 0.32 -5.76 -16.72
C PRO C 537 0.01 -4.57 -15.82
N LYS C 538 -1.27 -4.36 -15.52
CA LYS C 538 -1.69 -3.26 -14.64
C LYS C 538 -1.16 -3.55 -13.26
N LEU C 539 -1.41 -4.78 -12.82
CA LEU C 539 -0.94 -5.21 -11.52
C LEU C 539 0.58 -5.07 -11.53
N LEU C 540 1.21 -5.42 -12.65
CA LEU C 540 2.67 -5.33 -12.78
C LEU C 540 3.20 -3.92 -12.59
N SER C 541 2.57 -2.96 -13.25
CA SER C 541 2.97 -1.55 -13.19
C SER C 541 2.69 -0.92 -11.83
N ALA C 542 1.58 -1.34 -11.20
CA ALA C 542 1.18 -0.86 -9.88
C ALA C 542 2.22 -1.24 -8.82
N THR C 543 2.48 -2.54 -8.76
CA THR C 543 3.46 -3.14 -7.85
C THR C 543 4.89 -2.98 -8.41
N ASP C 544 5.05 -2.19 -9.46
CA ASP C 544 6.34 -1.97 -10.09
C ASP C 544 7.28 -1.28 -9.11
N THR C 545 8.43 -1.93 -8.86
CA THR C 545 9.49 -1.47 -7.94
C THR C 545 8.99 -0.97 -6.55
N LEU C 546 8.14 -1.78 -5.92
CA LEU C 546 7.51 -1.54 -4.58
C LEU C 546 6.44 -0.41 -4.41
N ASP C 547 5.18 -0.75 -4.68
CA ASP C 547 4.06 0.20 -4.55
C ASP C 547 2.72 -0.51 -4.30
N GLU D 4 -56.94 -24.75 33.00
CA GLU D 4 -57.96 -25.23 32.01
C GLU D 4 -57.44 -26.33 31.06
N ASP D 5 -56.16 -26.62 31.19
CA ASP D 5 -55.45 -27.61 30.39
C ASP D 5 -54.02 -27.38 30.86
N PRO D 6 -53.55 -28.21 31.81
CA PRO D 6 -52.20 -28.13 32.40
C PRO D 6 -51.12 -28.08 31.33
N GLN D 7 -51.53 -28.42 30.11
CA GLN D 7 -50.66 -28.42 28.97
C GLN D 7 -50.38 -27.00 28.51
N LEU D 8 -51.37 -26.13 28.68
CA LEU D 8 -51.25 -24.73 28.29
C LEU D 8 -50.95 -23.80 29.47
N LEU D 9 -50.67 -24.36 30.64
CA LEU D 9 -50.36 -23.57 31.83
C LEU D 9 -48.97 -23.96 32.30
N VAL D 10 -48.06 -22.99 32.32
CA VAL D 10 -46.69 -23.27 32.73
C VAL D 10 -46.06 -22.26 33.68
N ARG D 11 -45.36 -22.76 34.69
CA ARG D 11 -44.66 -21.91 35.64
C ARG D 11 -43.26 -21.71 35.13
N VAL D 12 -42.81 -20.47 35.17
CA VAL D 12 -41.49 -20.12 34.73
C VAL D 12 -40.77 -19.40 35.86
N ARG D 13 -39.45 -19.37 35.79
CA ARG D 13 -38.65 -18.74 36.83
C ARG D 13 -39.17 -17.36 37.25
N GLY D 14 -39.98 -16.74 36.40
CA GLY D 14 -40.52 -15.42 36.70
C GLY D 14 -42.02 -15.34 36.98
N GLY D 15 -42.76 -16.38 36.64
CA GLY D 15 -44.19 -16.39 36.87
C GLY D 15 -44.94 -17.40 36.02
N GLN D 16 -46.26 -17.36 36.03
CA GLN D 16 -47.07 -18.29 35.24
C GLN D 16 -47.33 -17.80 33.83
N LEU D 17 -47.62 -18.75 32.93
CA LEU D 17 -47.88 -18.44 31.52
C LEU D 17 -49.03 -19.27 30.99
N ARG D 18 -49.71 -18.73 29.99
CA ARG D 18 -50.84 -19.41 29.36
C ARG D 18 -50.60 -19.44 27.85
N GLY D 19 -50.42 -20.63 27.31
CA GLY D 19 -50.21 -20.77 25.89
C GLY D 19 -51.52 -21.03 25.17
N ILE D 20 -51.43 -21.28 23.89
CA ILE D 20 -52.60 -21.56 23.08
C ILE D 20 -52.35 -22.86 22.34
N ARG D 21 -53.41 -23.57 21.99
CA ARG D 21 -53.26 -24.83 21.31
C ARG D 21 -53.51 -24.71 19.81
N LEU D 22 -52.41 -24.73 19.05
CA LEU D 22 -52.44 -24.63 17.59
C LEU D 22 -52.67 -25.98 16.92
N LYS D 23 -53.23 -25.93 15.72
CA LYS D 23 -53.48 -27.15 14.98
C LYS D 23 -52.66 -27.28 13.70
N ALA D 24 -51.65 -28.15 13.77
CA ALA D 24 -50.77 -28.45 12.65
C ALA D 24 -51.43 -29.59 11.86
N PRO D 25 -51.06 -29.77 10.58
CA PRO D 25 -51.61 -30.83 9.75
C PRO D 25 -51.65 -32.20 10.40
N GLY D 26 -50.53 -32.60 11.02
CA GLY D 26 -50.48 -33.90 11.65
C GLY D 26 -50.91 -33.97 13.10
N GLY D 27 -51.43 -32.87 13.65
CA GLY D 27 -51.86 -32.89 15.04
C GLY D 27 -51.78 -31.58 15.80
N PRO D 28 -51.98 -31.63 17.13
CA PRO D 28 -51.94 -30.47 18.02
C PRO D 28 -50.53 -30.09 18.49
N VAL D 29 -50.38 -28.80 18.79
CA VAL D 29 -49.12 -28.23 19.26
C VAL D 29 -49.40 -27.17 20.33
N SER D 30 -48.56 -27.13 21.35
CA SER D 30 -48.69 -26.14 22.41
C SER D 30 -47.79 -24.98 21.99
N ALA D 31 -48.32 -23.76 22.03
CA ALA D 31 -47.55 -22.58 21.65
C ALA D 31 -47.59 -21.50 22.72
N PHE D 32 -46.42 -21.01 23.12
CA PHE D 32 -46.32 -19.99 24.14
C PHE D 32 -45.69 -18.71 23.62
N LEU D 33 -46.52 -17.94 22.93
CA LEU D 33 -46.10 -16.70 22.30
C LEU D 33 -46.08 -15.40 23.13
N GLY D 34 -45.00 -14.64 22.99
CA GLY D 34 -44.91 -13.38 23.66
C GLY D 34 -44.31 -13.39 25.03
N ILE D 35 -43.43 -14.34 25.32
CA ILE D 35 -42.81 -14.43 26.64
C ILE D 35 -41.73 -13.37 26.90
N PRO D 36 -42.01 -12.40 27.78
CA PRO D 36 -41.00 -11.37 28.05
C PRO D 36 -39.77 -11.98 28.64
N PHE D 37 -38.67 -11.89 27.91
CA PHE D 37 -37.43 -12.42 28.45
C PHE D 37 -36.57 -11.32 29.01
N ALA D 38 -37.00 -10.08 28.78
CA ALA D 38 -36.27 -8.93 29.28
C ALA D 38 -37.15 -7.73 29.48
N GLU D 39 -36.67 -6.85 30.36
CA GLU D 39 -37.35 -5.61 30.70
C GLU D 39 -37.18 -4.73 29.49
N PRO D 40 -38.31 -4.19 28.96
CA PRO D 40 -38.41 -3.30 27.80
C PRO D 40 -37.29 -2.29 27.84
N PRO D 41 -36.45 -2.28 26.82
CA PRO D 41 -35.28 -1.40 26.65
C PRO D 41 -35.61 -0.01 26.16
N VAL D 42 -36.76 0.46 26.59
CA VAL D 42 -37.29 1.77 26.23
C VAL D 42 -36.75 2.89 27.12
N GLY D 43 -37.08 4.12 26.78
CA GLY D 43 -36.66 5.22 27.61
C GLY D 43 -35.17 5.44 27.70
N SER D 44 -34.65 5.43 28.92
CA SER D 44 -33.23 5.66 29.16
C SER D 44 -32.48 4.33 29.07
N ARG D 45 -33.23 3.31 28.69
CA ARG D 45 -32.70 1.96 28.55
C ARG D 45 -32.33 1.69 27.09
N ARG D 46 -32.62 2.65 26.21
CA ARG D 46 -32.33 2.54 24.78
C ARG D 46 -30.84 2.59 24.58
N PHE D 47 -30.33 1.72 23.68
CA PHE D 47 -28.89 1.57 23.35
C PHE D 47 -28.13 0.79 24.43
N MET D 48 -28.85 0.43 25.50
CA MET D 48 -28.30 -0.26 26.68
C MET D 48 -28.45 -1.77 26.62
N PRO D 49 -27.54 -2.49 27.30
CA PRO D 49 -27.62 -3.96 27.30
C PRO D 49 -28.97 -4.33 27.88
N PRO D 50 -29.54 -5.46 27.48
CA PRO D 50 -30.85 -5.82 28.04
C PRO D 50 -30.78 -6.23 29.51
N GLU D 51 -31.92 -6.14 30.20
CA GLU D 51 -32.00 -6.58 31.60
C GLU D 51 -33.06 -7.66 31.73
N PRO D 52 -32.80 -8.65 32.59
CA PRO D 52 -33.74 -9.75 32.78
C PRO D 52 -35.08 -9.25 33.22
N LYS D 53 -36.13 -9.73 32.55
CA LYS D 53 -37.52 -9.38 32.86
C LYS D 53 -37.77 -9.62 34.34
N ARG D 54 -38.42 -8.67 35.01
CA ARG D 54 -38.71 -8.85 36.42
C ARG D 54 -39.90 -9.80 36.53
N PRO D 55 -39.98 -10.58 37.63
CA PRO D 55 -41.08 -11.54 37.83
C PRO D 55 -42.45 -10.89 37.85
N TRP D 56 -43.47 -11.62 37.44
CA TRP D 56 -44.82 -11.10 37.38
C TRP D 56 -45.85 -11.88 38.19
N SER D 57 -46.89 -11.14 38.57
CA SER D 57 -48.00 -11.65 39.36
C SER D 57 -49.07 -12.25 38.46
N GLY D 58 -49.77 -13.25 38.94
CA GLY D 58 -50.84 -13.84 38.16
C GLY D 58 -50.37 -14.65 36.98
N VAL D 59 -51.30 -14.90 36.04
CA VAL D 59 -51.05 -15.68 34.83
C VAL D 59 -50.90 -14.77 33.62
N LEU D 60 -49.66 -14.68 33.15
CA LEU D 60 -49.33 -13.87 31.99
C LEU D 60 -49.82 -14.52 30.70
N ASP D 61 -50.59 -13.76 29.93
CA ASP D 61 -51.09 -14.27 28.67
C ASP D 61 -49.92 -14.44 27.71
N ALA D 62 -49.91 -15.57 27.00
CA ALA D 62 -48.87 -15.88 26.04
C ALA D 62 -49.50 -16.58 24.86
N THR D 63 -50.75 -16.20 24.56
CA THR D 63 -51.49 -16.82 23.47
C THR D 63 -51.32 -16.07 22.16
N THR D 64 -50.46 -15.06 22.14
CA THR D 64 -50.31 -14.30 20.92
C THR D 64 -48.97 -13.63 20.73
N PHE D 65 -48.64 -13.39 19.45
CA PHE D 65 -47.40 -12.76 19.03
C PHE D 65 -47.27 -11.33 19.47
N GLN D 66 -46.09 -11.02 20.00
CA GLN D 66 -45.77 -9.68 20.47
C GLN D 66 -45.29 -8.74 19.37
N ASN D 67 -44.96 -7.52 19.76
CA ASN D 67 -44.52 -6.51 18.83
C ASN D 67 -43.15 -6.73 18.24
N VAL D 68 -43.02 -6.28 17.01
CA VAL D 68 -41.79 -6.34 16.23
C VAL D 68 -40.92 -5.18 16.67
N CYS D 69 -39.61 -5.37 16.76
CA CYS D 69 -38.73 -4.28 17.17
C CYS D 69 -38.78 -3.15 16.19
N TYR D 70 -38.33 -1.98 16.59
CA TYR D 70 -38.38 -0.85 15.68
C TYR D 70 -37.38 -1.00 14.52
N GLN D 71 -37.93 -0.95 13.30
CA GLN D 71 -37.12 -1.16 12.13
C GLN D 71 -37.70 -0.52 10.88
N TYR D 72 -36.85 -0.38 9.86
CA TYR D 72 -37.23 0.16 8.55
C TYR D 72 -38.22 -0.82 7.90
N VAL D 73 -39.19 -0.30 7.16
CA VAL D 73 -40.15 -1.15 6.49
C VAL D 73 -39.94 -1.01 4.99
N ASP D 74 -39.95 -2.15 4.29
CA ASP D 74 -39.71 -2.15 2.87
C ASP D 74 -40.84 -1.61 1.99
N THR D 75 -40.51 -0.61 1.20
CA THR D 75 -41.47 0.04 0.31
C THR D 75 -41.08 -0.06 -1.16
N LEU D 76 -40.10 -0.90 -1.48
CA LEU D 76 -39.65 -1.05 -2.87
C LEU D 76 -40.76 -1.56 -3.76
N TYR D 77 -41.35 -2.69 -3.38
CA TYR D 77 -42.44 -3.28 -4.16
C TYR D 77 -43.68 -3.46 -3.29
N PRO D 78 -44.47 -2.41 -3.14
CA PRO D 78 -45.68 -2.44 -2.33
C PRO D 78 -46.68 -3.48 -2.77
N GLY D 79 -47.09 -4.32 -1.83
CA GLY D 79 -48.08 -5.34 -2.14
C GLY D 79 -47.51 -6.62 -2.68
N PHE D 80 -46.24 -6.57 -3.09
CA PHE D 80 -45.56 -7.74 -3.63
C PHE D 80 -45.18 -8.74 -2.53
N GLU D 81 -45.72 -9.95 -2.61
CA GLU D 81 -45.44 -10.98 -1.62
C GLU D 81 -43.96 -11.27 -1.35
N GLY D 82 -43.17 -11.27 -2.40
CA GLY D 82 -41.76 -11.54 -2.25
C GLY D 82 -41.06 -10.63 -1.27
N THR D 83 -41.52 -9.38 -1.16
CA THR D 83 -40.91 -8.44 -0.22
C THR D 83 -41.72 -8.28 1.05
N GLU D 84 -43.05 -8.26 0.92
CA GLU D 84 -43.94 -8.09 2.06
C GLU D 84 -43.79 -9.21 3.06
N MET D 85 -43.56 -10.42 2.58
CA MET D 85 -43.41 -11.58 3.45
C MET D 85 -42.30 -11.43 4.50
N TRP D 86 -41.40 -10.47 4.30
CA TRP D 86 -40.28 -10.23 5.21
C TRP D 86 -40.52 -9.06 6.16
N ASN D 87 -41.52 -8.23 5.81
CA ASN D 87 -41.91 -7.05 6.57
C ASN D 87 -42.65 -7.38 7.85
N PRO D 88 -42.67 -6.45 8.83
CA PRO D 88 -43.34 -6.66 10.12
C PRO D 88 -44.81 -7.05 9.94
N ASN D 89 -45.27 -8.05 10.69
CA ASN D 89 -46.67 -8.48 10.62
C ASN D 89 -47.41 -8.22 11.94
N ARG D 90 -46.75 -7.47 12.82
CA ARG D 90 -47.27 -7.03 14.12
C ARG D 90 -46.80 -5.58 14.28
N GLU D 91 -47.40 -4.82 15.18
CA GLU D 91 -46.97 -3.44 15.31
C GLU D 91 -45.54 -3.21 15.73
N LEU D 92 -44.96 -2.11 15.28
CA LEU D 92 -43.60 -1.78 15.63
C LEU D 92 -43.60 -1.27 17.06
N SER D 93 -42.46 -1.35 17.73
CA SER D 93 -42.32 -0.91 19.11
C SER D 93 -40.94 -1.18 19.67
N GLU D 94 -40.36 -0.25 20.44
CA GLU D 94 -39.05 -0.52 21.03
C GLU D 94 -39.21 -1.55 22.18
N ASP D 95 -40.46 -1.81 22.56
CA ASP D 95 -40.83 -2.80 23.58
C ASP D 95 -41.20 -4.05 22.76
N CYS D 96 -40.15 -4.81 22.44
CA CYS D 96 -40.23 -5.98 21.59
C CYS D 96 -39.50 -7.23 22.07
N LEU D 97 -38.86 -7.15 23.24
CA LEU D 97 -38.11 -8.29 23.78
C LEU D 97 -38.94 -9.42 24.38
N TYR D 98 -39.43 -10.27 23.49
CA TYR D 98 -40.22 -11.42 23.82
C TYR D 98 -39.69 -12.57 22.98
N LEU D 99 -39.97 -13.78 23.39
CA LEU D 99 -39.54 -14.95 22.64
C LEU D 99 -40.72 -15.90 22.53
N ASN D 100 -40.63 -16.86 21.63
CA ASN D 100 -41.74 -17.79 21.46
C ASN D 100 -41.29 -19.21 21.66
N VAL D 101 -42.24 -20.09 21.96
CA VAL D 101 -41.93 -21.48 22.16
C VAL D 101 -43.04 -22.35 21.63
N TRP D 102 -42.64 -23.38 20.89
CA TRP D 102 -43.59 -24.34 20.37
C TRP D 102 -43.16 -25.67 20.92
N THR D 103 -44.11 -26.39 21.47
CA THR D 103 -43.88 -27.70 22.05
C THR D 103 -44.99 -28.59 21.52
N PRO D 104 -44.74 -29.90 21.40
CA PRO D 104 -45.79 -30.78 20.89
C PRO D 104 -46.88 -31.03 21.93
N TYR D 105 -48.13 -31.12 21.48
CA TYR D 105 -49.23 -31.37 22.41
C TYR D 105 -49.50 -32.86 22.37
N PRO D 106 -49.33 -33.55 23.49
CA PRO D 106 -48.91 -33.04 24.81
C PRO D 106 -47.41 -32.94 24.95
N ARG D 107 -46.98 -32.19 25.96
CA ARG D 107 -45.57 -32.01 26.25
C ARG D 107 -44.86 -33.35 26.16
N PRO D 108 -43.67 -33.36 25.55
CA PRO D 108 -42.89 -34.59 25.40
C PRO D 108 -42.57 -35.27 26.72
N ALA D 109 -42.51 -36.59 26.66
CA ALA D 109 -42.23 -37.45 27.80
C ALA D 109 -40.93 -37.08 28.52
N SER D 110 -39.84 -36.96 27.76
CA SER D 110 -38.54 -36.63 28.34
C SER D 110 -37.84 -35.51 27.57
N PRO D 111 -36.78 -34.91 28.14
CA PRO D 111 -35.98 -33.82 27.58
C PRO D 111 -35.69 -33.84 26.07
N THR D 112 -36.59 -33.24 25.30
CA THR D 112 -36.45 -33.15 23.85
C THR D 112 -35.44 -32.08 23.47
N PRO D 113 -34.69 -32.29 22.37
CA PRO D 113 -33.69 -31.32 21.92
C PRO D 113 -34.33 -30.01 21.48
N VAL D 114 -33.72 -28.90 21.87
CA VAL D 114 -34.24 -27.57 21.53
C VAL D 114 -33.55 -26.91 20.37
N LEU D 115 -34.38 -26.33 19.51
CA LEU D 115 -33.95 -25.64 18.32
C LEU D 115 -34.27 -24.15 18.45
N ILE D 116 -33.27 -23.33 18.75
CA ILE D 116 -33.47 -21.89 18.86
C ILE D 116 -33.20 -21.16 17.54
N TRP D 117 -34.21 -20.47 17.03
CA TRP D 117 -34.10 -19.74 15.78
C TRP D 117 -33.82 -18.26 15.91
N ILE D 118 -32.81 -17.80 15.18
CA ILE D 118 -32.43 -16.39 15.18
C ILE D 118 -32.70 -15.82 13.79
N TYR D 119 -33.75 -15.01 13.63
CA TYR D 119 -34.05 -14.43 12.31
C TYR D 119 -32.96 -13.57 11.68
N GLY D 120 -33.05 -13.40 10.37
CA GLY D 120 -32.08 -12.57 9.68
C GLY D 120 -32.79 -11.41 9.03
N GLY D 121 -32.03 -10.36 8.76
CA GLY D 121 -32.57 -9.19 8.12
C GLY D 121 -31.53 -8.09 8.10
N GLY D 122 -30.30 -8.47 7.78
CA GLY D 122 -29.23 -7.49 7.72
C GLY D 122 -28.98 -6.72 8.99
N PHE D 123 -29.42 -7.27 10.13
CA PHE D 123 -29.22 -6.61 11.42
C PHE D 123 -30.00 -5.29 11.50
N TYR D 124 -30.86 -5.02 10.53
CA TYR D 124 -31.65 -3.79 10.48
C TYR D 124 -33.16 -4.05 10.42
N SER D 125 -33.54 -5.30 10.24
CA SER D 125 -34.94 -5.71 10.16
C SER D 125 -35.15 -7.16 10.61
N GLY D 126 -36.41 -7.64 10.59
CA GLY D 126 -36.72 -9.01 10.99
C GLY D 126 -37.57 -9.21 12.23
N ALA D 127 -38.23 -10.36 12.32
CA ALA D 127 -39.08 -10.67 13.45
C ALA D 127 -39.47 -12.14 13.50
N ALA D 128 -39.44 -12.74 14.69
CA ALA D 128 -39.82 -14.15 14.90
C ALA D 128 -41.31 -14.40 14.61
N SER D 129 -42.04 -13.30 14.57
CA SER D 129 -43.48 -13.24 14.33
C SER D 129 -43.84 -13.71 12.93
N LEU D 130 -42.85 -13.69 12.05
CA LEU D 130 -43.03 -14.05 10.65
C LEU D 130 -43.62 -15.40 10.34
N ASP D 131 -44.35 -15.45 9.23
CA ASP D 131 -44.99 -16.66 8.81
C ASP D 131 -44.08 -17.80 8.44
N VAL D 132 -42.97 -17.48 7.77
CA VAL D 132 -42.03 -18.53 7.38
C VAL D 132 -41.21 -19.06 8.56
N TYR D 133 -41.34 -18.43 9.74
CA TYR D 133 -40.61 -18.87 10.94
C TYR D 133 -41.54 -19.60 11.93
N ASP D 134 -42.65 -20.13 11.43
CA ASP D 134 -43.65 -20.85 12.21
C ASP D 134 -43.08 -22.20 12.62
N GLY D 135 -42.60 -22.29 13.85
CA GLY D 135 -42.01 -23.53 14.31
C GLY D 135 -42.97 -24.62 14.73
N ARG D 136 -44.21 -24.55 14.29
CA ARG D 136 -45.20 -25.55 14.68
C ARG D 136 -44.99 -26.92 14.06
N PHE D 137 -44.49 -26.94 12.84
CA PHE D 137 -44.26 -28.20 12.13
C PHE D 137 -43.06 -28.94 12.71
N LEU D 138 -41.97 -28.22 12.93
CA LEU D 138 -40.79 -28.84 13.49
C LEU D 138 -41.01 -29.40 14.91
N ALA D 139 -42.17 -29.12 15.47
CA ALA D 139 -42.49 -29.59 16.81
C ALA D 139 -43.52 -30.68 16.68
N GLN D 140 -44.57 -30.39 15.92
CA GLN D 140 -45.64 -31.36 15.72
C GLN D 140 -45.08 -32.61 15.05
N VAL D 141 -44.39 -32.42 13.92
CA VAL D 141 -43.83 -33.52 13.14
C VAL D 141 -42.55 -34.13 13.71
N GLU D 142 -41.51 -33.33 13.88
CA GLU D 142 -40.27 -33.87 14.41
C GLU D 142 -40.18 -33.92 15.94
N GLY D 143 -41.25 -33.47 16.58
CA GLY D 143 -41.35 -33.49 18.04
C GLY D 143 -40.28 -32.70 18.80
N ALA D 144 -39.81 -31.60 18.21
CA ALA D 144 -38.78 -30.81 18.86
C ALA D 144 -39.34 -29.57 19.48
N VAL D 145 -38.67 -29.11 20.54
CA VAL D 145 -39.07 -27.90 21.24
C VAL D 145 -38.35 -26.78 20.49
N LEU D 146 -39.14 -25.94 19.83
CA LEU D 146 -38.60 -24.86 19.05
C LEU D 146 -38.83 -23.48 19.69
N VAL D 147 -37.75 -22.71 19.80
CA VAL D 147 -37.79 -21.37 20.40
C VAL D 147 -37.32 -20.27 19.44
N SER D 148 -38.11 -19.21 19.27
CA SER D 148 -37.69 -18.13 18.39
C SER D 148 -37.89 -16.78 19.07
N MET D 149 -36.80 -16.06 19.28
CA MET D 149 -36.88 -14.76 19.91
C MET D 149 -36.72 -13.56 18.98
N ASN D 150 -37.05 -12.37 19.50
CA ASN D 150 -36.93 -11.10 18.79
C ASN D 150 -35.78 -10.41 19.47
N TYR D 151 -34.91 -9.76 18.69
CA TYR D 151 -33.74 -9.04 19.22
C TYR D 151 -33.71 -7.69 18.54
N ARG D 152 -33.13 -6.69 19.20
CA ARG D 152 -33.08 -5.34 18.65
C ARG D 152 -32.22 -5.17 17.41
N VAL D 153 -32.83 -4.65 16.36
CA VAL D 153 -32.16 -4.38 15.10
C VAL D 153 -31.94 -2.88 14.94
N GLY D 154 -31.42 -2.48 13.78
CA GLY D 154 -31.16 -1.08 13.52
C GLY D 154 -30.26 -0.43 14.53
N THR D 155 -30.43 0.89 14.67
CA THR D 155 -29.69 1.75 15.61
C THR D 155 -29.90 1.31 17.05
N PHE D 156 -31.12 0.86 17.31
CA PHE D 156 -31.58 0.40 18.60
C PHE D 156 -30.75 -0.76 19.10
N GLY D 157 -30.49 -1.72 18.23
CA GLY D 157 -29.71 -2.88 18.60
C GLY D 157 -28.22 -2.71 18.42
N PHE D 158 -27.80 -1.90 17.45
CA PHE D 158 -26.38 -1.77 17.18
C PHE D 158 -25.70 -0.42 17.14
N LEU D 159 -26.44 0.69 17.22
CA LEU D 159 -25.77 1.97 17.21
C LEU D 159 -24.78 1.95 18.37
N ALA D 160 -23.54 2.34 18.10
CA ALA D 160 -22.55 2.31 19.15
C ALA D 160 -21.50 3.39 19.11
N LEU D 161 -21.10 3.82 20.29
CA LEU D 161 -20.05 4.80 20.47
C LEU D 161 -19.10 3.97 21.30
N PRO D 162 -18.34 3.08 20.67
CA PRO D 162 -17.40 2.22 21.37
C PRO D 162 -16.66 2.87 22.54
N GLY D 163 -16.63 2.13 23.65
CA GLY D 163 -15.99 2.61 24.86
C GLY D 163 -16.96 3.31 25.80
N SER D 164 -18.12 3.68 25.27
CA SER D 164 -19.14 4.37 26.04
C SER D 164 -19.90 3.39 26.92
N ARG D 165 -20.41 3.93 28.02
CA ARG D 165 -21.18 3.16 28.99
C ARG D 165 -22.64 3.02 28.59
N GLU D 166 -23.19 4.01 27.87
CA GLU D 166 -24.60 4.01 27.49
C GLU D 166 -25.05 3.64 26.09
N ALA D 167 -24.11 3.19 25.27
CA ALA D 167 -24.36 2.74 23.90
C ALA D 167 -23.05 2.11 23.52
N PRO D 168 -22.76 0.94 24.11
CA PRO D 168 -21.51 0.21 23.85
C PRO D 168 -21.57 -0.76 22.67
N GLY D 169 -22.76 -0.87 22.07
CA GLY D 169 -22.95 -1.73 20.92
C GLY D 169 -23.17 -3.20 21.13
N ASN D 170 -23.61 -3.86 20.07
CA ASN D 170 -23.87 -5.29 20.08
C ASN D 170 -24.98 -5.71 21.02
N VAL D 171 -25.76 -4.74 21.50
CA VAL D 171 -26.82 -5.09 22.42
C VAL D 171 -27.90 -5.95 21.78
N GLY D 172 -28.03 -5.87 20.45
CA GLY D 172 -29.00 -6.71 19.77
C GLY D 172 -28.59 -8.17 19.96
N LEU D 173 -27.27 -8.38 20.11
CA LEU D 173 -26.71 -9.71 20.31
C LEU D 173 -26.88 -10.14 21.76
N LEU D 174 -26.65 -9.19 22.67
CA LEU D 174 -26.83 -9.43 24.10
C LEU D 174 -28.30 -9.79 24.34
N ASP D 175 -29.18 -9.29 23.47
CA ASP D 175 -30.61 -9.61 23.56
C ASP D 175 -30.75 -11.10 23.27
N GLN D 176 -30.15 -11.54 22.18
CA GLN D 176 -30.19 -12.94 21.78
C GLN D 176 -29.58 -13.78 22.89
N ARG D 177 -28.40 -13.37 23.38
CA ARG D 177 -27.75 -14.09 24.46
C ARG D 177 -28.64 -14.19 25.68
N LEU D 178 -29.30 -13.10 26.06
CA LEU D 178 -30.20 -13.11 27.19
C LEU D 178 -31.31 -14.14 26.97
N ALA D 179 -31.81 -14.25 25.74
CA ALA D 179 -32.87 -15.21 25.42
C ALA D 179 -32.32 -16.60 25.57
N LEU D 180 -31.03 -16.72 25.29
CA LEU D 180 -30.35 -18.00 25.40
C LEU D 180 -30.26 -18.40 26.86
N GLN D 181 -29.86 -17.46 27.72
CA GLN D 181 -29.75 -17.71 29.15
C GLN D 181 -31.10 -18.10 29.69
N TRP D 182 -32.15 -17.55 29.08
CA TRP D 182 -33.50 -17.84 29.50
C TRP D 182 -33.83 -19.28 29.15
N VAL D 183 -33.72 -19.61 27.87
CA VAL D 183 -34.01 -20.95 27.38
C VAL D 183 -33.34 -21.97 28.29
N GLN D 184 -32.17 -21.59 28.80
CA GLN D 184 -31.39 -22.45 29.67
C GLN D 184 -32.16 -22.76 30.96
N GLU D 185 -32.31 -21.72 31.77
CA GLU D 185 -32.98 -21.81 33.05
C GLU D 185 -34.50 -21.90 33.01
N ASN D 186 -35.08 -22.12 31.84
CA ASN D 186 -36.54 -22.18 31.76
C ASN D 186 -37.11 -23.21 30.80
N ILE D 187 -36.38 -23.55 29.75
CA ILE D 187 -36.91 -24.47 28.75
C ILE D 187 -37.29 -25.83 29.31
N ALA D 188 -36.63 -26.18 30.40
CA ALA D 188 -36.87 -27.43 31.09
C ALA D 188 -38.38 -27.67 31.30
N ALA D 189 -39.08 -26.61 31.72
CA ALA D 189 -40.51 -26.65 31.97
C ALA D 189 -41.42 -26.90 30.77
N PHE D 190 -40.85 -26.85 29.57
CA PHE D 190 -41.62 -27.08 28.37
C PHE D 190 -41.35 -28.46 27.82
N GLY D 191 -40.47 -29.19 28.51
CA GLY D 191 -40.09 -30.53 28.09
C GLY D 191 -38.86 -30.45 27.22
N GLY D 192 -38.18 -29.32 27.27
CA GLY D 192 -37.00 -29.14 26.46
C GLY D 192 -35.75 -29.51 27.21
N ASP D 193 -34.73 -29.93 26.46
CA ASP D 193 -33.46 -30.30 27.06
C ASP D 193 -32.50 -29.14 27.01
N PRO D 194 -32.23 -28.52 28.17
CA PRO D 194 -31.30 -27.40 28.22
C PRO D 194 -29.87 -27.88 27.95
N MET D 195 -29.74 -29.18 27.70
CA MET D 195 -28.45 -29.82 27.42
C MET D 195 -28.21 -30.08 25.93
N SER D 196 -29.22 -29.88 25.09
CA SER D 196 -29.07 -30.06 23.66
C SER D 196 -29.65 -28.85 22.93
N VAL D 197 -29.00 -27.71 23.14
CA VAL D 197 -29.41 -26.46 22.51
C VAL D 197 -28.69 -26.32 21.19
N THR D 198 -29.48 -26.32 20.12
CA THR D 198 -28.97 -26.19 18.75
C THR D 198 -29.45 -24.85 18.18
N LEU D 199 -28.53 -23.91 18.02
CA LEU D 199 -28.86 -22.60 17.44
C LEU D 199 -28.97 -22.71 15.92
N PHE D 200 -29.91 -21.98 15.34
CA PHE D 200 -30.03 -22.00 13.89
C PHE D 200 -30.68 -20.77 13.30
N GLY D 201 -29.93 -20.10 12.44
CA GLY D 201 -30.41 -18.89 11.80
C GLY D 201 -29.90 -18.66 10.39
N GLU D 202 -30.61 -17.82 9.65
CA GLU D 202 -30.27 -17.47 8.26
C GLU D 202 -29.77 -16.02 8.21
N SER D 203 -29.23 -15.61 7.05
CA SER D 203 -28.68 -14.25 6.83
C SER D 203 -27.93 -13.71 8.06
N ALA D 204 -28.37 -12.58 8.63
CA ALA D 204 -27.73 -12.01 9.81
C ALA D 204 -27.94 -12.88 11.05
N GLY D 205 -28.97 -13.74 11.01
CA GLY D 205 -29.21 -14.65 12.11
C GLY D 205 -28.04 -15.61 12.14
N ALA D 206 -27.71 -16.15 10.97
CA ALA D 206 -26.59 -17.08 10.83
C ALA D 206 -25.31 -16.38 11.29
N ALA D 207 -25.17 -15.13 10.86
CA ALA D 207 -24.03 -14.32 11.23
C ALA D 207 -23.95 -14.26 12.74
N SER D 208 -25.13 -14.11 13.36
CA SER D 208 -25.27 -14.03 14.80
C SER D 208 -24.80 -15.31 15.43
N VAL D 209 -25.41 -16.41 14.99
CA VAL D 209 -25.05 -17.74 15.48
C VAL D 209 -23.53 -17.83 15.48
N GLY D 210 -22.92 -17.32 14.41
CA GLY D 210 -21.48 -17.35 14.33
C GLY D 210 -20.85 -16.59 15.46
N MET D 211 -21.38 -15.40 15.73
CA MET D 211 -20.88 -14.54 16.79
C MET D 211 -20.93 -15.25 18.15
N HIS D 212 -22.00 -16.01 18.39
CA HIS D 212 -22.14 -16.73 19.65
C HIS D 212 -21.04 -17.76 19.81
N ILE D 213 -20.67 -18.40 18.71
CA ILE D 213 -19.59 -19.38 18.70
C ILE D 213 -18.26 -18.66 18.98
N LEU D 214 -18.13 -17.46 18.42
CA LEU D 214 -16.92 -16.68 18.61
C LEU D 214 -16.84 -15.96 19.94
N SER D 215 -17.98 -15.84 20.64
CA SER D 215 -18.00 -15.15 21.94
C SER D 215 -18.11 -16.16 23.05
N LEU D 216 -17.11 -16.18 23.93
CA LEU D 216 -17.06 -17.15 25.03
C LEU D 216 -18.30 -17.27 25.87
N PRO D 217 -18.74 -16.15 26.47
CA PRO D 217 -19.95 -16.20 27.30
C PRO D 217 -21.11 -16.92 26.65
N SER D 218 -21.24 -16.79 25.34
CA SER D 218 -22.34 -17.44 24.67
C SER D 218 -22.15 -18.95 24.55
N ARG D 219 -20.90 -19.40 24.62
CA ARG D 219 -20.58 -20.82 24.46
C ARG D 219 -21.37 -21.78 25.34
N SER D 220 -21.36 -21.51 26.63
CA SER D 220 -22.07 -22.36 27.59
C SER D 220 -23.56 -22.44 27.42
N LEU D 221 -24.12 -21.72 26.44
CA LEU D 221 -25.57 -21.69 26.27
C LEU D 221 -26.14 -22.48 25.09
N PHE D 222 -25.26 -23.08 24.29
CA PHE D 222 -25.71 -23.89 23.17
C PHE D 222 -24.66 -24.96 22.93
N HIS D 223 -25.03 -25.99 22.19
CA HIS D 223 -24.13 -27.11 21.90
C HIS D 223 -23.87 -27.30 20.42
N ARG D 224 -24.90 -27.13 19.60
CA ARG D 224 -24.75 -27.28 18.16
C ARG D 224 -25.18 -25.99 17.46
N ALA D 225 -24.76 -25.82 16.21
CA ALA D 225 -25.07 -24.61 15.43
C ALA D 225 -25.27 -24.84 13.93
N VAL D 226 -26.24 -24.14 13.37
CA VAL D 226 -26.55 -24.21 11.95
C VAL D 226 -26.46 -22.78 11.43
N LEU D 227 -25.72 -22.58 10.35
CA LEU D 227 -25.58 -21.26 9.77
C LEU D 227 -26.01 -21.27 8.31
N GLN D 228 -27.22 -20.78 8.05
CA GLN D 228 -27.78 -20.73 6.70
C GLN D 228 -27.52 -19.41 5.99
N SER D 229 -27.04 -19.49 4.76
CA SER D 229 -26.78 -18.31 3.94
C SER D 229 -26.17 -17.09 4.67
N GLY D 230 -25.33 -17.31 5.68
CA GLY D 230 -24.71 -16.18 6.37
C GLY D 230 -23.56 -16.55 7.32
N THR D 231 -22.62 -15.63 7.51
CA THR D 231 -21.48 -15.87 8.41
C THR D 231 -21.04 -14.65 9.23
N PRO D 232 -20.25 -14.89 10.30
CA PRO D 232 -19.79 -13.79 11.12
C PRO D 232 -18.54 -13.14 10.55
N ASN D 233 -17.95 -13.78 9.55
CA ASN D 233 -16.70 -13.28 8.99
C ASN D 233 -16.73 -12.48 7.71
N GLY D 234 -17.90 -12.40 7.07
CA GLY D 234 -18.01 -11.64 5.82
C GLY D 234 -17.52 -10.19 5.70
N PRO D 235 -17.95 -9.51 4.65
CA PRO D 235 -17.51 -8.11 4.52
C PRO D 235 -18.62 -7.18 5.03
N TRP D 236 -19.75 -7.77 5.42
CA TRP D 236 -20.93 -7.01 5.86
C TRP D 236 -21.42 -7.19 7.29
N ALA D 237 -21.07 -8.31 7.92
CA ALA D 237 -21.52 -8.60 9.28
C ALA D 237 -20.90 -7.81 10.42
N THR D 238 -19.77 -7.16 10.22
CA THR D 238 -19.19 -6.37 11.31
C THR D 238 -18.56 -5.10 10.80
N VAL D 239 -18.35 -4.15 11.72
CA VAL D 239 -17.73 -2.87 11.42
C VAL D 239 -16.69 -2.67 12.50
N SER D 240 -15.71 -1.81 12.24
CA SER D 240 -14.70 -1.56 13.26
C SER D 240 -15.26 -0.58 14.26
N ALA D 241 -14.44 -0.26 15.25
CA ALA D 241 -14.81 0.70 16.26
C ALA D 241 -14.95 2.08 15.60
N GLY D 242 -13.88 2.53 14.96
CA GLY D 242 -13.86 3.82 14.29
C GLY D 242 -15.06 4.06 13.38
N GLU D 243 -15.44 3.05 12.60
CA GLU D 243 -16.59 3.17 11.68
C GLU D 243 -17.91 3.33 12.44
N ALA D 244 -18.09 2.47 13.43
CA ALA D 244 -19.29 2.45 14.25
C ALA D 244 -19.55 3.84 14.80
N ARG D 245 -18.47 4.43 15.31
CA ARG D 245 -18.53 5.75 15.89
C ARG D 245 -18.89 6.77 14.82
N ARG D 246 -18.13 6.79 13.74
CA ARG D 246 -18.35 7.70 12.63
C ARG D 246 -19.81 7.65 12.15
N ARG D 247 -20.42 6.47 12.23
CA ARG D 247 -21.80 6.33 11.78
C ARG D 247 -22.81 6.76 12.85
N ALA D 248 -22.46 6.57 14.12
CA ALA D 248 -23.34 6.94 15.24
C ALA D 248 -23.40 8.45 15.29
N THR D 249 -22.25 9.08 15.47
CA THR D 249 -22.18 10.52 15.51
C THR D 249 -22.84 11.13 14.28
N LEU D 250 -22.54 10.61 13.11
CA LEU D 250 -23.16 11.15 11.92
C LEU D 250 -24.67 11.01 12.01
N LEU D 251 -25.18 9.82 12.33
CA LEU D 251 -26.62 9.67 12.42
C LEU D 251 -27.17 10.61 13.45
N ALA D 252 -26.54 10.62 14.63
CA ALA D 252 -26.96 11.50 15.69
C ALA D 252 -27.04 12.91 15.10
N ARG D 253 -25.91 13.41 14.62
CA ARG D 253 -25.80 14.74 14.01
C ARG D 253 -26.97 15.10 13.12
N LEU D 254 -27.35 14.18 12.24
CA LEU D 254 -28.45 14.40 11.29
C LEU D 254 -29.78 14.54 11.98
N VAL D 255 -29.87 13.91 13.13
CA VAL D 255 -31.10 13.91 13.90
C VAL D 255 -31.13 15.07 14.92
N GLY D 256 -30.13 15.93 14.82
CA GLY D 256 -30.03 17.10 15.69
C GLY D 256 -29.39 16.85 17.02
N CYS D 257 -28.58 15.80 17.09
CA CYS D 257 -27.90 15.41 18.30
C CYS D 257 -26.37 15.36 18.18
N PRO D 258 -25.69 16.25 18.90
CA PRO D 258 -26.35 17.22 19.78
C PRO D 258 -26.70 18.45 18.91
N PRO D 259 -27.57 19.34 19.42
CA PRO D 259 -27.93 20.53 18.63
C PRO D 259 -26.84 21.60 18.71
N GLY D 260 -26.69 22.33 17.62
CA GLY D 260 -25.68 23.37 17.56
C GLY D 260 -24.23 22.89 17.48
N GLY D 261 -23.32 23.82 17.74
CA GLY D 261 -21.90 23.52 17.71
C GLY D 261 -21.40 22.96 19.03
N ALA D 262 -22.28 22.28 19.76
CA ALA D 262 -21.94 21.66 21.03
C ALA D 262 -21.47 20.24 20.72
N GLY D 263 -20.71 19.65 21.64
CA GLY D 263 -20.23 18.30 21.42
C GLY D 263 -19.07 18.01 22.34
N GLY D 264 -18.57 16.78 22.30
CA GLY D 264 -17.45 16.44 23.15
C GLY D 264 -17.85 15.51 24.27
N ASN D 265 -19.15 15.37 24.48
CA ASN D 265 -19.63 14.48 25.54
C ASN D 265 -20.52 13.44 24.90
N ASP D 266 -20.03 12.19 24.92
CA ASP D 266 -20.79 11.10 24.33
C ASP D 266 -22.08 10.87 25.09
N THR D 267 -22.02 11.05 26.40
CA THR D 267 -23.20 10.84 27.26
C THR D 267 -24.34 11.75 26.85
N GLU D 268 -24.03 13.03 26.65
CA GLU D 268 -25.04 14.02 26.27
C GLU D 268 -25.55 13.71 24.88
N LEU D 269 -24.64 13.23 24.06
CA LEU D 269 -24.96 12.87 22.70
C LEU D 269 -25.97 11.71 22.69
N ILE D 270 -25.75 10.71 23.54
CA ILE D 270 -26.66 9.58 23.60
C ILE D 270 -27.93 10.01 24.31
N ALA D 271 -27.75 10.87 25.29
CA ALA D 271 -28.86 11.41 26.07
C ALA D 271 -29.80 12.05 25.08
N CYS D 272 -29.21 12.91 24.26
CA CYS D 272 -29.90 13.64 23.23
C CYS D 272 -30.64 12.69 22.29
N LEU D 273 -29.96 11.62 21.90
CA LEU D 273 -30.50 10.62 20.99
C LEU D 273 -31.65 9.86 21.60
N ARG D 274 -31.53 9.64 22.90
CA ARG D 274 -32.50 8.87 23.66
C ARG D 274 -33.85 9.58 23.80
N THR D 275 -33.92 10.83 23.36
CA THR D 275 -35.15 11.62 23.40
C THR D 275 -35.87 11.67 22.05
N ARG D 276 -35.19 11.26 20.98
CA ARG D 276 -35.80 11.33 19.66
C ARG D 276 -36.73 10.18 19.42
N PRO D 277 -37.90 10.45 18.85
CA PRO D 277 -38.89 9.42 18.55
C PRO D 277 -38.17 8.35 17.75
N ALA D 278 -38.62 7.12 17.84
CA ALA D 278 -37.94 6.04 17.13
C ALA D 278 -37.81 6.28 15.63
N GLN D 279 -38.92 6.58 14.97
CA GLN D 279 -38.91 6.79 13.52
C GLN D 279 -37.94 7.88 13.06
N ASP D 280 -37.50 8.73 13.96
CA ASP D 280 -36.57 9.78 13.58
C ASP D 280 -35.25 9.14 13.23
N LEU D 281 -34.86 8.13 14.00
CA LEU D 281 -33.60 7.44 13.76
C LEU D 281 -33.72 6.62 12.48
N VAL D 282 -34.77 5.81 12.39
CA VAL D 282 -35.00 4.99 11.21
C VAL D 282 -35.00 5.82 9.93
N ASP D 283 -35.34 7.09 10.04
CA ASP D 283 -35.35 8.00 8.90
C ASP D 283 -33.96 8.28 8.35
N HIS D 284 -32.94 8.24 9.20
CA HIS D 284 -31.59 8.49 8.74
C HIS D 284 -30.66 7.29 8.83
N GLU D 285 -31.25 6.10 8.98
CA GLU D 285 -30.49 4.86 9.10
C GLU D 285 -29.57 4.64 7.91
N TRP D 286 -30.12 4.91 6.74
CA TRP D 286 -29.38 4.69 5.51
C TRP D 286 -28.45 5.78 4.99
N HIS D 287 -28.46 6.94 5.61
CA HIS D 287 -27.62 8.04 5.18
C HIS D 287 -26.22 8.02 5.77
N VAL D 288 -25.93 7.01 6.59
CA VAL D 288 -24.61 6.97 7.22
C VAL D 288 -23.62 6.03 6.55
N LEU D 289 -24.06 5.35 5.48
CA LEU D 289 -23.18 4.47 4.74
C LEU D 289 -22.13 5.32 4.02
N PRO D 290 -20.87 4.85 3.99
CA PRO D 290 -19.77 5.59 3.35
C PRO D 290 -19.71 5.60 1.81
N GLN D 291 -20.39 4.64 1.17
CA GLN D 291 -20.40 4.55 -0.30
C GLN D 291 -21.71 3.96 -0.75
N GLU D 292 -22.05 4.21 -2.02
CA GLU D 292 -23.26 3.66 -2.59
C GLU D 292 -22.98 2.16 -2.66
N SER D 293 -23.93 1.34 -2.23
CA SER D 293 -23.70 -0.09 -2.24
C SER D 293 -24.95 -0.93 -2.09
N ILE D 294 -24.74 -2.24 -2.01
CA ILE D 294 -25.78 -3.24 -1.76
C ILE D 294 -25.12 -4.28 -0.88
N PHE D 295 -25.93 -4.98 -0.08
CA PHE D 295 -25.41 -5.98 0.85
C PHE D 295 -24.37 -5.39 1.82
N ARG D 296 -24.71 -4.21 2.30
CA ARG D 296 -23.89 -3.50 3.26
C ARG D 296 -24.98 -2.82 4.11
N PHE D 297 -24.86 -2.95 5.44
CA PHE D 297 -25.84 -2.39 6.39
C PHE D 297 -25.22 -1.40 7.37
N SER D 298 -25.99 -0.38 7.77
CA SER D 298 -25.46 0.69 8.61
C SER D 298 -25.16 0.35 10.06
N PHE D 299 -26.12 -0.29 10.71
CA PHE D 299 -25.95 -0.65 12.10
C PHE D 299 -25.97 -2.16 12.27
N VAL D 300 -24.76 -2.67 12.57
CA VAL D 300 -24.46 -4.10 12.74
C VAL D 300 -23.40 -4.27 13.82
N PRO D 301 -23.11 -5.55 14.19
CA PRO D 301 -22.12 -5.88 15.22
C PRO D 301 -20.81 -5.18 15.03
N VAL D 302 -20.25 -4.72 16.13
CA VAL D 302 -19.01 -3.97 16.12
C VAL D 302 -17.90 -4.71 16.87
N VAL D 303 -16.71 -4.63 16.32
CA VAL D 303 -15.55 -5.27 16.90
C VAL D 303 -15.09 -4.37 18.02
N ASP D 304 -15.72 -4.57 19.19
CA ASP D 304 -15.49 -3.83 20.43
C ASP D 304 -14.35 -4.33 21.28
N GLY D 305 -14.00 -5.60 21.15
CA GLY D 305 -12.93 -6.13 21.98
C GLY D 305 -13.54 -6.58 23.30
N ASP D 306 -14.85 -6.87 23.24
CA ASP D 306 -15.59 -7.33 24.38
C ASP D 306 -16.41 -8.53 23.88
N PHE D 307 -17.56 -8.27 23.28
CA PHE D 307 -18.40 -9.36 22.80
C PHE D 307 -17.59 -10.17 21.80
N LEU D 308 -16.81 -9.47 20.99
CA LEU D 308 -15.92 -10.08 20.02
C LEU D 308 -14.56 -9.56 20.46
N SER D 309 -13.68 -10.47 20.91
CA SER D 309 -12.35 -10.08 21.39
C SER D 309 -11.41 -9.56 20.32
N ASP D 310 -11.69 -9.93 19.08
CA ASP D 310 -10.90 -9.54 17.91
C ASP D 310 -11.82 -9.75 16.71
N THR D 311 -11.33 -9.46 15.51
CA THR D 311 -12.11 -9.62 14.30
C THR D 311 -12.58 -11.05 14.16
N PRO D 312 -13.83 -11.25 13.67
CA PRO D 312 -14.28 -12.64 13.51
C PRO D 312 -13.30 -13.38 12.58
N GLU D 313 -12.64 -12.63 11.69
CA GLU D 313 -11.67 -13.20 10.78
C GLU D 313 -10.57 -13.81 11.63
N ALA D 314 -9.98 -12.98 12.48
CA ALA D 314 -8.92 -13.42 13.38
C ALA D 314 -9.35 -14.52 14.36
N LEU D 315 -10.64 -14.56 14.69
CA LEU D 315 -11.13 -15.56 15.63
C LEU D 315 -11.33 -16.93 15.05
N ILE D 316 -11.93 -17.01 13.87
CA ILE D 316 -12.15 -18.32 13.21
C ILE D 316 -10.80 -18.86 12.80
N ASN D 317 -9.88 -17.94 12.57
CA ASN D 317 -8.54 -18.28 12.16
C ASN D 317 -7.74 -18.94 13.29
N THR D 318 -7.91 -18.46 14.52
CA THR D 318 -7.17 -19.03 15.64
C THR D 318 -7.96 -19.61 16.80
N GLY D 319 -9.27 -19.73 16.66
CA GLY D 319 -10.07 -20.29 17.74
C GLY D 319 -9.92 -21.78 17.84
N ASP D 320 -10.48 -22.40 18.88
CA ASP D 320 -10.42 -23.84 19.03
C ASP D 320 -11.85 -24.34 18.95
N PHE D 321 -12.15 -25.06 17.87
CA PHE D 321 -13.49 -25.53 17.65
C PHE D 321 -13.57 -27.05 17.63
N GLN D 322 -12.71 -27.67 18.42
CA GLN D 322 -12.61 -29.13 18.53
C GLN D 322 -13.89 -29.89 18.85
N ASP D 323 -14.63 -29.37 19.81
CA ASP D 323 -15.87 -29.95 20.26
C ASP D 323 -17.07 -29.61 19.37
N LEU D 324 -16.97 -28.48 18.67
CA LEU D 324 -18.05 -27.97 17.82
C LEU D 324 -18.56 -28.82 16.69
N GLN D 325 -19.88 -28.81 16.54
CA GLN D 325 -20.55 -29.54 15.47
C GLN D 325 -21.41 -28.55 14.71
N VAL D 326 -20.96 -28.17 13.52
CA VAL D 326 -21.66 -27.18 12.72
C VAL D 326 -22.24 -27.68 11.41
N LEU D 327 -23.38 -27.13 11.04
CA LEU D 327 -24.01 -27.42 9.77
C LEU D 327 -24.02 -26.04 9.10
N VAL D 328 -23.52 -25.99 7.87
CA VAL D 328 -23.43 -24.74 7.11
C VAL D 328 -23.97 -24.95 5.70
N GLY D 329 -24.39 -23.88 5.05
CA GLY D 329 -24.91 -24.02 3.71
C GLY D 329 -25.04 -22.72 2.94
N VAL D 330 -25.74 -22.81 1.82
CA VAL D 330 -25.89 -21.68 0.91
C VAL D 330 -26.99 -22.03 -0.10
N VAL D 331 -27.57 -21.02 -0.73
CA VAL D 331 -28.58 -21.23 -1.77
C VAL D 331 -27.97 -20.98 -3.18
N LYS D 332 -28.65 -21.45 -4.23
CA LYS D 332 -28.13 -21.29 -5.59
C LYS D 332 -27.68 -19.88 -5.97
N ASP D 333 -28.57 -18.91 -5.84
CA ASP D 333 -28.24 -17.54 -6.22
C ASP D 333 -28.40 -16.56 -5.08
N GLU D 334 -27.45 -16.55 -4.17
CA GLU D 334 -27.53 -15.64 -3.04
C GLU D 334 -27.77 -14.20 -3.51
N GLY D 335 -26.78 -13.66 -4.21
CA GLY D 335 -26.82 -12.30 -4.70
C GLY D 335 -27.93 -11.73 -5.58
N SER D 336 -28.85 -12.56 -6.08
CA SER D 336 -29.94 -12.09 -6.96
C SER D 336 -30.86 -11.05 -6.32
N TYR D 337 -31.45 -11.44 -5.18
CA TYR D 337 -32.36 -10.61 -4.40
C TYR D 337 -31.86 -9.16 -4.30
N PHE D 338 -30.61 -9.02 -3.88
CA PHE D 338 -29.95 -7.72 -3.67
C PHE D 338 -29.74 -6.82 -4.86
N LEU D 339 -29.92 -7.35 -6.05
CA LEU D 339 -29.66 -6.58 -7.26
C LEU D 339 -30.67 -5.49 -7.57
N VAL D 340 -31.94 -5.82 -7.40
CA VAL D 340 -33.02 -4.87 -7.66
C VAL D 340 -33.01 -3.69 -6.68
N TYR D 341 -32.32 -3.87 -5.56
CA TYR D 341 -32.20 -2.86 -4.52
C TYR D 341 -31.11 -1.84 -4.73
N GLY D 342 -30.84 -1.48 -5.99
CA GLY D 342 -29.80 -0.49 -6.18
C GLY D 342 -28.80 -0.65 -7.31
N VAL D 343 -28.94 -1.70 -8.12
CA VAL D 343 -28.01 -1.84 -9.24
C VAL D 343 -28.78 -1.53 -10.50
N PRO D 344 -28.32 -0.50 -11.23
CA PRO D 344 -28.92 -0.04 -12.49
C PRO D 344 -29.10 -1.19 -13.45
N GLY D 345 -30.29 -1.27 -14.04
CA GLY D 345 -30.59 -2.31 -15.00
C GLY D 345 -31.36 -3.50 -14.45
N PHE D 346 -31.44 -3.58 -13.13
CA PHE D 346 -32.15 -4.69 -12.51
C PHE D 346 -33.50 -4.32 -11.92
N SER D 347 -34.46 -5.19 -12.25
CA SER D 347 -35.84 -5.07 -11.81
C SER D 347 -36.41 -6.47 -11.80
N LYS D 348 -37.39 -6.70 -10.93
CA LYS D 348 -38.02 -8.01 -10.83
C LYS D 348 -39.07 -8.12 -11.92
N ASP D 349 -39.35 -7.00 -12.59
CA ASP D 349 -40.37 -6.96 -13.62
C ASP D 349 -39.94 -7.37 -15.03
N ASN D 350 -38.72 -7.02 -15.44
CA ASN D 350 -38.22 -7.45 -16.74
C ASN D 350 -37.17 -8.54 -16.50
N GLU D 351 -36.46 -8.96 -17.54
CA GLU D 351 -35.45 -9.99 -17.37
C GLU D 351 -34.09 -9.47 -16.96
N SER D 352 -34.03 -8.17 -16.75
CA SER D 352 -32.79 -7.52 -16.32
C SER D 352 -31.60 -7.94 -17.17
N LEU D 353 -31.76 -7.92 -18.49
CA LEU D 353 -30.67 -8.23 -19.39
C LEU D 353 -29.87 -6.96 -19.53
N ILE D 354 -28.81 -6.86 -18.74
CA ILE D 354 -27.98 -5.68 -18.69
C ILE D 354 -26.85 -5.49 -19.71
N SER D 355 -26.48 -4.23 -19.89
CA SER D 355 -25.40 -3.84 -20.78
C SER D 355 -24.09 -4.14 -20.08
N ARG D 356 -22.97 -3.93 -20.77
CA ARG D 356 -21.69 -4.20 -20.12
C ARG D 356 -21.35 -3.07 -19.18
N ALA D 357 -21.53 -1.83 -19.62
CA ALA D 357 -21.23 -0.68 -18.75
C ALA D 357 -22.02 -0.75 -17.46
N GLN D 358 -23.25 -1.26 -17.54
CA GLN D 358 -24.10 -1.43 -16.38
C GLN D 358 -23.40 -2.38 -15.41
N PHE D 359 -22.96 -3.51 -15.94
CA PHE D 359 -22.22 -4.53 -15.18
C PHE D 359 -20.96 -3.97 -14.54
N LEU D 360 -20.18 -3.18 -15.29
CA LEU D 360 -18.96 -2.57 -14.76
C LEU D 360 -19.28 -1.70 -13.56
N ALA D 361 -20.35 -0.93 -13.66
CA ALA D 361 -20.80 -0.05 -12.57
C ALA D 361 -21.27 -0.90 -11.41
N GLY D 362 -22.10 -1.90 -11.73
CA GLY D 362 -22.63 -2.82 -10.74
C GLY D 362 -21.53 -3.37 -9.85
N VAL D 363 -20.42 -3.73 -10.46
CA VAL D 363 -19.29 -4.25 -9.73
C VAL D 363 -18.78 -3.27 -8.67
N ARG D 364 -18.81 -1.96 -8.94
CA ARG D 364 -18.34 -0.98 -7.95
C ARG D 364 -19.32 -0.85 -6.79
N ILE D 365 -20.59 -1.09 -7.06
CA ILE D 365 -21.63 -1.02 -6.05
C ILE D 365 -21.58 -2.28 -5.18
N GLY D 366 -21.62 -3.45 -5.82
CA GLY D 366 -21.56 -4.71 -5.08
C GLY D 366 -20.26 -4.93 -4.30
N VAL D 367 -19.19 -4.23 -4.68
CA VAL D 367 -17.87 -4.34 -4.04
C VAL D 367 -17.38 -2.91 -3.81
N PRO D 368 -18.08 -2.16 -2.95
CA PRO D 368 -17.78 -0.77 -2.61
C PRO D 368 -16.41 -0.48 -2.03
N GLN D 369 -15.87 -1.44 -1.28
CA GLN D 369 -14.57 -1.26 -0.65
C GLN D 369 -13.44 -1.46 -1.65
N ALA D 370 -13.80 -1.91 -2.85
CA ALA D 370 -12.84 -2.20 -3.90
C ALA D 370 -12.21 -1.01 -4.60
N SER D 371 -10.88 -0.99 -4.60
CA SER D 371 -10.13 0.05 -5.31
C SER D 371 -10.30 -0.24 -6.82
N ASP D 372 -9.73 0.60 -7.67
CA ASP D 372 -9.86 0.38 -9.11
C ASP D 372 -9.28 -0.96 -9.54
N LEU D 373 -8.02 -1.19 -9.16
CA LEU D 373 -7.33 -2.42 -9.51
C LEU D 373 -8.11 -3.66 -9.07
N ALA D 374 -8.57 -3.64 -7.84
CA ALA D 374 -9.35 -4.76 -7.34
C ALA D 374 -10.65 -4.91 -8.12
N ALA D 375 -11.23 -3.79 -8.54
CA ALA D 375 -12.44 -3.83 -9.33
C ALA D 375 -12.12 -4.62 -10.59
N GLU D 376 -11.05 -4.20 -11.24
CA GLU D 376 -10.55 -4.84 -12.45
C GLU D 376 -10.47 -6.36 -12.27
N ALA D 377 -9.79 -6.77 -11.22
CA ALA D 377 -9.61 -8.17 -10.91
C ALA D 377 -10.94 -8.90 -10.84
N VAL D 378 -11.95 -8.25 -10.27
CA VAL D 378 -13.26 -8.88 -10.16
C VAL D 378 -13.91 -8.97 -11.52
N VAL D 379 -13.72 -7.92 -12.32
CA VAL D 379 -14.28 -7.88 -13.67
C VAL D 379 -13.61 -8.95 -14.50
N LEU D 380 -12.27 -9.02 -14.41
CA LEU D 380 -11.51 -10.03 -15.13
C LEU D 380 -12.08 -11.39 -14.79
N HIS D 381 -12.20 -11.65 -13.49
CA HIS D 381 -12.68 -12.94 -13.08
C HIS D 381 -14.09 -13.28 -13.51
N TYR D 382 -15.00 -12.32 -13.47
CA TYR D 382 -16.39 -12.63 -13.81
C TYR D 382 -16.84 -12.47 -15.26
N THR D 383 -16.01 -11.83 -16.09
CA THR D 383 -16.31 -11.64 -17.52
C THR D 383 -16.01 -12.89 -18.32
N ASP D 384 -16.91 -13.25 -19.24
CA ASP D 384 -16.64 -14.39 -20.11
C ASP D 384 -16.14 -13.73 -21.37
N TRP D 385 -14.82 -13.74 -21.53
CA TRP D 385 -14.16 -13.09 -22.66
C TRP D 385 -14.45 -13.59 -24.06
N LEU D 386 -15.19 -14.69 -24.17
CA LEU D 386 -15.55 -15.15 -25.50
C LEU D 386 -16.81 -14.37 -25.87
N HIS D 387 -17.56 -13.94 -24.85
CA HIS D 387 -18.79 -13.16 -24.99
C HIS D 387 -18.87 -12.06 -23.91
N PRO D 388 -17.90 -11.13 -23.89
CA PRO D 388 -17.92 -10.06 -22.87
C PRO D 388 -19.07 -9.08 -22.96
N GLU D 389 -20.00 -9.31 -23.88
CA GLU D 389 -21.13 -8.42 -24.05
C GLU D 389 -22.48 -9.08 -23.82
N ASP D 390 -22.52 -10.41 -23.82
CA ASP D 390 -23.78 -11.11 -23.65
C ASP D 390 -24.45 -10.66 -22.37
N PRO D 391 -25.62 -10.01 -22.50
CA PRO D 391 -26.43 -9.50 -21.40
C PRO D 391 -26.76 -10.58 -20.36
N THR D 392 -27.14 -11.77 -20.82
CA THR D 392 -27.45 -12.87 -19.93
C THR D 392 -26.30 -13.24 -19.00
N HIS D 393 -25.07 -13.22 -19.46
CA HIS D 393 -23.95 -13.53 -18.57
C HIS D 393 -23.76 -12.41 -17.62
N LEU D 394 -23.66 -11.21 -18.18
CA LEU D 394 -23.47 -10.01 -17.40
C LEU D 394 -24.46 -9.99 -16.24
N ARG D 395 -25.72 -10.33 -16.55
CA ARG D 395 -26.75 -10.37 -15.54
C ARG D 395 -26.41 -11.44 -14.47
N ASP D 396 -26.27 -12.70 -14.89
CA ASP D 396 -25.94 -13.79 -13.95
C ASP D 396 -24.58 -13.65 -13.26
N ALA D 397 -23.66 -12.92 -13.90
CA ALA D 397 -22.32 -12.70 -13.35
C ALA D 397 -22.40 -11.73 -12.20
N MET D 398 -23.24 -10.71 -12.32
CA MET D 398 -23.43 -9.70 -11.28
C MET D 398 -23.96 -10.41 -10.02
N SER D 399 -25.04 -11.18 -10.18
CA SER D 399 -25.59 -11.94 -9.05
C SER D 399 -24.50 -12.81 -8.44
N ALA D 400 -23.57 -13.29 -9.26
CA ALA D 400 -22.51 -14.13 -8.76
C ALA D 400 -21.50 -13.34 -7.95
N VAL D 401 -21.14 -12.15 -8.42
CA VAL D 401 -20.15 -11.35 -7.70
C VAL D 401 -20.68 -11.11 -6.29
N VAL D 402 -21.92 -10.62 -6.24
CA VAL D 402 -22.63 -10.30 -5.01
C VAL D 402 -22.78 -11.52 -4.10
N GLY D 403 -23.41 -12.57 -4.63
CA GLY D 403 -23.60 -13.78 -3.86
C GLY D 403 -22.29 -14.47 -3.43
N ASP D 404 -21.24 -14.41 -4.23
CA ASP D 404 -19.99 -15.06 -3.85
C ASP D 404 -19.28 -14.23 -2.82
N HIS D 405 -19.17 -12.94 -3.10
CA HIS D 405 -18.47 -12.02 -2.21
C HIS D 405 -18.95 -12.00 -0.78
N ASN D 406 -20.27 -11.82 -0.64
CA ASN D 406 -20.97 -11.70 0.63
C ASN D 406 -21.36 -13.00 1.35
N VAL D 407 -21.79 -14.02 0.61
CA VAL D 407 -22.21 -15.26 1.26
C VAL D 407 -21.34 -16.50 1.05
N VAL D 408 -21.39 -17.06 -0.15
CA VAL D 408 -20.66 -18.28 -0.48
C VAL D 408 -19.21 -18.41 -0.06
N CYS D 409 -18.38 -17.48 -0.53
CA CYS D 409 -16.97 -17.57 -0.21
C CYS D 409 -16.73 -17.44 1.28
N PRO D 410 -17.44 -16.50 1.93
CA PRO D 410 -17.29 -16.32 3.37
C PRO D 410 -17.68 -17.63 4.07
N VAL D 411 -18.77 -18.24 3.59
CA VAL D 411 -19.22 -19.51 4.13
C VAL D 411 -18.13 -20.58 4.00
N ALA D 412 -17.57 -20.68 2.79
CA ALA D 412 -16.51 -21.64 2.51
C ALA D 412 -15.26 -21.30 3.35
N GLN D 413 -14.97 -20.02 3.48
CA GLN D 413 -13.83 -19.58 4.28
C GLN D 413 -14.00 -20.05 5.73
N LEU D 414 -15.25 -20.00 6.20
CA LEU D 414 -15.56 -20.40 7.55
C LEU D 414 -15.49 -21.90 7.68
N ALA D 415 -16.27 -22.60 6.86
CA ALA D 415 -16.30 -24.07 6.88
C ALA D 415 -14.91 -24.67 6.86
N GLY D 416 -14.05 -24.15 6.00
CA GLY D 416 -12.69 -24.64 5.91
C GLY D 416 -11.93 -24.36 7.20
N ARG D 417 -11.88 -23.09 7.57
CA ARG D 417 -11.19 -22.70 8.79
C ARG D 417 -11.72 -23.39 10.03
N LEU D 418 -13.00 -23.75 10.00
CA LEU D 418 -13.65 -24.42 11.11
C LEU D 418 -13.19 -25.85 11.20
N ALA D 419 -13.39 -26.57 10.10
CA ALA D 419 -12.98 -27.97 9.98
C ALA D 419 -11.51 -28.16 10.38
N ALA D 420 -10.66 -27.30 9.83
CA ALA D 420 -9.24 -27.34 10.10
C ALA D 420 -8.92 -27.08 11.56
N GLN D 421 -9.82 -26.40 12.24
CA GLN D 421 -9.62 -26.08 13.64
C GLN D 421 -10.10 -27.15 14.61
N GLY D 422 -10.78 -28.17 14.08
CA GLY D 422 -11.26 -29.25 14.94
C GLY D 422 -12.74 -29.49 14.79
N ALA D 423 -13.46 -28.53 14.23
CA ALA D 423 -14.90 -28.68 14.08
C ALA D 423 -15.31 -29.82 13.17
N ARG D 424 -16.56 -30.24 13.34
CA ARG D 424 -17.12 -31.30 12.52
C ARG D 424 -18.11 -30.53 11.70
N VAL D 425 -17.68 -30.11 10.52
CA VAL D 425 -18.54 -29.32 9.64
C VAL D 425 -19.28 -30.18 8.63
N TYR D 426 -20.45 -29.73 8.19
CA TYR D 426 -21.29 -30.39 7.17
C TYR D 426 -21.72 -29.26 6.28
N ALA D 427 -21.66 -29.44 4.97
CA ALA D 427 -22.06 -28.35 4.08
C ALA D 427 -23.16 -28.74 3.08
N TYR D 428 -23.80 -27.72 2.48
CA TYR D 428 -24.89 -27.96 1.53
C TYR D 428 -25.09 -26.78 0.59
N ILE D 429 -25.83 -27.03 -0.50
CA ILE D 429 -26.19 -26.01 -1.48
C ILE D 429 -27.66 -26.23 -1.75
N PHE D 430 -28.50 -25.34 -1.25
CA PHE D 430 -29.93 -25.49 -1.47
C PHE D 430 -30.17 -25.04 -2.91
N GLU D 431 -30.78 -25.92 -3.71
CA GLU D 431 -30.99 -25.61 -5.13
C GLU D 431 -32.43 -25.59 -5.64
N HIS D 432 -33.37 -26.05 -4.83
CA HIS D 432 -34.77 -26.06 -5.24
C HIS D 432 -35.49 -24.72 -5.20
N ARG D 433 -36.09 -24.35 -6.32
CA ARG D 433 -36.83 -23.11 -6.41
C ARG D 433 -38.28 -23.43 -6.16
N ALA D 434 -38.80 -22.92 -5.06
CA ALA D 434 -40.20 -23.14 -4.71
C ALA D 434 -41.11 -22.79 -5.90
N SER D 435 -42.13 -23.64 -6.12
CA SER D 435 -43.06 -23.42 -7.22
C SER D 435 -43.84 -22.13 -7.01
N THR D 436 -44.16 -21.90 -5.74
CA THR D 436 -44.90 -20.74 -5.26
C THR D 436 -44.16 -19.43 -5.44
N LEU D 437 -42.84 -19.50 -5.48
CA LEU D 437 -41.95 -18.34 -5.63
C LEU D 437 -42.53 -17.27 -6.57
N THR D 438 -42.64 -16.04 -6.07
CA THR D 438 -43.20 -14.91 -6.82
C THR D 438 -42.18 -13.98 -7.47
N TRP D 439 -40.90 -14.21 -7.18
CA TRP D 439 -39.86 -13.42 -7.80
C TRP D 439 -39.67 -14.01 -9.20
N PRO D 440 -39.12 -13.23 -10.15
CA PRO D 440 -38.91 -13.70 -11.51
C PRO D 440 -37.99 -14.90 -11.60
N LEU D 441 -38.07 -15.60 -12.72
CA LEU D 441 -37.25 -16.79 -12.95
C LEU D 441 -35.77 -16.47 -12.90
N TRP D 442 -35.41 -15.27 -13.34
CA TRP D 442 -34.02 -14.89 -13.37
C TRP D 442 -33.25 -14.86 -12.05
N MET D 443 -33.97 -14.82 -10.92
CA MET D 443 -33.29 -14.80 -9.63
C MET D 443 -33.07 -16.23 -9.10
N GLY D 444 -33.66 -17.20 -9.81
CA GLY D 444 -33.51 -18.60 -9.46
C GLY D 444 -33.93 -18.85 -8.03
N VAL D 445 -32.96 -19.26 -7.21
CA VAL D 445 -33.17 -19.53 -5.78
C VAL D 445 -32.47 -18.39 -5.00
N PRO D 446 -33.20 -17.30 -4.71
CA PRO D 446 -32.68 -16.13 -3.99
C PRO D 446 -32.36 -16.33 -2.53
N HIS D 447 -31.66 -15.35 -1.98
CA HIS D 447 -31.27 -15.35 -0.58
C HIS D 447 -32.49 -15.54 0.34
N GLY D 448 -32.46 -16.62 1.11
CA GLY D 448 -33.55 -16.89 2.05
C GLY D 448 -34.72 -17.75 1.63
N TYR D 449 -34.71 -18.30 0.44
CA TYR D 449 -35.84 -19.10 0.04
C TYR D 449 -35.72 -20.60 0.31
N GLU D 450 -35.02 -20.88 1.40
CA GLU D 450 -34.78 -22.22 1.89
C GLU D 450 -35.64 -22.42 3.13
N ILE D 451 -35.82 -21.32 3.86
CA ILE D 451 -36.54 -21.29 5.12
C ILE D 451 -37.84 -22.03 5.11
N GLU D 452 -38.71 -21.68 4.19
CA GLU D 452 -40.02 -22.30 4.08
C GLU D 452 -39.92 -23.82 4.18
N PHE D 453 -38.92 -24.37 3.52
CA PHE D 453 -38.71 -25.79 3.52
C PHE D 453 -38.19 -26.31 4.83
N ILE D 454 -37.15 -25.66 5.36
CA ILE D 454 -36.60 -26.09 6.64
C ILE D 454 -37.69 -26.04 7.71
N PHE D 455 -38.48 -24.98 7.71
CA PHE D 455 -39.55 -24.83 8.71
C PHE D 455 -40.75 -25.74 8.52
N GLY D 456 -40.90 -26.25 7.31
CA GLY D 456 -41.97 -27.18 7.04
C GLY D 456 -43.26 -26.64 6.48
N LEU D 457 -43.22 -25.44 5.93
CA LEU D 457 -44.43 -24.84 5.38
C LEU D 457 -45.16 -25.66 4.33
N PRO D 458 -44.43 -26.46 3.55
CA PRO D 458 -45.12 -27.24 2.53
C PRO D 458 -46.08 -28.28 3.08
N LEU D 459 -45.91 -28.63 4.37
CA LEU D 459 -46.76 -29.63 4.99
C LEU D 459 -48.20 -29.13 5.11
N ASP D 460 -48.36 -27.82 5.09
CA ASP D 460 -49.67 -27.19 5.15
C ASP D 460 -50.30 -27.37 3.78
N PRO D 461 -51.44 -28.08 3.73
CA PRO D 461 -52.24 -28.38 2.53
C PRO D 461 -52.87 -27.17 1.87
N SER D 462 -53.30 -26.21 2.69
CA SER D 462 -53.92 -24.98 2.18
C SER D 462 -52.94 -24.25 1.27
N LEU D 463 -51.68 -24.20 1.68
CA LEU D 463 -50.60 -23.60 0.90
C LEU D 463 -50.45 -24.46 -0.36
N ASN D 464 -50.23 -23.81 -1.49
CA ASN D 464 -50.13 -24.53 -2.76
C ASN D 464 -48.75 -25.05 -3.13
N TYR D 465 -48.26 -26.02 -2.36
CA TYR D 465 -46.96 -26.64 -2.60
C TYR D 465 -47.19 -27.99 -3.28
N THR D 466 -46.24 -28.42 -4.10
CA THR D 466 -46.37 -29.71 -4.77
C THR D 466 -46.03 -30.80 -3.77
N THR D 467 -46.54 -31.99 -4.03
CA THR D 467 -46.31 -33.11 -3.15
C THR D 467 -44.83 -33.43 -2.88
N GLU D 468 -43.99 -33.29 -3.90
CA GLU D 468 -42.56 -33.57 -3.74
C GLU D 468 -41.94 -32.54 -2.82
N GLU D 469 -42.40 -31.30 -2.94
CA GLU D 469 -41.93 -30.22 -2.09
C GLU D 469 -42.20 -30.58 -0.64
N ARG D 470 -43.35 -31.22 -0.39
CA ARG D 470 -43.73 -31.66 0.95
C ARG D 470 -42.75 -32.73 1.44
N ILE D 471 -42.58 -33.77 0.63
CA ILE D 471 -41.67 -34.87 0.95
C ILE D 471 -40.27 -34.32 1.16
N PHE D 472 -39.92 -33.39 0.29
CA PHE D 472 -38.64 -32.70 0.31
C PHE D 472 -38.50 -32.02 1.66
N ALA D 473 -39.50 -31.22 2.01
CA ALA D 473 -39.52 -30.48 3.28
C ALA D 473 -39.29 -31.41 4.46
N GLN D 474 -39.99 -32.55 4.45
CA GLN D 474 -39.89 -33.54 5.51
C GLN D 474 -38.47 -34.03 5.61
N ARG D 475 -37.87 -34.24 4.45
CA ARG D 475 -36.50 -34.71 4.33
C ARG D 475 -35.58 -33.70 5.00
N LEU D 476 -35.78 -32.43 4.65
CA LEU D 476 -35.00 -31.34 5.20
C LEU D 476 -35.16 -31.21 6.71
N MET D 477 -36.41 -31.26 7.17
CA MET D 477 -36.73 -31.16 8.58
C MET D 477 -36.00 -32.26 9.32
N LYS D 478 -35.93 -33.42 8.65
CA LYS D 478 -35.25 -34.58 9.19
C LYS D 478 -33.75 -34.31 9.36
N TYR D 479 -33.12 -33.75 8.34
CA TYR D 479 -31.69 -33.48 8.41
C TYR D 479 -31.38 -32.55 9.56
N TRP D 480 -32.17 -31.47 9.65
CA TRP D 480 -32.00 -30.46 10.70
C TRP D 480 -32.19 -31.02 12.09
N THR D 481 -33.33 -31.66 12.31
CA THR D 481 -33.61 -32.27 13.60
C THR D 481 -32.63 -33.38 13.93
N ASN D 482 -32.16 -34.10 12.92
CA ASN D 482 -31.18 -35.15 13.12
C ASN D 482 -29.86 -34.52 13.52
N PHE D 483 -29.49 -33.43 12.85
CA PHE D 483 -28.28 -32.71 13.21
C PHE D 483 -28.48 -32.19 14.63
N ALA D 484 -29.71 -31.76 14.93
CA ALA D 484 -30.06 -31.22 16.25
C ALA D 484 -29.84 -32.24 17.36
N ARG D 485 -30.39 -33.44 17.16
CA ARG D 485 -30.32 -34.56 18.09
C ARG D 485 -28.89 -35.09 18.28
N THR D 486 -28.42 -35.70 17.19
CA THR D 486 -27.13 -36.37 17.08
C THR D 486 -25.92 -35.47 16.84
N GLY D 487 -26.04 -34.62 15.82
CA GLY D 487 -24.94 -33.76 15.43
C GLY D 487 -24.42 -34.39 14.16
N ASP D 488 -25.36 -34.98 13.42
CA ASP D 488 -25.12 -35.72 12.18
C ASP D 488 -26.51 -35.79 11.51
N PRO D 489 -26.69 -35.02 10.43
CA PRO D 489 -27.93 -34.93 9.68
C PRO D 489 -28.40 -36.21 9.03
N ASN D 490 -27.61 -37.27 9.20
CA ASN D 490 -27.89 -38.56 8.57
C ASN D 490 -28.91 -39.45 9.23
N ASP D 491 -29.71 -40.12 8.37
CA ASP D 491 -30.73 -41.08 8.80
C ASP D 491 -30.04 -41.91 9.87
N PRO D 492 -30.41 -41.64 11.15
CA PRO D 492 -29.97 -42.17 12.45
C PRO D 492 -29.21 -43.47 12.29
N ARG D 493 -30.01 -44.49 12.04
CA ARG D 493 -29.56 -45.84 11.82
C ARG D 493 -29.92 -46.11 10.37
N ASP D 494 -31.24 -46.06 10.11
CA ASP D 494 -31.86 -46.29 8.81
C ASP D 494 -31.08 -45.72 7.61
N ARG D 495 -30.03 -46.45 7.20
CA ARG D 495 -29.14 -46.11 6.07
C ARG D 495 -29.90 -45.95 4.75
N LYS D 496 -30.92 -45.08 4.74
CA LYS D 496 -31.78 -44.79 3.59
C LYS D 496 -31.01 -45.10 2.29
N SER D 497 -30.01 -44.29 1.99
CA SER D 497 -29.17 -44.53 0.83
C SER D 497 -28.08 -43.47 0.77
N PRO D 498 -28.37 -42.25 0.26
CA PRO D 498 -27.27 -41.27 0.22
C PRO D 498 -26.84 -40.79 1.60
N GLN D 499 -25.53 -40.70 1.79
CA GLN D 499 -24.93 -40.26 3.04
C GLN D 499 -24.34 -38.86 2.88
N TRP D 500 -24.46 -38.05 3.92
CA TRP D 500 -23.92 -36.69 3.90
C TRP D 500 -22.63 -36.69 4.70
N PRO D 501 -21.50 -36.57 3.99
CA PRO D 501 -20.13 -36.55 4.52
C PRO D 501 -19.70 -35.21 5.07
N PRO D 502 -18.87 -35.26 6.11
CA PRO D 502 -18.38 -34.04 6.71
C PRO D 502 -17.51 -33.26 5.75
N TYR D 503 -17.74 -31.96 5.65
CA TYR D 503 -16.90 -31.12 4.79
C TYR D 503 -15.52 -31.15 5.47
N THR D 504 -14.49 -31.43 4.69
CA THR D 504 -13.11 -31.51 5.18
C THR D 504 -12.18 -30.62 4.36
N THR D 505 -11.04 -30.24 4.92
CA THR D 505 -10.12 -29.39 4.14
C THR D 505 -9.64 -30.12 2.90
N ALA D 506 -9.23 -31.37 3.11
CA ALA D 506 -8.73 -32.21 2.04
C ALA D 506 -9.80 -32.53 1.00
N ALA D 507 -10.86 -33.19 1.45
CA ALA D 507 -11.98 -33.61 0.59
C ALA D 507 -12.86 -32.48 0.09
N GLN D 508 -13.27 -31.59 0.99
CA GLN D 508 -14.11 -30.44 0.67
C GLN D 508 -15.48 -30.88 0.17
N GLN D 509 -16.15 -31.69 0.97
CA GLN D 509 -17.46 -32.20 0.57
C GLN D 509 -18.71 -31.50 1.06
N TYR D 510 -19.61 -31.27 0.12
CA TYR D 510 -20.87 -30.64 0.40
C TYR D 510 -21.93 -31.40 -0.38
N VAL D 511 -23.20 -31.14 -0.09
CA VAL D 511 -24.26 -31.86 -0.79
C VAL D 511 -25.30 -31.01 -1.51
N SER D 512 -25.91 -31.64 -2.50
CA SER D 512 -26.95 -31.06 -3.32
C SER D 512 -28.28 -31.22 -2.62
N LEU D 513 -28.69 -30.15 -1.96
CA LEU D 513 -29.96 -30.13 -1.24
C LEU D 513 -31.05 -29.75 -2.23
N ASN D 514 -31.76 -30.76 -2.74
CA ASN D 514 -32.83 -30.51 -3.70
C ASN D 514 -33.65 -31.76 -3.94
N LEU D 515 -34.67 -31.64 -4.78
CA LEU D 515 -35.60 -32.72 -5.12
C LEU D 515 -34.99 -34.11 -5.34
N LYS D 516 -33.90 -34.17 -6.11
CA LYS D 516 -33.21 -35.42 -6.38
C LYS D 516 -32.40 -35.71 -5.14
N PRO D 517 -32.37 -36.98 -4.70
CA PRO D 517 -31.65 -37.44 -3.52
C PRO D 517 -30.29 -36.78 -3.36
N LEU D 518 -29.75 -36.86 -2.15
CA LEU D 518 -28.44 -36.28 -1.89
C LEU D 518 -27.46 -36.63 -3.00
N GLU D 519 -26.57 -35.70 -3.29
CA GLU D 519 -25.59 -35.92 -4.33
C GLU D 519 -24.32 -35.18 -3.93
N VAL D 520 -23.42 -35.87 -3.25
CA VAL D 520 -22.16 -35.27 -2.80
C VAL D 520 -21.31 -34.61 -3.88
N ARG D 521 -20.74 -33.46 -3.56
CA ARG D 521 -19.87 -32.74 -4.47
C ARG D 521 -18.65 -32.26 -3.73
N ARG D 522 -17.67 -31.84 -4.50
CA ARG D 522 -16.42 -31.36 -3.91
C ARG D 522 -16.07 -29.96 -4.40
N GLY D 523 -15.61 -29.14 -3.47
CA GLY D 523 -15.23 -27.78 -3.78
C GLY D 523 -16.36 -26.79 -3.95
N LEU D 524 -16.51 -25.95 -2.93
CA LEU D 524 -17.52 -24.91 -2.95
C LEU D 524 -16.89 -23.74 -3.70
N ARG D 525 -17.23 -23.60 -4.99
CA ARG D 525 -16.68 -22.55 -5.84
C ARG D 525 -15.19 -22.39 -5.59
N ALA D 526 -14.56 -23.53 -5.27
CA ALA D 526 -13.15 -23.62 -4.92
C ALA D 526 -12.25 -22.62 -5.61
N GLN D 527 -12.43 -22.54 -6.93
CA GLN D 527 -11.63 -21.66 -7.75
C GLN D 527 -11.92 -20.20 -7.43
N THR D 528 -13.17 -19.84 -7.59
CA THR D 528 -13.65 -18.48 -7.37
C THR D 528 -13.34 -18.01 -5.95
N CYS D 529 -13.71 -18.84 -4.97
CA CYS D 529 -13.51 -18.48 -3.58
C CYS D 529 -12.08 -18.32 -3.18
N ALA D 530 -11.16 -18.93 -3.92
CA ALA D 530 -9.75 -18.79 -3.62
C ALA D 530 -9.39 -17.37 -4.01
N PHE D 531 -10.10 -16.85 -5.01
CA PHE D 531 -9.89 -15.49 -5.51
C PHE D 531 -10.22 -14.51 -4.39
N TRP D 532 -11.47 -14.62 -3.94
CA TRP D 532 -12.04 -13.80 -2.88
C TRP D 532 -11.33 -13.96 -1.55
N ASN D 533 -11.26 -15.19 -1.05
CA ASN D 533 -10.63 -15.43 0.26
C ASN D 533 -9.12 -15.33 0.36
N ARG D 534 -8.40 -15.60 -0.72
CA ARG D 534 -6.93 -15.57 -0.69
C ARG D 534 -6.25 -14.38 -1.31
N PHE D 535 -6.54 -14.15 -2.58
CA PHE D 535 -5.89 -13.11 -3.35
C PHE D 535 -6.45 -11.71 -3.17
N LEU D 536 -7.71 -11.53 -3.57
CA LEU D 536 -8.40 -10.25 -3.52
C LEU D 536 -8.06 -9.41 -2.28
N PRO D 537 -8.01 -10.06 -1.10
CA PRO D 537 -7.68 -9.39 0.14
C PRO D 537 -6.35 -8.68 0.07
N LYS D 538 -5.31 -9.38 -0.37
CA LYS D 538 -4.02 -8.74 -0.46
C LYS D 538 -3.98 -7.74 -1.58
N LEU D 539 -4.89 -7.88 -2.53
CA LEU D 539 -4.91 -6.95 -3.63
C LEU D 539 -5.37 -5.64 -3.03
N LEU D 540 -6.37 -5.75 -2.17
CA LEU D 540 -6.95 -4.60 -1.46
C LEU D 540 -6.00 -3.95 -0.47
N SER D 541 -5.31 -4.77 0.31
CA SER D 541 -4.37 -4.26 1.31
C SER D 541 -3.02 -3.79 0.74
N ALA D 542 -3.00 -3.59 -0.58
CA ALA D 542 -1.80 -3.12 -1.28
C ALA D 542 -2.16 -1.77 -1.88
N THR D 543 -3.38 -1.74 -2.42
CA THR D 543 -3.97 -0.56 -3.03
C THR D 543 -4.57 0.35 -1.93
N ASP D 544 -3.68 1.16 -1.33
CA ASP D 544 -4.01 2.09 -0.24
C ASP D 544 -2.75 2.88 0.14
#